data_6K35
#
_entry.id   6K35
#
_cell.length_a   62.340
_cell.length_b   145.040
_cell.length_c   88.680
_cell.angle_alpha   90.00
_cell.angle_beta   109.66
_cell.angle_gamma   90.00
#
_symmetry.space_group_name_H-M   'P 1 21 1'
#
loop_
_entity.id
_entity.type
_entity.pdbx_description
1 polymer 'Beta-N-acetylglucosaminidase Nag2'
2 non-polymer 3AR,5R,6S,7R,7AR-5-HYDROXYMETHYL-2-METHYL-5,6,7,7A-TETRAHYDRO-3AH-PYRANO[3,2-D]THIAZOLE-6,7-DIOL
3 water water
#
_entity_poly.entity_id   1
_entity_poly.type   'polypeptide(L)'
_entity_poly.pdbx_seq_one_letter_code
;MGGSEYRVDLVVLSEQKQNCRFGLTFHNLSDQDLNSWGLTFAFDRYILPDSVSNGQLTQIGSFCTLKPEGIVLAANHHYY
CEFSIGSNPFRYYSDGFNEAMIDFVVDGQPQRAQVDVTPIVLASPYRERSDIPASLTHAQPLLPKPNHIEVSDHSFTFDE
QAGVAIYTDLANSAKAWLLEELQRIHQFTLSSSNSGKIIFKSNPTLDEGAYKLKVSEESIKIEAGSSSGFTHACATLLQL
LKRDEATKTMEAVCCSIIDSPRFRYRGMMLDCARHFHSVEQVKRLINLLAHYKLNTFHWHLTDDEGWRVEIKSLPQLTEI
GAWRGIDETIEPQYTHLSQRYGGFYTQEEIRDVIAFAEQRGITIIPEIDVPGHCRAAIKSLPHLLIEAEDTTEYRSIQHY
NDNVINPALPGSYEFIDKVLEEIAALFPAPYVHIGADEVPNGVWSKSPACQALMEQLGYTDYKELQGHFLRHAEDKLRKL
GKRMLGWEEAQHGNKVSKDTVIYSWLSEEAALNCARQGFDVVLQPAQTTYLDMTQDYAPEEPGVDWANPLPLEKAYNYEP
LAEVPADDPIRKRIWGIQTALWCEIINNPSRMDYMIFPRLTAMAEACWTEKQHRDWTDYLSRLKGHLPLLDLQGVNYRKP
WKRSRSHHHHHH
;
_entity_poly.pdbx_strand_id   A,B
#
loop_
_chem_comp.id
_chem_comp.type
_chem_comp.name
_chem_comp.formula
NGT non-polymer 3AR,5R,6S,7R,7AR-5-HYDROXYMETHYL-2-METHYL-5,6,7,7A-TETRAHYDRO-3AH-PYRANO[3,2-D]THIAZOLE-6,7-DIOL 'C8 H13 N O4 S'
#
# COMPACT_ATOMS: atom_id res chain seq x y z
N GLY A 3 -20.79 -20.74 -11.84
CA GLY A 3 -19.87 -20.91 -10.73
C GLY A 3 -19.71 -22.34 -10.22
N SER A 4 -20.13 -22.58 -8.96
CA SER A 4 -20.15 -23.89 -8.31
C SER A 4 -21.12 -24.81 -9.05
N GLU A 5 -20.90 -26.11 -8.88
CA GLU A 5 -21.82 -27.12 -9.39
C GLU A 5 -23.04 -27.30 -8.50
N TYR A 6 -23.06 -26.69 -7.34
CA TYR A 6 -24.14 -26.84 -6.38
C TYR A 6 -24.69 -25.47 -6.13
N ARG A 7 -26.01 -25.31 -6.35
CA ARG A 7 -26.65 -24.01 -6.24
C ARG A 7 -27.96 -24.12 -5.49
N VAL A 8 -28.20 -23.17 -4.58
CA VAL A 8 -29.42 -23.12 -3.81
C VAL A 8 -30.15 -21.81 -4.11
N ASP A 9 -31.43 -21.92 -4.45
CA ASP A 9 -32.29 -20.80 -4.75
C ASP A 9 -33.34 -20.68 -3.67
N LEU A 10 -33.48 -19.48 -3.09
CA LEU A 10 -34.45 -19.19 -2.05
C LEU A 10 -35.39 -18.12 -2.58
N VAL A 11 -36.67 -18.24 -2.25
CA VAL A 11 -37.70 -17.40 -2.83
C VAL A 11 -38.73 -17.09 -1.77
N VAL A 12 -39.10 -15.83 -1.66
CA VAL A 12 -40.25 -15.49 -0.83
C VAL A 12 -41.50 -15.88 -1.62
N LEU A 13 -42.18 -16.96 -1.18
CA LEU A 13 -43.40 -17.38 -1.86
C LEU A 13 -44.56 -16.47 -1.50
N SER A 14 -44.71 -16.15 -0.21
CA SER A 14 -45.87 -15.42 0.23
C SER A 14 -45.61 -14.78 1.57
N GLU A 15 -46.36 -13.72 1.88
CA GLU A 15 -46.23 -13.04 3.18
C GLU A 15 -47.61 -12.73 3.74
N GLN A 16 -47.96 -13.40 4.83
CA GLN A 16 -49.13 -13.09 5.64
C GLN A 16 -48.62 -12.66 7.00
N LYS A 17 -49.32 -11.75 7.66
CA LYS A 17 -48.74 -10.98 8.76
C LYS A 17 -48.00 -11.86 9.76
N GLN A 18 -46.69 -11.62 9.88
CA GLN A 18 -45.77 -12.41 10.70
C GLN A 18 -45.65 -13.86 10.20
N ASN A 19 -46.07 -14.19 8.98
CA ASN A 19 -46.01 -15.58 8.54
C ASN A 19 -45.57 -15.61 7.08
N CYS A 20 -44.27 -15.80 6.89
CA CYS A 20 -43.67 -15.83 5.57
C CYS A 20 -43.31 -17.25 5.21
N ARG A 21 -43.76 -17.65 4.03
CA ARG A 21 -43.43 -18.93 3.41
C ARG A 21 -42.35 -18.73 2.37
N PHE A 22 -41.33 -19.60 2.39
CA PHE A 22 -40.22 -19.58 1.46
C PHE A 22 -40.16 -20.91 0.75
N GLY A 23 -39.75 -20.88 -0.51
CA GLY A 23 -39.34 -22.06 -1.24
C GLY A 23 -37.82 -22.12 -1.38
N LEU A 24 -37.29 -23.31 -1.11
CA LEU A 24 -35.87 -23.60 -1.24
C LEU A 24 -35.63 -24.71 -2.26
N THR A 25 -34.94 -24.37 -3.35
CA THR A 25 -34.56 -25.31 -4.41
C THR A 25 -33.06 -25.53 -4.40
N PHE A 26 -32.64 -26.78 -4.20
CA PHE A 26 -31.23 -27.12 -4.27
C PHE A 26 -30.89 -27.85 -5.56
N HIS A 27 -29.98 -27.28 -6.34
CA HIS A 27 -29.63 -27.84 -7.64
C HIS A 27 -28.31 -28.61 -7.59
N ASN A 28 -28.38 -29.90 -7.86
CA ASN A 28 -27.20 -30.66 -8.24
C ASN A 28 -26.93 -30.46 -9.73
N LEU A 29 -26.14 -29.45 -10.05
CA LEU A 29 -25.84 -29.09 -11.42
C LEU A 29 -24.86 -30.03 -12.09
N SER A 30 -24.10 -30.79 -11.31
CA SER A 30 -23.05 -31.59 -11.88
C SER A 30 -23.54 -32.89 -12.47
N ASP A 31 -22.59 -33.80 -12.73
CA ASP A 31 -22.83 -35.00 -13.50
C ASP A 31 -23.05 -36.24 -12.62
N GLN A 32 -22.83 -36.12 -11.31
CA GLN A 32 -22.85 -37.27 -10.39
C GLN A 32 -24.15 -37.30 -9.61
N ASP A 33 -24.62 -38.51 -9.36
CA ASP A 33 -25.63 -38.72 -8.34
C ASP A 33 -25.01 -38.40 -6.98
N LEU A 34 -25.77 -37.70 -6.14
CA LEU A 34 -25.29 -37.32 -4.81
C LEU A 34 -25.91 -38.29 -3.82
N ASN A 35 -25.07 -39.01 -3.08
CA ASN A 35 -25.55 -40.00 -2.14
C ASN A 35 -25.44 -39.47 -0.73
N SER A 36 -26.32 -40.01 0.12
CA SER A 36 -26.53 -39.54 1.49
C SER A 36 -25.94 -38.15 1.69
N TRP A 37 -26.66 -37.14 1.21
CA TRP A 37 -26.18 -35.78 1.24
C TRP A 37 -26.98 -34.95 2.23
N GLY A 38 -26.45 -33.77 2.54
CA GLY A 38 -27.13 -32.86 3.43
C GLY A 38 -26.65 -31.43 3.23
N LEU A 39 -27.61 -30.50 3.20
CA LEU A 39 -27.33 -29.09 2.96
C LEU A 39 -27.18 -28.40 4.31
N THR A 40 -26.17 -27.54 4.42
CA THR A 40 -26.07 -26.70 5.62
C THR A 40 -25.84 -25.25 5.21
N PHE A 41 -26.55 -24.33 5.84
CA PHE A 41 -26.46 -22.91 5.50
C PHE A 41 -26.57 -22.06 6.78
N ALA A 42 -26.52 -20.75 6.58
CA ALA A 42 -26.56 -19.78 7.66
C ALA A 42 -27.72 -18.83 7.38
N PHE A 43 -28.64 -18.78 8.32
CA PHE A 43 -29.92 -18.09 8.21
C PHE A 43 -30.16 -17.59 9.61
N ASP A 44 -30.57 -16.33 9.76
CA ASP A 44 -30.67 -15.71 11.07
C ASP A 44 -32.12 -15.58 11.52
N ARG A 45 -33.04 -16.20 10.79
CA ARG A 45 -34.43 -16.32 11.16
C ARG A 45 -34.67 -17.72 11.69
N TYR A 46 -35.67 -17.85 12.55
CA TYR A 46 -36.00 -19.14 13.14
C TYR A 46 -37.02 -19.88 12.28
N ILE A 47 -36.60 -20.99 11.68
CA ILE A 47 -37.46 -21.71 10.75
C ILE A 47 -38.44 -22.55 11.56
N LEU A 48 -39.72 -22.38 11.32
CA LEU A 48 -40.74 -23.00 12.17
C LEU A 48 -40.63 -24.48 11.92
N PRO A 49 -40.26 -25.28 12.90
CA PRO A 49 -39.95 -26.69 12.58
C PRO A 49 -41.12 -27.49 12.03
N ASP A 50 -42.38 -27.22 12.45
CA ASP A 50 -43.53 -27.95 11.92
C ASP A 50 -44.03 -27.41 10.60
N SER A 51 -43.37 -26.40 10.04
CA SER A 51 -43.72 -25.86 8.73
C SER A 51 -42.97 -26.54 7.60
N VAL A 52 -41.93 -27.30 7.92
CA VAL A 52 -41.02 -27.74 6.89
C VAL A 52 -41.74 -28.75 6.04
N SER A 53 -41.65 -28.57 4.73
CA SER A 53 -42.48 -29.35 3.82
C SER A 53 -41.89 -30.72 3.58
N ASN A 54 -40.59 -30.82 3.42
CA ASN A 54 -39.96 -32.00 2.85
C ASN A 54 -38.55 -32.12 3.43
N GLY A 55 -38.42 -32.91 4.47
CA GLY A 55 -37.12 -33.34 4.95
C GLY A 55 -36.89 -32.89 6.37
N GLN A 56 -35.67 -33.16 6.83
CA GLN A 56 -35.32 -32.95 8.22
C GLN A 56 -34.42 -31.73 8.33
N LEU A 57 -34.80 -30.78 9.17
CA LEU A 57 -34.06 -29.54 9.30
C LEU A 57 -33.76 -29.26 10.76
N THR A 58 -32.54 -28.84 11.01
CA THR A 58 -31.96 -28.62 12.33
C THR A 58 -31.38 -27.20 12.37
N GLN A 59 -31.60 -26.47 13.45
CA GLN A 59 -31.14 -25.09 13.54
C GLN A 59 -30.57 -24.83 14.92
N ILE A 60 -29.34 -24.33 14.95
CA ILE A 60 -28.62 -24.01 16.17
C ILE A 60 -28.12 -22.61 15.95
N GLY A 61 -28.80 -21.62 16.50
CA GLY A 61 -28.52 -20.26 16.11
C GLY A 61 -28.75 -20.04 14.63
N SER A 62 -27.71 -19.60 13.90
CA SER A 62 -27.85 -19.44 12.45
C SER A 62 -27.54 -20.73 11.69
N PHE A 63 -27.03 -21.76 12.35
CA PHE A 63 -26.54 -22.96 11.69
C PHE A 63 -27.65 -23.95 11.41
N CYS A 64 -28.00 -24.09 10.14
CA CYS A 64 -29.06 -24.99 9.71
C CYS A 64 -28.45 -26.14 8.95
N THR A 65 -29.02 -27.32 9.12
CA THR A 65 -28.77 -28.40 8.17
C THR A 65 -30.10 -28.95 7.68
N LEU A 66 -30.17 -29.11 6.37
CA LEU A 66 -31.28 -29.75 5.68
C LEU A 66 -30.79 -31.09 5.16
N LYS A 67 -31.46 -32.16 5.56
CA LYS A 67 -31.16 -33.46 5.01
C LYS A 67 -32.40 -34.04 4.36
N PRO A 68 -32.31 -34.53 3.13
CA PRO A 68 -33.51 -34.95 2.40
C PRO A 68 -34.11 -36.23 2.96
N GLU A 69 -35.43 -36.34 2.84
CA GLU A 69 -36.09 -37.61 3.22
C GLU A 69 -35.50 -38.79 2.42
N GLY A 70 -35.24 -38.60 1.13
CA GLY A 70 -34.67 -39.62 0.28
C GLY A 70 -33.20 -39.81 0.60
N ILE A 71 -32.48 -40.52 -0.27
CA ILE A 71 -31.06 -40.70 -0.06
C ILE A 71 -30.21 -40.43 -1.30
N VAL A 72 -30.79 -40.03 -2.43
CA VAL A 72 -29.96 -39.74 -3.60
C VAL A 72 -30.51 -38.55 -4.36
N LEU A 73 -29.64 -37.67 -4.81
CA LEU A 73 -30.06 -36.53 -5.63
C LEU A 73 -29.46 -36.76 -6.99
N ALA A 74 -30.30 -36.95 -7.98
CA ALA A 74 -29.83 -37.33 -9.29
C ALA A 74 -29.07 -36.17 -9.90
N ALA A 75 -28.07 -36.50 -10.72
CA ALA A 75 -27.36 -35.51 -11.51
C ALA A 75 -28.37 -34.67 -12.27
N ASN A 76 -28.09 -33.37 -12.35
CA ASN A 76 -28.87 -32.44 -13.15
C ASN A 76 -30.26 -32.27 -12.60
N HIS A 77 -30.59 -32.85 -11.47
CA HIS A 77 -31.88 -32.61 -10.86
C HIS A 77 -31.71 -31.69 -9.64
N HIS A 78 -32.74 -31.66 -8.80
CA HIS A 78 -32.71 -30.82 -7.60
C HIS A 78 -33.68 -31.34 -6.55
N TYR A 79 -33.53 -30.78 -5.35
CA TYR A 79 -34.37 -31.00 -4.19
C TYR A 79 -35.23 -29.77 -3.97
N TYR A 80 -36.46 -29.97 -3.50
CA TYR A 80 -37.29 -28.82 -3.17
C TYR A 80 -37.91 -28.95 -1.79
N CYS A 81 -37.90 -27.85 -1.06
CA CYS A 81 -38.33 -27.79 0.32
C CYS A 81 -38.92 -26.43 0.61
N GLU A 82 -40.02 -26.45 1.31
CA GLU A 82 -40.67 -25.22 1.74
C GLU A 82 -40.66 -25.12 3.27
N PHE A 83 -40.64 -23.88 3.76
CA PHE A 83 -40.68 -23.63 5.20
C PHE A 83 -41.18 -22.22 5.48
N SER A 84 -41.52 -22.01 6.74
CA SER A 84 -42.09 -20.74 7.15
C SER A 84 -41.30 -20.22 8.33
N ILE A 85 -41.37 -18.90 8.52
CA ILE A 85 -40.85 -18.22 9.71
C ILE A 85 -41.90 -17.20 10.18
N GLY A 86 -41.86 -16.86 11.47
CA GLY A 86 -42.48 -15.64 11.94
C GLY A 86 -41.56 -14.42 11.83
N SER A 87 -41.90 -13.47 10.96
CA SER A 87 -41.09 -12.26 10.83
C SER A 87 -41.73 -11.34 9.82
N ASN A 88 -41.38 -10.06 9.91
CA ASN A 88 -41.80 -9.06 8.94
C ASN A 88 -41.16 -9.35 7.58
N PRO A 89 -41.71 -8.79 6.51
CA PRO A 89 -41.20 -9.09 5.16
C PRO A 89 -39.73 -8.75 5.03
N PHE A 90 -39.03 -9.57 4.27
CA PHE A 90 -37.62 -9.35 4.00
C PHE A 90 -37.47 -8.20 3.04
N ARG A 91 -36.75 -7.16 3.46
CA ARG A 91 -36.50 -6.04 2.58
C ARG A 91 -35.14 -6.12 1.88
N TYR A 92 -34.27 -7.04 2.26
CA TYR A 92 -32.91 -6.97 1.77
C TYR A 92 -32.37 -8.32 1.33
N TYR A 93 -31.53 -8.28 0.31
CA TYR A 93 -30.81 -9.48 -0.11
C TYR A 93 -29.99 -10.07 1.02
N SER A 94 -29.48 -9.20 1.92
CA SER A 94 -28.76 -9.67 3.11
C SER A 94 -29.63 -10.58 3.99
N ASP A 95 -30.95 -10.46 3.90
CA ASP A 95 -31.78 -11.28 4.77
C ASP A 95 -31.76 -12.74 4.35
N GLY A 96 -31.24 -13.02 3.14
CA GLY A 96 -31.10 -14.37 2.64
C GLY A 96 -29.94 -15.11 3.29
N PHE A 97 -29.74 -16.34 2.83
CA PHE A 97 -28.71 -17.20 3.38
C PHE A 97 -27.36 -16.53 3.17
N ASN A 98 -26.52 -16.55 4.19
CA ASN A 98 -25.22 -15.90 4.02
C ASN A 98 -24.22 -16.82 3.37
N GLU A 99 -24.37 -18.12 3.57
CA GLU A 99 -23.39 -19.09 3.12
C GLU A 99 -24.11 -20.42 3.01
N ALA A 100 -23.77 -21.20 1.99
CA ALA A 100 -24.31 -22.55 1.86
C ALA A 100 -23.18 -23.52 1.56
N MET A 101 -23.37 -24.75 2.01
CA MET A 101 -22.38 -25.78 1.74
C MET A 101 -23.06 -27.14 1.84
N ILE A 102 -22.44 -28.12 1.15
CA ILE A 102 -22.99 -29.44 0.99
C ILE A 102 -21.97 -30.50 1.38
N ASP A 103 -22.44 -31.47 2.16
CA ASP A 103 -21.71 -32.68 2.49
C ASP A 103 -22.33 -33.81 1.69
N PHE A 104 -21.52 -34.70 1.14
CA PHE A 104 -22.12 -35.82 0.41
C PHE A 104 -21.15 -36.96 0.18
N VAL A 105 -21.66 -37.98 -0.53
CA VAL A 105 -20.88 -39.15 -0.90
C VAL A 105 -21.12 -39.48 -2.36
N VAL A 106 -20.05 -39.87 -3.03
CA VAL A 106 -20.05 -40.07 -4.48
C VAL A 106 -19.33 -41.37 -4.76
N ASP A 107 -19.94 -42.23 -5.57
CA ASP A 107 -19.39 -43.57 -5.81
C ASP A 107 -18.59 -44.05 -4.59
N GLY A 108 -19.10 -43.75 -3.38
CA GLY A 108 -18.52 -44.29 -2.17
C GLY A 108 -17.61 -43.35 -1.42
N GLN A 109 -17.33 -42.16 -1.93
CA GLN A 109 -16.32 -41.33 -1.31
C GLN A 109 -16.92 -40.09 -0.65
N PRO A 110 -16.69 -39.87 0.65
CA PRO A 110 -17.09 -38.61 1.27
C PRO A 110 -16.46 -37.41 0.57
N GLN A 111 -17.19 -36.30 0.59
CA GLN A 111 -16.81 -35.09 -0.13
C GLN A 111 -17.54 -33.93 0.53
N ARG A 112 -17.08 -32.72 0.19
CA ARG A 112 -17.69 -31.49 0.65
C ARG A 112 -17.50 -30.41 -0.41
N ALA A 113 -18.51 -29.57 -0.62
CA ALA A 113 -18.39 -28.57 -1.66
C ALA A 113 -19.15 -27.33 -1.28
N GLN A 114 -18.61 -26.20 -1.72
CA GLN A 114 -19.26 -24.93 -1.55
C GLN A 114 -20.47 -24.90 -2.47
N VAL A 115 -21.55 -24.34 -1.94
CA VAL A 115 -22.79 -24.15 -2.68
C VAL A 115 -22.95 -22.68 -3.04
N ASP A 116 -23.22 -22.43 -4.29
CA ASP A 116 -23.57 -21.08 -4.69
C ASP A 116 -24.93 -20.72 -4.08
N VAL A 117 -25.01 -19.56 -3.45
CA VAL A 117 -26.28 -19.08 -2.92
C VAL A 117 -26.80 -17.97 -3.82
N THR A 118 -27.87 -18.24 -4.52
CA THR A 118 -28.48 -17.20 -5.31
C THR A 118 -29.09 -16.15 -4.40
N PRO A 119 -29.01 -14.86 -4.76
CA PRO A 119 -29.71 -13.83 -3.98
C PRO A 119 -31.17 -14.19 -3.84
N ILE A 120 -31.69 -14.07 -2.63
CA ILE A 120 -33.09 -14.36 -2.36
C ILE A 120 -33.95 -13.56 -3.32
N VAL A 121 -34.98 -14.19 -3.86
CA VAL A 121 -35.94 -13.46 -4.68
C VAL A 121 -36.95 -12.85 -3.70
N LEU A 122 -36.91 -11.54 -3.57
CA LEU A 122 -37.74 -10.85 -2.61
C LEU A 122 -39.11 -10.57 -3.22
N ALA A 123 -40.11 -10.62 -2.37
CA ALA A 123 -41.45 -10.24 -2.76
C ALA A 123 -41.73 -8.77 -2.50
N SER A 124 -41.28 -8.19 -1.37
CA SER A 124 -41.64 -6.83 -1.01
C SER A 124 -40.44 -5.93 -0.79
N PRO A 125 -39.63 -5.71 -1.82
CA PRO A 125 -38.58 -4.70 -1.70
C PRO A 125 -39.21 -3.34 -1.46
N TYR A 126 -38.39 -2.39 -1.04
CA TYR A 126 -38.84 -1.04 -0.86
C TYR A 126 -38.80 -0.33 -2.20
N ARG A 127 -39.74 0.60 -2.37
CA ARG A 127 -39.69 1.52 -3.49
C ARG A 127 -38.93 2.80 -3.14
N GLU A 128 -39.06 3.32 -1.93
CA GLU A 128 -38.40 4.57 -1.58
C GLU A 128 -36.88 4.40 -1.60
N ARG A 129 -36.18 5.50 -1.84
CA ARG A 129 -34.73 5.60 -1.79
C ARG A 129 -34.36 6.85 -1.03
N SER A 130 -33.36 6.76 -0.15
CA SER A 130 -32.77 7.98 0.39
C SER A 130 -31.92 8.61 -0.69
N ASP A 131 -32.12 9.90 -0.92
CA ASP A 131 -31.32 10.68 -1.85
C ASP A 131 -30.52 11.71 -1.07
N ILE A 132 -29.25 11.85 -1.39
CA ILE A 132 -28.40 12.87 -0.77
C ILE A 132 -28.14 13.93 -1.82
N PRO A 133 -28.43 15.19 -1.55
CA PRO A 133 -28.25 16.23 -2.58
C PRO A 133 -26.78 16.44 -2.96
N ALA A 134 -26.60 16.92 -4.19
CA ALA A 134 -25.31 17.47 -4.61
C ALA A 134 -24.86 18.50 -3.60
N SER A 135 -23.55 18.58 -3.38
CA SER A 135 -23.02 19.44 -2.34
C SER A 135 -21.74 20.14 -2.75
N LEU A 136 -21.57 21.32 -2.19
CA LEU A 136 -20.31 22.03 -2.27
C LEU A 136 -19.29 21.31 -1.40
N THR A 137 -18.03 21.54 -1.71
CA THR A 137 -16.92 21.18 -0.85
C THR A 137 -16.65 22.34 0.09
N HIS A 138 -16.55 22.05 1.39
CA HIS A 138 -16.42 23.11 2.38
C HIS A 138 -14.94 23.45 2.61
N ALA A 139 -14.68 24.74 2.75
CA ALA A 139 -13.28 25.17 2.81
C ALA A 139 -12.56 24.53 4.00
N GLN A 140 -13.26 24.36 5.12
CA GLN A 140 -12.73 23.71 6.31
C GLN A 140 -13.51 22.43 6.54
N PRO A 141 -13.05 21.28 6.05
CA PRO A 141 -13.86 20.04 6.16
C PRO A 141 -13.64 19.37 7.51
N LEU A 142 -14.20 19.97 8.57
CA LEU A 142 -13.97 19.56 9.94
C LEU A 142 -15.12 18.75 10.49
N LEU A 143 -14.79 17.60 11.07
CA LEU A 143 -15.79 16.66 11.54
C LEU A 143 -15.28 16.02 12.82
N PRO A 144 -15.81 16.32 13.99
CA PRO A 144 -16.98 17.16 14.29
C PRO A 144 -16.76 18.66 14.10
N LYS A 145 -17.84 19.38 13.77
CA LYS A 145 -17.80 20.83 13.58
C LYS A 145 -17.33 21.53 14.86
N PRO A 146 -16.24 22.29 14.85
CA PRO A 146 -15.84 22.99 16.07
C PRO A 146 -16.95 23.92 16.48
N ASN A 147 -17.15 24.02 17.81
CA ASN A 147 -18.26 24.83 18.34
C ASN A 147 -17.99 26.32 18.21
N HIS A 148 -16.72 26.72 18.11
CA HIS A 148 -16.39 28.08 17.69
C HIS A 148 -15.26 28.11 16.68
N ILE A 149 -15.48 28.83 15.60
CA ILE A 149 -14.45 28.96 14.59
C ILE A 149 -14.68 30.25 13.84
N GLU A 150 -13.62 31.03 13.72
CA GLU A 150 -13.60 32.22 12.89
C GLU A 150 -12.51 31.96 11.87
N VAL A 151 -12.76 32.33 10.61
CA VAL A 151 -11.84 32.02 9.53
C VAL A 151 -11.47 33.31 8.83
N SER A 152 -10.18 33.50 8.61
CA SER A 152 -9.68 34.69 7.92
C SER A 152 -9.46 34.38 6.45
N ASP A 153 -9.36 35.47 5.68
CA ASP A 153 -9.18 35.38 4.23
C ASP A 153 -7.84 34.76 3.88
N HIS A 154 -6.83 34.88 4.74
CA HIS A 154 -5.48 34.49 4.38
C HIS A 154 -5.15 33.09 4.89
N SER A 155 -3.87 32.73 4.86
CA SER A 155 -3.44 31.37 5.15
C SER A 155 -1.98 31.33 5.58
N PHE A 156 -1.62 30.24 6.26
CA PHE A 156 -0.26 29.97 6.72
C PHE A 156 0.19 28.71 6.00
N THR A 157 1.22 28.84 5.16
CA THR A 157 1.87 27.74 4.47
C THR A 157 3.18 27.41 5.16
N PHE A 158 3.48 26.12 5.31
CA PHE A 158 4.70 25.70 5.99
C PHE A 158 5.19 24.36 5.45
N ASP A 159 6.42 24.00 5.81
CA ASP A 159 7.07 22.87 5.17
C ASP A 159 7.75 21.97 6.19
N GLU A 160 8.53 20.99 5.73
CA GLU A 160 8.95 19.94 6.66
C GLU A 160 9.98 20.43 7.69
N GLN A 161 10.58 21.60 7.49
CA GLN A 161 11.54 22.16 8.44
C GLN A 161 10.86 23.09 9.41
N ALA A 162 9.52 23.16 9.37
CA ALA A 162 8.77 24.13 10.17
C ALA A 162 8.98 23.92 11.68
N GLY A 163 9.08 22.67 12.12
CA GLY A 163 9.42 22.39 13.51
C GLY A 163 8.24 22.48 14.47
N VAL A 164 8.34 21.71 15.55
CA VAL A 164 7.26 21.56 16.51
C VAL A 164 7.79 21.84 17.90
N ALA A 165 7.19 22.80 18.57
CA ALA A 165 7.55 23.22 19.92
C ALA A 165 6.52 22.73 20.92
N ILE A 166 7.00 22.21 22.03
CA ILE A 166 6.14 21.74 23.11
C ILE A 166 6.65 22.27 24.46
N TYR A 167 5.86 23.12 25.10
CA TYR A 167 6.18 23.69 26.40
C TYR A 167 5.30 23.19 27.56
N THR A 168 4.69 21.99 27.44
CA THR A 168 4.06 21.32 28.57
C THR A 168 3.98 19.82 28.33
N ASP A 169 4.31 19.03 29.34
CA ASP A 169 4.31 17.59 29.10
C ASP A 169 2.91 17.00 29.03
N LEU A 170 1.85 17.75 29.38
CA LEU A 170 0.50 17.25 29.09
C LEU A 170 0.34 16.87 27.62
N ALA A 171 1.01 17.56 26.71
CA ALA A 171 0.69 17.45 25.29
C ALA A 171 1.63 16.54 24.53
N ASN A 172 2.48 15.79 25.24
CA ASN A 172 3.50 14.99 24.55
C ASN A 172 2.83 13.92 23.67
N SER A 173 1.81 13.26 24.20
CA SER A 173 1.10 12.21 23.45
C SER A 173 0.44 12.78 22.18
N ALA A 174 -0.31 13.86 22.34
CA ALA A 174 -0.93 14.49 21.19
C ALA A 174 0.10 14.79 20.12
N LYS A 175 1.21 15.44 20.50
CA LYS A 175 2.22 15.87 19.53
C LYS A 175 2.80 14.66 18.79
N ALA A 176 3.12 13.61 19.52
CA ALA A 176 3.65 12.41 18.87
C ALA A 176 2.58 11.72 18.03
N TRP A 177 1.30 11.87 18.41
CA TRP A 177 0.22 11.35 17.58
C TRP A 177 0.10 12.19 16.34
N LEU A 178 0.24 13.51 16.50
CA LEU A 178 0.19 14.38 15.33
C LEU A 178 1.30 14.04 14.36
N LEU A 179 2.54 13.93 14.87
CA LEU A 179 3.65 13.70 13.94
C LEU A 179 3.48 12.35 13.25
N GLU A 180 3.04 11.36 14.02
CA GLU A 180 2.87 10.01 13.48
C GLU A 180 1.85 10.03 12.34
N GLU A 181 0.78 10.79 12.52
CA GLU A 181 -0.29 10.77 11.53
C GLU A 181 0.11 11.57 10.30
N LEU A 182 0.72 12.73 10.51
CA LEU A 182 1.29 13.43 9.36
C LEU A 182 2.20 12.50 8.55
N GLN A 183 2.93 11.62 9.22
CA GLN A 183 3.83 10.75 8.49
C GLN A 183 3.05 9.64 7.78
N ARG A 184 2.19 8.95 8.52
CA ARG A 184 1.45 7.85 7.94
C ARG A 184 0.52 8.32 6.85
N ILE A 185 -0.18 9.42 7.07
CA ILE A 185 -1.17 9.83 6.09
C ILE A 185 -0.56 10.60 4.94
N HIS A 186 0.51 11.37 5.17
CA HIS A 186 0.95 12.32 4.17
C HIS A 186 2.44 12.24 3.82
N GLN A 187 3.19 11.27 4.38
CA GLN A 187 4.63 11.21 4.11
C GLN A 187 5.21 12.61 4.32
N PHE A 188 4.71 13.26 5.36
CA PHE A 188 5.09 14.60 5.78
C PHE A 188 5.74 14.49 7.15
N THR A 189 7.05 14.68 7.23
CA THR A 189 7.82 14.48 8.46
C THR A 189 8.08 15.82 9.11
N LEU A 190 7.53 16.03 10.31
CA LEU A 190 7.86 17.20 11.13
C LEU A 190 8.80 16.77 12.23
N SER A 191 9.70 17.66 12.61
CA SER A 191 10.67 17.40 13.65
C SER A 191 10.47 18.43 14.74
N SER A 192 10.93 18.08 15.93
CA SER A 192 10.70 18.93 17.08
C SER A 192 11.90 19.83 17.31
N SER A 193 11.65 21.13 17.44
CA SER A 193 12.64 22.16 17.67
C SER A 193 12.13 23.16 18.70
N ASN A 194 13.06 23.75 19.48
CA ASN A 194 12.67 24.75 20.46
C ASN A 194 11.94 25.93 19.82
N SER A 195 12.21 26.22 18.55
CA SER A 195 11.60 27.35 17.87
C SER A 195 10.70 26.91 16.72
N GLY A 196 9.84 25.92 16.97
CA GLY A 196 8.92 25.46 15.94
C GLY A 196 7.83 26.47 15.66
N LYS A 197 7.28 26.38 14.45
CA LYS A 197 6.14 27.21 14.05
C LYS A 197 4.80 26.62 14.45
N ILE A 198 4.80 25.39 14.96
CA ILE A 198 3.65 24.73 15.57
C ILE A 198 4.03 24.59 17.02
N ILE A 199 3.20 25.15 17.90
CA ILE A 199 3.54 25.34 19.30
C ILE A 199 2.44 24.75 20.19
N PHE A 200 2.83 23.81 21.05
CA PHE A 200 1.94 23.25 22.09
C PHE A 200 2.22 23.95 23.42
N LYS A 201 1.36 24.88 23.82
CA LYS A 201 1.46 25.54 25.12
C LYS A 201 0.25 25.24 26.02
N SER A 202 0.44 25.39 27.33
CA SER A 202 -0.65 25.08 28.25
C SER A 202 -1.53 26.30 28.48
N ASN A 203 -2.77 26.03 28.87
CA ASN A 203 -3.74 27.07 29.22
C ASN A 203 -4.68 26.51 30.23
N PRO A 204 -4.56 26.89 31.52
CA PRO A 204 -5.35 26.23 32.57
C PRO A 204 -6.79 26.72 32.68
N THR A 205 -7.19 27.78 31.97
CA THR A 205 -8.61 28.12 31.96
C THR A 205 -9.45 27.13 31.15
N LEU A 206 -8.84 26.21 30.40
CA LEU A 206 -9.58 25.32 29.51
C LEU A 206 -9.86 24.02 30.24
N ASP A 207 -11.13 23.61 30.25
CA ASP A 207 -11.55 22.41 30.97
C ASP A 207 -11.34 21.18 30.09
N GLU A 208 -11.41 20.02 30.74
CA GLU A 208 -11.14 18.73 30.13
C GLU A 208 -11.65 18.65 28.70
N GLY A 209 -10.71 18.40 27.77
CA GLY A 209 -11.01 18.11 26.39
C GLY A 209 -11.31 19.34 25.59
N ALA A 210 -11.40 20.49 26.23
CA ALA A 210 -11.45 21.76 25.53
C ALA A 210 -10.06 22.08 25.00
N TYR A 211 -10.01 22.91 23.97
CA TYR A 211 -8.73 23.31 23.39
C TYR A 211 -8.95 24.62 22.66
N LYS A 212 -7.85 25.32 22.39
CA LYS A 212 -7.79 26.47 21.49
C LYS A 212 -6.73 26.20 20.43
N LEU A 213 -7.06 26.56 19.20
CA LEU A 213 -6.19 26.38 18.06
C LEU A 213 -6.31 27.66 17.24
N LYS A 214 -5.18 28.30 16.98
CA LYS A 214 -5.11 29.53 16.21
C LYS A 214 -4.00 29.41 15.17
N VAL A 215 -4.39 29.55 13.90
CA VAL A 215 -3.46 29.69 12.78
C VAL A 215 -3.29 31.18 12.54
N SER A 216 -2.05 31.63 12.51
CA SER A 216 -1.68 32.98 12.13
C SER A 216 -0.64 32.94 11.01
N GLU A 217 -0.15 34.11 10.61
CA GLU A 217 0.84 34.19 9.54
C GLU A 217 2.21 33.68 9.99
N GLU A 218 2.48 33.68 11.30
CA GLU A 218 3.75 33.19 11.84
C GLU A 218 3.70 31.74 12.27
N SER A 219 2.59 31.27 12.83
CA SER A 219 2.65 30.07 13.63
C SER A 219 1.31 29.36 13.65
N ILE A 220 1.30 28.20 14.27
CA ILE A 220 0.06 27.55 14.68
C ILE A 220 0.16 27.24 16.15
N LYS A 221 -0.78 27.76 16.95
CA LYS A 221 -0.76 27.59 18.40
C LYS A 221 -1.87 26.64 18.85
N ILE A 222 -1.52 25.71 19.73
CA ILE A 222 -2.49 24.78 20.32
C ILE A 222 -2.46 24.96 21.83
N GLU A 223 -3.59 25.36 22.40
CA GLU A 223 -3.72 25.54 23.84
C GLU A 223 -4.75 24.56 24.40
N ALA A 224 -4.39 23.89 25.49
CA ALA A 224 -5.37 23.07 26.19
C ALA A 224 -4.92 22.94 27.64
N GLY A 225 -5.84 22.51 28.51
CA GLY A 225 -5.51 22.25 29.90
C GLY A 225 -5.48 20.76 30.19
N SER A 226 -5.71 19.94 29.18
CA SER A 226 -5.73 18.50 29.40
C SER A 226 -5.02 17.81 28.25
N SER A 227 -4.51 16.63 28.54
CA SER A 227 -3.99 15.78 27.48
C SER A 227 -5.03 15.63 26.38
N SER A 228 -6.29 15.31 26.76
CA SER A 228 -7.34 14.95 25.81
C SER A 228 -7.68 16.13 24.91
N GLY A 229 -7.67 17.33 25.47
CA GLY A 229 -7.81 18.54 24.67
C GLY A 229 -6.67 18.74 23.68
N PHE A 230 -5.45 18.34 24.08
CA PHE A 230 -4.37 18.40 23.10
C PHE A 230 -4.61 17.41 21.97
N THR A 231 -5.08 16.20 22.34
CA THR A 231 -5.43 15.16 21.36
C THR A 231 -6.54 15.64 20.44
N HIS A 232 -7.54 16.35 20.98
CA HIS A 232 -8.64 16.84 20.15
C HIS A 232 -8.16 17.91 19.19
N ALA A 233 -7.39 18.88 19.72
CA ALA A 233 -6.79 19.93 18.88
C ALA A 233 -6.01 19.34 17.73
N CYS A 234 -5.24 18.28 18.02
CA CYS A 234 -4.44 17.65 16.96
C CYS A 234 -5.31 17.04 15.89
N ALA A 235 -6.48 16.55 16.31
CA ALA A 235 -7.41 15.91 15.41
C ALA A 235 -8.18 16.92 14.58
N THR A 236 -8.33 18.13 15.09
CA THR A 236 -8.85 19.18 14.21
C THR A 236 -7.81 19.57 13.19
N LEU A 237 -6.58 19.79 13.68
CA LEU A 237 -5.47 20.22 12.82
C LEU A 237 -5.28 19.25 11.65
N LEU A 238 -5.30 17.94 11.91
CA LEU A 238 -5.18 16.97 10.81
C LEU A 238 -6.27 17.14 9.76
N GLN A 239 -7.46 17.61 10.16
CA GLN A 239 -8.48 17.86 9.16
C GLN A 239 -8.30 19.19 8.48
N LEU A 240 -7.68 20.15 9.18
CA LEU A 240 -7.57 21.51 8.68
C LEU A 240 -6.48 21.62 7.63
N LEU A 241 -5.38 20.90 7.81
CA LEU A 241 -4.25 21.13 6.93
C LEU A 241 -4.58 20.60 5.53
N LYS A 242 -3.95 21.21 4.53
CA LYS A 242 -4.15 20.86 3.13
C LYS A 242 -2.80 20.73 2.47
N ARG A 243 -2.55 19.57 1.86
CA ARG A 243 -1.23 19.21 1.36
C ARG A 243 -1.08 19.59 -0.09
N ASP A 244 0.06 20.18 -0.40
CA ASP A 244 0.51 20.40 -1.77
C ASP A 244 1.72 19.50 -1.96
N GLU A 245 1.55 18.42 -2.72
CA GLU A 245 2.64 17.47 -2.93
C GLU A 245 3.69 18.01 -3.88
N ALA A 246 3.29 18.95 -4.76
CA ALA A 246 4.23 19.53 -5.72
C ALA A 246 5.28 20.38 -5.01
N THR A 247 4.88 21.08 -3.98
CA THR A 247 5.79 21.86 -3.18
C THR A 247 6.15 21.15 -1.88
N LYS A 248 5.51 20.02 -1.61
CA LYS A 248 5.55 19.37 -0.30
C LYS A 248 5.38 20.42 0.82
N THR A 249 4.27 21.16 0.76
CA THR A 249 3.87 22.03 1.85
C THR A 249 2.52 21.63 2.44
N MET A 250 2.28 22.15 3.66
CA MET A 250 0.99 22.10 4.34
C MET A 250 0.43 23.53 4.38
N GLU A 251 -0.89 23.62 4.43
CA GLU A 251 -1.55 24.91 4.39
C GLU A 251 -2.74 24.84 5.33
N ALA A 252 -2.84 25.83 6.21
CA ALA A 252 -3.98 25.94 7.12
C ALA A 252 -4.49 27.35 7.04
N VAL A 253 -5.81 27.48 6.96
CA VAL A 253 -6.43 28.80 6.89
C VAL A 253 -6.18 29.52 8.19
N CYS A 254 -5.80 30.79 8.09
CA CYS A 254 -5.70 31.63 9.26
C CYS A 254 -7.07 31.58 9.93
N CYS A 255 -7.09 31.28 11.22
CA CYS A 255 -8.39 31.09 11.86
C CYS A 255 -8.23 31.00 13.35
N SER A 256 -9.35 31.13 14.06
CA SER A 256 -9.38 30.97 15.50
C SER A 256 -10.44 29.96 15.88
N ILE A 257 -10.04 28.89 16.57
CA ILE A 257 -10.93 27.83 17.03
C ILE A 257 -10.88 27.74 18.56
N ILE A 258 -12.04 27.78 19.17
CA ILE A 258 -12.24 27.52 20.58
C ILE A 258 -13.25 26.40 20.62
N ASP A 259 -12.96 25.32 21.33
CA ASP A 259 -13.71 24.10 21.13
C ASP A 259 -13.75 23.28 22.39
N SER A 260 -14.91 22.60 22.58
CA SER A 260 -15.23 21.80 23.75
C SER A 260 -16.36 20.83 23.45
N PRO A 261 -16.38 19.65 24.07
CA PRO A 261 -17.43 18.67 23.75
C PRO A 261 -18.75 18.82 24.47
N ARG A 262 -19.81 18.52 23.72
CA ARG A 262 -21.13 18.54 24.30
C ARG A 262 -21.30 17.45 25.34
N PHE A 263 -20.80 16.24 25.05
CA PHE A 263 -21.00 15.08 25.91
C PHE A 263 -19.64 14.58 26.37
N ARG A 264 -19.58 14.12 27.63
CA ARG A 264 -18.35 13.56 28.19
C ARG A 264 -18.06 12.18 27.60
N TYR A 265 -19.11 11.42 27.29
CA TYR A 265 -19.00 10.01 26.88
C TYR A 265 -19.33 9.93 25.41
N ARG A 266 -18.32 9.69 24.60
CA ARG A 266 -18.42 9.68 23.14
C ARG A 266 -17.82 8.35 22.70
N GLY A 267 -18.69 7.35 22.53
CA GLY A 267 -18.25 5.97 22.37
C GLY A 267 -18.51 5.29 21.05
N MET A 268 -17.79 4.20 20.85
CA MET A 268 -18.00 3.29 19.73
C MET A 268 -17.78 1.89 20.27
N MET A 269 -18.72 1.01 20.02
CA MET A 269 -18.61 -0.37 20.42
C MET A 269 -18.42 -1.20 19.17
N LEU A 270 -17.52 -2.18 19.28
CA LEU A 270 -17.19 -3.13 18.23
C LEU A 270 -17.47 -4.55 18.69
N ASP A 271 -18.31 -5.27 17.94
CA ASP A 271 -18.55 -6.71 18.15
C ASP A 271 -17.43 -7.51 17.50
N CYS A 272 -16.63 -8.13 18.36
CA CYS A 272 -15.52 -9.00 17.99
C CYS A 272 -15.80 -10.46 18.37
N ALA A 273 -16.96 -10.72 19.02
CA ALA A 273 -17.37 -12.10 19.21
C ALA A 273 -17.94 -12.74 17.94
N ARG A 274 -18.85 -12.06 17.25
CA ARG A 274 -19.50 -12.70 16.10
C ARG A 274 -18.50 -13.00 14.98
N HIS A 275 -17.59 -12.09 14.75
CA HIS A 275 -16.48 -12.31 13.85
C HIS A 275 -15.26 -11.64 14.47
N PHE A 276 -14.15 -12.33 14.40
CA PHE A 276 -12.94 -11.91 15.05
C PHE A 276 -12.24 -10.92 14.15
N HIS A 277 -11.77 -9.83 14.72
CA HIS A 277 -11.00 -8.86 13.96
C HIS A 277 -9.59 -8.78 14.53
N SER A 278 -8.62 -8.54 13.66
CA SER A 278 -7.24 -8.61 14.06
C SER A 278 -6.85 -7.41 14.89
N VAL A 279 -5.84 -7.63 15.76
CA VAL A 279 -5.20 -6.52 16.47
C VAL A 279 -4.98 -5.35 15.54
N GLU A 280 -4.51 -5.61 14.30
CA GLU A 280 -4.19 -4.49 13.40
C GLU A 280 -5.46 -3.81 12.92
N GLN A 281 -6.51 -4.60 12.71
CA GLN A 281 -7.78 -4.00 12.35
C GLN A 281 -8.36 -3.26 13.53
N VAL A 282 -8.17 -3.78 14.74
CA VAL A 282 -8.80 -3.11 15.89
C VAL A 282 -8.10 -1.79 16.18
N LYS A 283 -6.77 -1.83 16.23
CA LYS A 283 -5.98 -0.60 16.33
C LYS A 283 -6.34 0.38 15.22
N ARG A 284 -6.44 -0.10 13.98
CA ARG A 284 -6.73 0.84 12.89
C ARG A 284 -8.06 1.54 13.16
N LEU A 285 -9.02 0.82 13.79
CA LEU A 285 -10.30 1.45 14.07
C LEU A 285 -10.15 2.49 15.17
N ILE A 286 -9.56 2.08 16.30
CA ILE A 286 -9.35 3.00 17.41
C ILE A 286 -8.68 4.28 16.92
N ASN A 287 -7.71 4.15 16.03
CA ASN A 287 -7.10 5.35 15.47
C ASN A 287 -8.15 6.19 14.77
N LEU A 288 -8.95 5.56 13.90
CA LEU A 288 -10.00 6.34 13.23
C LEU A 288 -11.03 6.90 14.20
N LEU A 289 -11.15 6.33 15.40
CA LEU A 289 -12.11 6.87 16.38
C LEU A 289 -11.63 8.21 16.95
N ALA A 290 -10.31 8.34 17.19
CA ALA A 290 -9.75 9.57 17.75
C ALA A 290 -9.69 10.69 16.72
N HIS A 291 -9.68 10.33 15.42
CA HIS A 291 -9.79 11.34 14.37
C HIS A 291 -11.04 12.18 14.48
N TYR A 292 -12.12 11.61 15.00
CA TYR A 292 -13.42 12.26 15.17
C TYR A 292 -13.69 12.62 16.62
N LYS A 293 -12.64 12.52 17.46
CA LYS A 293 -12.67 12.98 18.85
C LYS A 293 -13.54 12.10 19.75
N LEU A 294 -13.80 10.86 19.39
CA LEU A 294 -14.41 9.97 20.36
C LEU A 294 -13.36 9.61 21.39
N ASN A 295 -13.81 9.21 22.57
CA ASN A 295 -12.88 8.92 23.64
C ASN A 295 -13.08 7.55 24.27
N THR A 296 -14.07 6.78 23.86
CA THR A 296 -14.32 5.47 24.47
C THR A 296 -14.40 4.40 23.39
N PHE A 297 -13.74 3.28 23.62
CA PHE A 297 -13.85 2.13 22.74
C PHE A 297 -14.42 1.02 23.60
N HIS A 298 -15.65 0.57 23.28
CA HIS A 298 -16.38 -0.42 24.06
C HIS A 298 -16.20 -1.74 23.34
N TRP A 299 -15.48 -2.65 24.00
CA TRP A 299 -14.93 -3.84 23.37
C TRP A 299 -15.88 -5.00 23.65
N HIS A 300 -16.76 -5.27 22.70
CA HIS A 300 -17.63 -6.40 22.94
C HIS A 300 -16.90 -7.71 22.65
N LEU A 301 -16.37 -8.34 23.67
CA LEU A 301 -15.39 -9.39 23.46
C LEU A 301 -15.95 -10.81 23.58
N THR A 302 -17.20 -10.96 24.03
CA THR A 302 -17.77 -12.26 24.42
C THR A 302 -19.23 -12.36 23.97
N ASP A 303 -19.61 -13.51 23.42
CA ASP A 303 -21.00 -13.71 22.98
C ASP A 303 -21.18 -15.19 22.72
N ASP A 304 -22.27 -15.53 22.06
CA ASP A 304 -22.58 -16.94 21.86
C ASP A 304 -21.64 -17.59 20.85
N GLU A 305 -21.07 -16.81 19.93
CA GLU A 305 -20.33 -17.43 18.83
C GLU A 305 -18.83 -17.21 18.92
N GLY A 306 -18.34 -16.75 20.07
CA GLY A 306 -16.90 -16.54 20.26
C GLY A 306 -16.60 -15.96 21.63
N TRP A 307 -15.51 -16.42 22.25
CA TRP A 307 -14.88 -15.73 23.38
C TRP A 307 -13.50 -15.27 22.97
N ARG A 308 -13.25 -13.96 23.01
CA ARG A 308 -12.05 -13.41 22.42
C ARG A 308 -11.02 -12.88 23.41
N VAL A 309 -11.23 -12.98 24.71
CA VAL A 309 -10.25 -12.45 25.65
C VAL A 309 -9.66 -13.58 26.48
N GLU A 310 -8.34 -13.76 26.38
CA GLU A 310 -7.67 -14.80 27.15
C GLU A 310 -7.79 -14.56 28.65
N ILE A 311 -8.10 -15.62 29.38
CA ILE A 311 -8.25 -15.62 30.82
C ILE A 311 -7.34 -16.73 31.31
N LYS A 312 -6.15 -16.33 31.80
CA LYS A 312 -5.11 -17.31 32.09
C LYS A 312 -5.63 -18.43 32.96
N SER A 313 -6.39 -18.08 33.99
CA SER A 313 -6.91 -19.05 34.94
C SER A 313 -8.06 -19.89 34.40
N LEU A 314 -8.46 -19.68 33.16
CA LEU A 314 -9.58 -20.41 32.58
C LEU A 314 -9.26 -20.63 31.12
N PRO A 315 -8.17 -21.36 30.83
CA PRO A 315 -7.65 -21.37 29.45
C PRO A 315 -8.61 -21.95 28.44
N GLN A 316 -9.56 -22.81 28.88
CA GLN A 316 -10.53 -23.35 27.96
C GLN A 316 -11.32 -22.26 27.25
N LEU A 317 -11.47 -21.08 27.87
CA LEU A 317 -12.38 -20.09 27.28
C LEU A 317 -11.89 -19.67 25.89
N THR A 318 -10.56 -19.69 25.66
CA THR A 318 -10.02 -19.39 24.34
C THR A 318 -9.63 -20.64 23.57
N GLU A 319 -9.03 -21.63 24.25
CA GLU A 319 -8.68 -22.87 23.58
C GLU A 319 -9.89 -23.49 22.92
N ILE A 320 -11.06 -23.34 23.54
CA ILE A 320 -12.33 -23.83 22.98
C ILE A 320 -13.20 -22.67 22.50
N GLY A 321 -13.45 -21.71 23.35
CA GLY A 321 -14.43 -20.71 22.99
C GLY A 321 -14.00 -19.74 21.93
N ALA A 322 -12.73 -19.78 21.52
CA ALA A 322 -12.26 -18.86 20.51
C ALA A 322 -12.42 -19.40 19.10
N TRP A 323 -12.91 -20.64 18.95
CA TRP A 323 -12.94 -21.31 17.66
C TRP A 323 -14.27 -22.02 17.50
N ARG A 324 -14.83 -21.96 16.29
CA ARG A 324 -16.03 -22.73 15.96
C ARG A 324 -15.91 -23.36 14.59
N GLY A 325 -16.72 -24.39 14.37
CA GLY A 325 -16.79 -25.03 13.08
C GLY A 325 -17.15 -26.49 13.26
N ILE A 326 -17.23 -27.16 12.10
CA ILE A 326 -17.79 -28.51 12.00
C ILE A 326 -17.10 -29.46 12.96
N ASP A 327 -15.78 -29.34 13.09
CA ASP A 327 -15.01 -30.27 13.90
C ASP A 327 -14.53 -29.64 15.19
N GLU A 328 -15.19 -28.56 15.61
CA GLU A 328 -14.93 -27.92 16.88
C GLU A 328 -16.11 -28.18 17.79
N THR A 329 -15.88 -27.92 19.10
CA THR A 329 -16.94 -28.02 20.09
C THR A 329 -18.10 -27.09 19.76
N ILE A 330 -17.78 -25.87 19.30
CA ILE A 330 -18.79 -24.88 18.94
C ILE A 330 -19.06 -24.94 17.43
N GLU A 331 -20.34 -24.95 17.07
CA GLU A 331 -20.71 -25.12 15.67
C GLU A 331 -20.40 -23.87 14.88
N PRO A 332 -20.32 -24.00 13.55
CA PRO A 332 -20.19 -22.82 12.68
C PRO A 332 -21.37 -21.88 12.85
N GLN A 333 -21.12 -20.59 12.64
CA GLN A 333 -22.14 -19.57 12.85
C GLN A 333 -21.92 -18.42 11.88
N TYR A 334 -22.99 -18.08 11.17
CA TYR A 334 -23.11 -16.93 10.30
C TYR A 334 -22.30 -17.02 9.02
N THR A 335 -21.01 -17.36 9.09
CA THR A 335 -20.18 -17.45 7.89
C THR A 335 -19.02 -18.39 8.20
N HIS A 336 -18.23 -18.68 7.15
CA HIS A 336 -17.11 -19.62 7.24
C HIS A 336 -17.57 -21.00 7.67
N LEU A 337 -18.64 -21.47 7.02
CA LEU A 337 -19.24 -22.77 7.36
C LEU A 337 -18.28 -23.93 7.19
N SER A 338 -17.32 -23.83 6.27
CA SER A 338 -16.46 -24.95 5.92
C SER A 338 -15.10 -24.94 6.61
N GLN A 339 -14.78 -23.89 7.37
CA GLN A 339 -13.47 -23.80 7.99
C GLN A 339 -13.59 -23.76 9.49
N ARG A 340 -12.48 -24.06 10.15
CA ARG A 340 -12.32 -23.65 11.54
C ARG A 340 -12.09 -22.14 11.57
N TYR A 341 -12.91 -21.44 12.34
CA TYR A 341 -12.97 -20.00 12.30
C TYR A 341 -12.83 -19.44 13.71
N GLY A 342 -11.93 -18.45 13.85
CA GLY A 342 -11.87 -17.69 15.08
C GLY A 342 -10.50 -17.06 15.29
N GLY A 343 -10.13 -16.99 16.56
CA GLY A 343 -9.09 -16.11 17.01
C GLY A 343 -9.48 -15.55 18.34
N PHE A 344 -8.54 -14.84 18.95
CA PHE A 344 -8.74 -14.23 20.25
C PHE A 344 -7.52 -13.36 20.52
N TYR A 345 -7.66 -12.50 21.51
CA TYR A 345 -6.59 -11.59 21.90
C TYR A 345 -5.94 -12.10 23.17
N THR A 346 -4.62 -12.22 23.14
CA THR A 346 -3.88 -12.57 24.35
C THR A 346 -3.87 -11.36 25.26
N GLN A 347 -3.56 -11.61 26.52
CA GLN A 347 -3.47 -10.48 27.44
C GLN A 347 -2.37 -9.51 26.99
N GLU A 348 -1.28 -10.03 26.45
CA GLU A 348 -0.21 -9.16 25.95
C GLU A 348 -0.65 -8.35 24.73
N GLU A 349 -1.38 -8.98 23.81
CA GLU A 349 -2.01 -8.21 22.74
C GLU A 349 -2.93 -7.13 23.30
N ILE A 350 -3.74 -7.47 24.32
CA ILE A 350 -4.68 -6.52 24.91
C ILE A 350 -3.95 -5.37 25.59
N ARG A 351 -2.95 -5.70 26.38
CA ARG A 351 -2.11 -4.64 26.93
C ARG A 351 -1.58 -3.74 25.83
N ASP A 352 -1.20 -4.34 24.68
CA ASP A 352 -0.69 -3.53 23.57
C ASP A 352 -1.77 -2.63 23.00
N VAL A 353 -2.99 -3.18 22.81
CA VAL A 353 -4.07 -2.37 22.25
C VAL A 353 -4.45 -1.23 23.21
N ILE A 354 -4.42 -1.51 24.51
CA ILE A 354 -4.72 -0.49 25.51
C ILE A 354 -3.70 0.65 25.41
N ALA A 355 -2.43 0.29 25.41
CA ALA A 355 -1.36 1.30 25.30
C ALA A 355 -1.52 2.10 24.01
N PHE A 356 -1.81 1.42 22.89
CA PHE A 356 -2.02 2.09 21.61
C PHE A 356 -3.17 3.08 21.71
N ALA A 357 -4.28 2.67 22.35
CA ALA A 357 -5.46 3.53 22.42
C ALA A 357 -5.29 4.64 23.46
N GLU A 358 -4.63 4.34 24.58
CA GLU A 358 -4.31 5.42 25.50
C GLU A 358 -3.56 6.54 24.79
N GLN A 359 -2.68 6.20 23.85
CA GLN A 359 -1.89 7.26 23.21
C GLN A 359 -2.75 8.19 22.39
N ARG A 360 -4.01 7.80 22.14
CA ARG A 360 -4.98 8.48 21.31
C ARG A 360 -6.11 9.07 22.13
N GLY A 361 -5.97 9.06 23.45
CA GLY A 361 -7.01 9.67 24.27
C GLY A 361 -8.24 8.82 24.39
N ILE A 362 -8.13 7.52 24.10
CA ILE A 362 -9.27 6.61 24.05
C ILE A 362 -9.14 5.66 25.21
N THR A 363 -10.17 5.62 26.02
CA THR A 363 -10.30 4.68 27.11
C THR A 363 -11.04 3.46 26.57
N ILE A 364 -10.62 2.28 26.97
CA ILE A 364 -11.19 1.03 26.50
C ILE A 364 -11.98 0.41 27.64
N ILE A 365 -13.22 0.05 27.36
CA ILE A 365 -14.13 -0.59 28.31
C ILE A 365 -14.35 -2.02 27.84
N PRO A 366 -13.92 -3.03 28.59
CA PRO A 366 -14.20 -4.41 28.18
C PRO A 366 -15.63 -4.80 28.56
N GLU A 367 -16.24 -5.64 27.75
CA GLU A 367 -17.56 -6.20 28.03
C GLU A 367 -17.41 -7.70 28.24
N ILE A 368 -17.83 -8.17 29.41
CA ILE A 368 -18.03 -9.58 29.66
C ILE A 368 -19.54 -9.79 29.76
N ASP A 369 -20.17 -10.27 28.67
CA ASP A 369 -21.64 -10.33 28.55
C ASP A 369 -22.17 -11.53 29.30
N VAL A 370 -22.84 -11.29 30.43
CA VAL A 370 -23.57 -12.35 31.12
C VAL A 370 -24.96 -11.86 31.51
N PRO A 371 -25.92 -12.73 31.89
CA PRO A 371 -25.88 -14.20 31.81
C PRO A 371 -26.43 -14.77 30.50
N GLY A 372 -26.94 -13.88 29.66
CA GLY A 372 -27.27 -14.28 28.33
C GLY A 372 -26.06 -14.25 27.45
N HIS A 373 -26.26 -14.72 26.22
CA HIS A 373 -25.25 -14.61 25.18
C HIS A 373 -23.94 -15.27 25.60
N CYS A 374 -24.08 -16.40 26.28
CA CYS A 374 -22.92 -17.03 26.89
C CYS A 374 -22.54 -18.37 26.28
N ARG A 375 -23.04 -18.68 25.08
CA ARG A 375 -22.89 -20.04 24.57
C ARG A 375 -21.41 -20.44 24.55
N ALA A 376 -20.54 -19.54 24.07
CA ALA A 376 -19.12 -19.86 23.95
C ALA A 376 -18.51 -20.18 25.31
N ALA A 377 -18.91 -19.44 26.36
CA ALA A 377 -18.38 -19.74 27.69
C ALA A 377 -18.91 -21.08 28.19
N ILE A 378 -20.18 -21.36 27.91
CA ILE A 378 -20.80 -22.57 28.42
C ILE A 378 -20.20 -23.79 27.76
N LYS A 379 -19.98 -23.73 26.44
CA LYS A 379 -19.33 -24.82 25.72
C LYS A 379 -17.87 -24.98 26.11
N SER A 380 -17.21 -23.88 26.54
CA SER A 380 -15.82 -24.00 26.95
C SER A 380 -15.69 -24.61 28.35
N LEU A 381 -16.65 -24.35 29.24
CA LEU A 381 -16.56 -24.72 30.66
C LEU A 381 -17.79 -25.44 31.16
N PRO A 382 -18.15 -26.56 30.54
CA PRO A 382 -19.39 -27.27 30.93
C PRO A 382 -19.39 -27.78 32.36
N HIS A 383 -18.23 -28.15 32.89
CA HIS A 383 -18.17 -28.63 34.27
C HIS A 383 -18.54 -27.56 35.29
N LEU A 384 -18.37 -26.29 34.95
CA LEU A 384 -18.73 -25.27 35.91
C LEU A 384 -20.06 -24.59 35.60
N LEU A 385 -20.58 -24.72 34.39
CA LEU A 385 -21.67 -23.85 33.96
C LEU A 385 -22.91 -24.58 33.47
N ILE A 386 -22.89 -25.91 33.41
CA ILE A 386 -24.06 -26.69 33.01
C ILE A 386 -24.72 -27.27 34.26
N GLU A 387 -26.05 -27.16 34.36
CA GLU A 387 -26.85 -27.98 35.28
C GLU A 387 -27.50 -29.11 34.51
N ALA A 388 -26.96 -30.33 34.66
CA ALA A 388 -27.44 -31.49 33.90
C ALA A 388 -28.92 -31.79 34.14
N GLU A 389 -29.44 -31.37 35.28
CA GLU A 389 -30.80 -31.66 35.70
C GLU A 389 -31.80 -30.60 35.22
N ASP A 390 -31.35 -29.50 34.63
CA ASP A 390 -32.27 -28.47 34.15
C ASP A 390 -32.90 -28.93 32.84
N THR A 391 -34.23 -28.94 32.77
CA THR A 391 -34.94 -29.26 31.54
C THR A 391 -35.73 -28.06 31.03
N THR A 392 -35.39 -26.83 31.46
CA THR A 392 -36.08 -25.68 30.90
C THR A 392 -35.86 -25.67 29.39
N GLU A 393 -36.96 -25.51 28.65
CA GLU A 393 -36.90 -25.35 27.19
C GLU A 393 -37.12 -23.87 26.89
N TYR A 394 -36.06 -23.19 26.45
CA TYR A 394 -36.13 -21.78 26.10
C TYR A 394 -35.52 -21.56 24.72
N ARG A 395 -35.78 -20.39 24.14
CA ARG A 395 -35.07 -20.03 22.92
C ARG A 395 -34.77 -18.55 22.89
N SER A 396 -33.51 -18.20 22.63
CA SER A 396 -33.07 -16.83 22.60
C SER A 396 -33.39 -16.18 21.26
N ILE A 397 -33.15 -14.85 21.24
CA ILE A 397 -33.36 -14.03 20.06
C ILE A 397 -32.55 -14.50 18.89
N GLN A 398 -31.49 -15.23 19.15
CA GLN A 398 -30.59 -15.74 18.15
C GLN A 398 -30.79 -17.23 17.93
N HIS A 399 -31.77 -17.82 18.62
CA HIS A 399 -32.25 -19.17 18.33
C HIS A 399 -31.33 -20.21 18.95
N TYR A 400 -30.87 -19.93 20.16
CA TYR A 400 -30.20 -20.91 20.98
C TYR A 400 -31.11 -21.31 22.14
N ASN A 401 -30.90 -22.51 22.63
CA ASN A 401 -31.66 -23.01 23.75
C ASN A 401 -30.74 -23.54 24.84
N ASP A 402 -29.42 -23.28 24.72
CA ASP A 402 -28.43 -23.89 25.61
C ASP A 402 -27.32 -22.90 26.01
N ASN A 403 -27.65 -21.62 26.11
CA ASN A 403 -26.65 -20.56 26.00
C ASN A 403 -26.68 -19.56 27.14
N VAL A 404 -27.39 -19.87 28.21
CA VAL A 404 -27.65 -18.94 29.29
C VAL A 404 -27.00 -19.45 30.55
N ILE A 405 -26.36 -18.54 31.28
CA ILE A 405 -25.73 -18.90 32.55
C ILE A 405 -26.82 -19.18 33.55
N ASN A 406 -26.58 -20.17 34.42
CA ASN A 406 -27.47 -20.51 35.53
C ASN A 406 -27.04 -19.81 36.81
N PRO A 407 -27.84 -18.87 37.33
CA PRO A 407 -27.41 -18.10 38.51
C PRO A 407 -27.50 -18.81 39.84
N ALA A 408 -27.86 -20.08 39.88
CA ALA A 408 -27.91 -20.85 41.11
C ALA A 408 -26.77 -21.87 41.17
N LEU A 409 -25.89 -21.88 40.20
CA LEU A 409 -24.80 -22.87 40.17
C LEU A 409 -23.55 -22.25 40.75
N PRO A 410 -22.96 -22.82 41.79
CA PRO A 410 -21.73 -22.27 42.34
C PRO A 410 -20.63 -22.15 41.30
N GLY A 411 -20.68 -22.93 40.22
CA GLY A 411 -19.69 -22.80 39.15
C GLY A 411 -19.81 -21.48 38.37
N SER A 412 -21.03 -20.97 38.24
CA SER A 412 -21.24 -19.69 37.58
C SER A 412 -20.59 -18.56 38.37
N TYR A 413 -20.55 -18.67 39.70
CA TYR A 413 -19.85 -17.67 40.49
C TYR A 413 -18.33 -17.89 40.50
N GLU A 414 -17.90 -19.16 40.57
CA GLU A 414 -16.49 -19.46 40.30
C GLU A 414 -16.04 -18.79 39.00
N PHE A 415 -16.81 -19.00 37.92
CA PHE A 415 -16.44 -18.51 36.59
C PHE A 415 -16.36 -16.99 36.55
N ILE A 416 -17.42 -16.30 36.96
CA ILE A 416 -17.41 -14.84 36.81
C ILE A 416 -16.40 -14.20 37.77
N ASP A 417 -16.25 -14.74 38.97
CA ASP A 417 -15.25 -14.18 39.89
C ASP A 417 -13.87 -14.25 39.27
N LYS A 418 -13.60 -15.31 38.49
CA LYS A 418 -12.27 -15.45 37.91
C LYS A 418 -12.09 -14.59 36.67
N VAL A 419 -13.14 -14.48 35.86
CA VAL A 419 -13.03 -13.63 34.69
C VAL A 419 -12.85 -12.18 35.11
N LEU A 420 -13.65 -11.72 36.07
CA LEU A 420 -13.68 -10.29 36.40
C LEU A 420 -12.37 -9.84 37.04
N GLU A 421 -11.78 -10.70 37.88
CA GLU A 421 -10.50 -10.41 38.51
C GLU A 421 -9.43 -10.15 37.47
N GLU A 422 -9.32 -11.04 36.48
CA GLU A 422 -8.31 -10.85 35.43
C GLU A 422 -8.68 -9.65 34.55
N ILE A 423 -9.94 -9.59 34.12
CA ILE A 423 -10.40 -8.42 33.36
C ILE A 423 -10.04 -7.14 34.10
N ALA A 424 -10.40 -7.03 35.37
CA ALA A 424 -10.15 -5.79 36.12
C ALA A 424 -8.67 -5.45 36.11
N ALA A 425 -7.83 -6.47 36.32
CA ALA A 425 -6.39 -6.29 36.38
C ALA A 425 -5.86 -5.82 35.04
N LEU A 426 -6.49 -6.27 33.97
CA LEU A 426 -5.95 -6.08 32.64
C LEU A 426 -6.27 -4.68 32.12
N PHE A 427 -7.50 -4.25 32.27
CA PHE A 427 -7.96 -3.01 31.70
C PHE A 427 -7.90 -1.91 32.75
N PRO A 428 -7.08 -0.88 32.57
CA PRO A 428 -7.00 0.17 33.59
C PRO A 428 -8.29 0.96 33.76
N ALA A 429 -9.20 0.96 32.80
CA ALA A 429 -10.39 1.78 32.90
C ALA A 429 -11.14 1.40 34.16
N PRO A 430 -11.76 2.36 34.86
CA PRO A 430 -12.48 2.00 36.09
C PRO A 430 -13.88 1.48 35.79
N TYR A 431 -14.02 0.82 34.63
CA TYR A 431 -15.33 0.43 34.14
C TYR A 431 -15.28 -0.93 33.49
N VAL A 432 -16.28 -1.74 33.78
CA VAL A 432 -16.47 -3.02 33.14
C VAL A 432 -17.94 -3.15 32.78
N HIS A 433 -18.21 -3.43 31.51
CA HIS A 433 -19.56 -3.62 31.05
C HIS A 433 -19.92 -5.10 31.22
N ILE A 434 -21.02 -5.35 31.91
CA ILE A 434 -21.42 -6.71 32.27
C ILE A 434 -22.47 -7.29 31.33
N GLY A 435 -22.83 -6.56 30.28
CA GLY A 435 -23.85 -7.03 29.37
C GLY A 435 -25.27 -7.08 29.88
N ALA A 436 -25.81 -8.31 29.94
CA ALA A 436 -27.16 -8.60 30.47
C ALA A 436 -28.30 -8.45 29.47
N ASP A 437 -28.00 -8.42 28.17
CA ASP A 437 -29.01 -8.28 27.13
C ASP A 437 -29.62 -9.62 26.76
N GLU A 438 -30.89 -9.54 26.38
CA GLU A 438 -31.60 -10.62 25.66
C GLU A 438 -31.45 -11.97 26.35
N VAL A 439 -31.69 -11.98 27.65
CA VAL A 439 -31.89 -13.21 28.40
C VAL A 439 -33.29 -13.69 28.09
N PRO A 440 -33.46 -14.87 27.50
CA PRO A 440 -34.79 -15.31 27.05
C PRO A 440 -35.77 -15.38 28.21
N ASN A 441 -37.06 -15.18 27.87
CA ASN A 441 -38.09 -15.07 28.92
C ASN A 441 -38.30 -16.37 29.68
N GLY A 442 -38.10 -17.51 29.01
CA GLY A 442 -38.37 -18.76 29.67
C GLY A 442 -37.32 -19.28 30.63
N VAL A 443 -36.18 -18.63 30.83
CA VAL A 443 -35.05 -19.40 31.36
C VAL A 443 -35.23 -19.74 32.85
N TRP A 444 -34.64 -20.88 33.23
CA TRP A 444 -34.50 -21.29 34.62
C TRP A 444 -35.81 -21.79 35.22
N SER A 445 -36.92 -21.70 34.51
CA SER A 445 -38.21 -22.04 35.11
C SER A 445 -38.28 -23.50 35.54
N LYS A 446 -37.58 -24.39 34.82
CA LYS A 446 -37.51 -25.80 35.21
C LYS A 446 -36.12 -26.19 35.70
N SER A 447 -35.32 -25.25 36.19
CA SER A 447 -34.03 -25.55 36.79
C SER A 447 -34.22 -25.90 38.26
N PRO A 448 -33.98 -27.15 38.67
CA PRO A 448 -34.10 -27.47 40.12
C PRO A 448 -33.33 -26.53 41.02
N ALA A 449 -32.08 -26.24 40.67
CA ALA A 449 -31.27 -25.37 41.50
C ALA A 449 -31.87 -23.96 41.58
N CYS A 450 -32.34 -23.44 40.43
CA CYS A 450 -32.95 -22.13 40.48
C CYS A 450 -34.27 -22.18 41.23
N GLN A 451 -35.06 -23.23 40.99
CA GLN A 451 -36.30 -23.39 41.75
C GLN A 451 -36.02 -23.32 43.25
N ALA A 452 -34.93 -23.94 43.70
CA ALA A 452 -34.65 -23.97 45.13
C ALA A 452 -34.18 -22.62 45.65
N LEU A 453 -33.39 -21.90 44.85
CA LEU A 453 -32.91 -20.58 45.27
C LEU A 453 -34.04 -19.56 45.20
N MET A 454 -34.97 -19.74 44.26
CA MET A 454 -36.16 -18.89 44.16
C MET A 454 -37.02 -19.01 45.43
N GLU A 455 -37.14 -20.23 45.96
CA GLU A 455 -37.78 -20.50 47.23
C GLU A 455 -36.93 -20.03 48.41
N GLN A 456 -35.62 -20.15 48.30
CA GLN A 456 -34.75 -19.96 49.48
C GLN A 456 -34.72 -18.51 49.93
N LEU A 457 -34.99 -17.58 49.01
CA LEU A 457 -34.98 -16.17 49.32
C LEU A 457 -36.18 -15.46 48.71
N GLY A 458 -37.27 -16.18 48.45
CA GLY A 458 -38.57 -15.51 48.34
C GLY A 458 -38.75 -14.70 47.08
N TYR A 459 -37.94 -14.96 46.07
CA TYR A 459 -38.13 -14.32 44.79
C TYR A 459 -39.46 -14.77 44.19
N THR A 460 -40.10 -13.87 43.45
CA THR A 460 -41.39 -14.17 42.82
C THR A 460 -41.31 -14.13 41.31
N ASP A 461 -40.18 -13.73 40.75
CA ASP A 461 -39.97 -13.54 39.32
C ASP A 461 -38.59 -14.05 38.99
N TYR A 462 -38.48 -14.72 37.84
CA TYR A 462 -37.20 -15.28 37.45
C TYR A 462 -36.27 -14.20 36.89
N LYS A 463 -36.80 -13.02 36.55
CA LYS A 463 -35.92 -11.88 36.30
C LYS A 463 -35.18 -11.47 37.57
N GLU A 464 -35.82 -11.65 38.73
CA GLU A 464 -35.19 -11.40 40.03
C GLU A 464 -33.91 -12.21 40.18
N LEU A 465 -33.85 -13.38 39.52
CA LEU A 465 -32.67 -14.23 39.64
C LEU A 465 -31.54 -13.65 38.82
N GLN A 466 -31.87 -13.00 37.69
CA GLN A 466 -30.87 -12.32 36.88
C GLN A 466 -30.24 -11.16 37.65
N GLY A 467 -31.08 -10.33 38.30
CA GLY A 467 -30.57 -9.25 39.13
C GLY A 467 -29.69 -9.74 40.26
N HIS A 468 -30.11 -10.85 40.87
CA HIS A 468 -29.32 -11.45 41.93
C HIS A 468 -27.88 -11.66 41.47
N PHE A 469 -27.71 -12.13 40.23
CA PHE A 469 -26.39 -12.46 39.69
C PHE A 469 -25.61 -11.20 39.34
N LEU A 470 -26.28 -10.25 38.67
CA LEU A 470 -25.66 -9.00 38.29
C LEU A 470 -25.28 -8.19 39.52
N ARG A 471 -26.07 -8.30 40.61
CA ARG A 471 -25.67 -7.59 41.81
C ARG A 471 -24.40 -8.20 42.40
N HIS A 472 -24.27 -9.52 42.28
CA HIS A 472 -23.03 -10.16 42.72
C HIS A 472 -21.85 -9.70 41.86
N ALA A 473 -22.04 -9.69 40.53
CA ALA A 473 -21.02 -9.11 39.66
C ALA A 473 -20.70 -7.67 40.06
N GLU A 474 -21.69 -6.89 40.44
CA GLU A 474 -21.42 -5.48 40.74
C GLU A 474 -20.61 -5.38 42.02
N ASP A 475 -20.97 -6.20 43.01
CA ASP A 475 -20.27 -6.20 44.29
C ASP A 475 -18.83 -6.65 44.10
N LYS A 476 -18.59 -7.60 43.18
CA LYS A 476 -17.21 -8.03 42.95
C LYS A 476 -16.43 -6.97 42.17
N LEU A 477 -17.06 -6.42 41.14
CA LEU A 477 -16.47 -5.30 40.43
C LEU A 477 -16.11 -4.16 41.38
N ARG A 478 -16.99 -3.85 42.33
CA ARG A 478 -16.72 -2.74 43.24
C ARG A 478 -15.51 -3.04 44.11
N LYS A 479 -15.41 -4.27 44.63
CA LYS A 479 -14.24 -4.67 45.41
C LYS A 479 -12.95 -4.66 44.60
N LEU A 480 -13.04 -4.72 43.28
CA LEU A 480 -11.92 -4.66 42.37
C LEU A 480 -11.67 -3.25 41.88
N GLY A 481 -12.44 -2.28 42.38
CA GLY A 481 -12.24 -0.91 41.97
C GLY A 481 -12.97 -0.49 40.72
N LYS A 482 -13.92 -1.28 40.22
CA LYS A 482 -14.62 -0.95 38.98
C LYS A 482 -16.09 -0.67 39.20
N ARG A 483 -16.59 0.37 38.54
CA ARG A 483 -18.01 0.64 38.40
C ARG A 483 -18.58 -0.23 37.28
N MET A 484 -19.72 -0.84 37.54
CA MET A 484 -20.37 -1.72 36.57
C MET A 484 -21.24 -0.94 35.59
N LEU A 485 -21.15 -1.33 34.32
CA LEU A 485 -22.03 -0.85 33.27
C LEU A 485 -22.80 -2.05 32.74
N GLY A 486 -23.97 -1.78 32.15
CA GLY A 486 -24.86 -2.82 31.66
C GLY A 486 -25.79 -2.30 30.59
N TRP A 487 -26.23 -3.21 29.71
CA TRP A 487 -27.35 -2.91 28.84
C TRP A 487 -28.59 -2.73 29.71
N GLU A 488 -29.66 -2.23 29.09
CA GLU A 488 -30.81 -1.76 29.87
C GLU A 488 -31.38 -2.88 30.73
N GLU A 489 -31.40 -4.10 30.20
CA GLU A 489 -32.02 -5.20 30.93
C GLU A 489 -31.30 -5.50 32.23
N ALA A 490 -30.13 -4.91 32.47
CA ALA A 490 -29.47 -5.15 33.74
C ALA A 490 -30.34 -4.68 34.89
N GLN A 491 -31.15 -3.65 34.62
CA GLN A 491 -32.09 -3.15 35.60
C GLN A 491 -33.18 -4.17 35.95
N HIS A 492 -33.48 -5.14 35.09
CA HIS A 492 -34.50 -6.12 35.43
C HIS A 492 -34.21 -6.74 36.78
N GLY A 493 -35.27 -6.85 37.58
CA GLY A 493 -35.14 -7.41 38.88
C GLY A 493 -34.92 -6.40 39.97
N ASN A 494 -34.60 -5.17 39.61
CA ASN A 494 -34.25 -4.12 40.58
C ASN A 494 -33.41 -4.67 41.72
N LYS A 495 -32.26 -5.26 41.36
CA LYS A 495 -31.29 -5.74 42.34
C LYS A 495 -29.97 -5.00 42.28
N VAL A 496 -29.68 -4.40 41.16
CA VAL A 496 -28.43 -3.72 40.95
C VAL A 496 -28.53 -2.32 41.52
N SER A 497 -27.41 -1.73 41.90
CA SER A 497 -27.43 -0.47 42.61
C SER A 497 -27.49 0.70 41.62
N LYS A 498 -27.80 1.88 42.17
CA LYS A 498 -27.95 3.07 41.36
C LYS A 498 -26.66 3.53 40.71
N ASP A 499 -25.56 2.85 41.02
CA ASP A 499 -24.25 3.16 40.47
C ASP A 499 -24.03 2.48 39.11
N THR A 500 -24.90 1.54 38.76
CA THR A 500 -24.81 0.86 37.48
C THR A 500 -25.25 1.78 36.37
N VAL A 501 -24.37 1.92 35.38
CA VAL A 501 -24.56 2.81 34.25
C VAL A 501 -25.33 2.06 33.18
N ILE A 502 -26.50 2.58 32.82
CA ILE A 502 -27.49 1.89 32.01
C ILE A 502 -27.33 2.30 30.57
N TYR A 503 -27.05 1.35 29.71
CA TYR A 503 -27.01 1.59 28.26
C TYR A 503 -28.40 1.31 27.65
N SER A 504 -28.98 2.32 27.01
CA SER A 504 -30.32 2.31 26.43
C SER A 504 -30.23 2.05 24.93
N TRP A 505 -30.57 0.84 24.54
CA TRP A 505 -30.35 0.41 23.15
C TRP A 505 -31.60 0.05 22.39
N LEU A 506 -32.54 -0.66 22.99
CA LEU A 506 -33.84 -0.86 22.36
C LEU A 506 -34.43 0.47 21.86
N SER A 507 -34.21 1.53 22.59
CA SER A 507 -34.71 2.86 22.26
C SER A 507 -34.08 3.79 23.28
N GLU A 508 -34.56 5.04 23.36
CA GLU A 508 -34.15 5.94 24.44
C GLU A 508 -35.01 5.79 25.69
N GLU A 509 -35.94 4.83 25.70
CA GLU A 509 -36.92 4.80 26.79
C GLU A 509 -36.24 4.52 28.13
N ALA A 510 -35.41 3.49 28.19
CA ALA A 510 -34.76 3.12 29.44
C ALA A 510 -33.84 4.24 29.91
N ALA A 511 -33.26 4.96 28.96
CA ALA A 511 -32.42 6.07 29.34
C ALA A 511 -33.23 7.08 30.10
N LEU A 512 -34.43 7.39 29.60
CA LEU A 512 -35.30 8.35 30.26
C LEU A 512 -35.77 7.82 31.60
N ASN A 513 -36.32 6.62 31.60
CA ASN A 513 -36.84 6.05 32.83
C ASN A 513 -35.74 5.93 33.87
N CYS A 514 -34.59 5.40 33.47
CA CYS A 514 -33.56 5.12 34.47
C CYS A 514 -32.96 6.42 34.98
N ALA A 515 -32.80 7.42 34.12
CA ALA A 515 -32.26 8.70 34.59
C ALA A 515 -33.18 9.35 35.61
N ARG A 516 -34.50 9.23 35.40
CA ARG A 516 -35.44 9.80 36.37
C ARG A 516 -35.22 9.21 37.76
N GLN A 517 -34.79 7.96 37.84
CA GLN A 517 -34.60 7.27 39.10
C GLN A 517 -33.18 7.36 39.65
N GLY A 518 -32.31 8.18 39.06
CA GLY A 518 -31.01 8.42 39.63
C GLY A 518 -29.88 7.58 39.06
N PHE A 519 -30.13 6.88 37.95
CA PHE A 519 -29.12 6.09 37.25
C PHE A 519 -28.41 6.97 36.23
N ASP A 520 -27.09 6.84 36.11
CA ASP A 520 -26.41 7.44 34.98
C ASP A 520 -26.60 6.58 33.74
N VAL A 521 -26.85 7.21 32.59
CA VAL A 521 -27.13 6.47 31.37
C VAL A 521 -26.23 6.88 30.19
N VAL A 522 -26.05 5.92 29.28
CA VAL A 522 -25.51 6.14 27.95
C VAL A 522 -26.58 5.84 26.92
N LEU A 523 -26.74 6.74 25.97
CA LEU A 523 -27.70 6.61 24.90
C LEU A 523 -27.10 5.90 23.69
N GLN A 524 -27.54 4.65 23.48
CA GLN A 524 -27.20 3.87 22.29
C GLN A 524 -28.45 3.34 21.57
N PRO A 525 -29.42 4.22 21.27
CA PRO A 525 -30.64 3.73 20.62
C PRO A 525 -30.35 3.14 19.26
N ALA A 526 -30.91 1.94 19.04
CA ALA A 526 -30.82 1.23 17.77
C ALA A 526 -31.44 2.00 16.61
N GLN A 527 -32.44 2.83 16.90
CA GLN A 527 -33.08 3.51 15.80
C GLN A 527 -32.17 4.51 15.12
N THR A 528 -31.18 5.07 15.85
CA THR A 528 -30.33 6.07 15.26
C THR A 528 -28.84 5.83 15.36
N THR A 529 -28.36 4.76 16.00
CA THR A 529 -26.93 4.72 16.32
C THR A 529 -26.29 3.39 15.94
N TYR A 530 -27.03 2.50 15.28
CA TYR A 530 -26.47 1.18 14.97
C TYR A 530 -25.91 1.12 13.57
N LEU A 531 -24.57 1.07 13.48
CA LEU A 531 -23.88 0.99 12.21
C LEU A 531 -24.10 -0.33 11.48
N ASP A 532 -24.66 -1.34 12.14
CA ASP A 532 -24.96 -2.56 11.40
C ASP A 532 -26.25 -2.45 10.62
N MET A 533 -27.10 -1.44 10.90
CA MET A 533 -28.34 -1.26 10.13
C MET A 533 -27.97 -0.77 8.73
N THR A 534 -28.79 -1.15 7.73
CA THR A 534 -28.59 -0.74 6.34
C THR A 534 -28.58 0.78 6.21
N GLN A 535 -27.93 1.27 5.16
CA GLN A 535 -27.79 2.70 4.97
C GLN A 535 -28.79 3.26 3.96
N ASP A 536 -29.64 2.43 3.34
CA ASP A 536 -30.61 2.86 2.34
C ASP A 536 -31.70 1.81 2.21
N TYR A 537 -32.78 2.18 1.53
CA TYR A 537 -33.91 1.26 1.38
C TYR A 537 -33.72 0.30 0.21
N ALA A 538 -32.77 0.55 -0.69
CA ALA A 538 -32.58 -0.35 -1.81
C ALA A 538 -32.24 -1.74 -1.29
N PRO A 539 -32.81 -2.80 -1.87
CA PRO A 539 -32.57 -4.15 -1.31
C PRO A 539 -31.14 -4.64 -1.47
N GLU A 540 -30.35 -3.97 -2.31
CA GLU A 540 -28.93 -4.30 -2.41
C GLU A 540 -28.07 -3.80 -1.26
N GLU A 541 -28.56 -2.86 -0.44
CA GLU A 541 -27.81 -2.37 0.74
C GLU A 541 -27.48 -3.49 1.74
N PRO A 542 -26.21 -3.77 2.00
CA PRO A 542 -25.89 -4.75 3.06
C PRO A 542 -26.33 -4.22 4.42
N GLY A 543 -26.67 -5.14 5.31
CA GLY A 543 -26.96 -4.83 6.68
C GLY A 543 -28.17 -5.56 7.16
N VAL A 544 -28.58 -5.20 8.37
CA VAL A 544 -29.80 -5.68 8.99
C VAL A 544 -30.74 -4.50 9.15
N ASP A 545 -31.97 -4.80 9.65
CA ASP A 545 -32.97 -3.73 9.73
C ASP A 545 -34.03 -3.89 10.83
N TRP A 546 -33.75 -4.62 11.93
CA TRP A 546 -34.79 -4.83 12.95
C TRP A 546 -35.19 -3.51 13.63
N ALA A 547 -34.26 -2.59 13.83
CA ALA A 547 -34.71 -1.28 14.25
C ALA A 547 -35.45 -0.70 13.04
N ASN A 548 -34.69 -0.22 12.07
CA ASN A 548 -35.19 0.46 10.89
C ASN A 548 -33.97 0.72 10.01
N PRO A 549 -34.11 0.86 8.70
CA PRO A 549 -33.00 1.38 7.91
C PRO A 549 -32.54 2.69 8.53
N LEU A 550 -31.21 2.91 8.56
CA LEU A 550 -30.61 4.12 9.14
C LEU A 550 -29.78 4.83 8.09
N PRO A 551 -30.41 5.59 7.21
CA PRO A 551 -29.65 6.46 6.30
C PRO A 551 -28.80 7.49 7.03
N LEU A 552 -27.78 7.95 6.32
CA LEU A 552 -26.90 8.98 6.83
C LEU A 552 -27.72 10.14 7.44
N GLU A 553 -28.71 10.66 6.70
CA GLU A 553 -29.41 11.86 7.20
C GLU A 553 -30.13 11.58 8.51
N LYS A 554 -30.70 10.38 8.66
CA LYS A 554 -31.32 9.99 9.92
C LYS A 554 -30.31 10.03 11.05
N ALA A 555 -29.15 9.42 10.84
CA ALA A 555 -28.13 9.35 11.89
C ALA A 555 -27.64 10.74 12.27
N TYR A 556 -27.44 11.62 11.28
CA TYR A 556 -27.02 12.98 11.56
C TYR A 556 -28.06 13.71 12.43
N ASN A 557 -29.32 13.66 12.02
CA ASN A 557 -30.34 14.46 12.66
C ASN A 557 -30.75 13.92 14.03
N TYR A 558 -30.11 12.87 14.54
CA TYR A 558 -30.40 12.36 15.87
C TYR A 558 -30.06 13.41 16.92
N GLU A 559 -31.06 13.76 17.73
CA GLU A 559 -30.91 14.65 18.85
C GLU A 559 -31.25 13.87 20.10
N PRO A 560 -30.31 13.62 20.99
CA PRO A 560 -30.59 12.74 22.13
C PRO A 560 -31.62 13.32 23.08
N LEU A 561 -32.54 12.43 23.52
CA LEU A 561 -33.74 12.77 24.30
C LEU A 561 -34.32 14.07 23.80
N ALA A 562 -34.73 14.07 22.53
CA ALA A 562 -35.13 15.31 21.88
C ALA A 562 -36.26 16.03 22.60
N GLU A 563 -36.86 15.39 23.58
CA GLU A 563 -38.11 15.88 24.13
C GLU A 563 -37.99 16.23 25.59
N VAL A 564 -36.88 15.89 26.20
CA VAL A 564 -36.56 16.42 27.51
C VAL A 564 -36.03 17.83 27.32
N PRO A 565 -36.64 18.84 27.94
CA PRO A 565 -36.12 20.20 27.76
C PRO A 565 -34.72 20.33 28.32
N ALA A 566 -33.91 21.14 27.64
CA ALA A 566 -32.53 21.36 28.08
C ALA A 566 -32.44 21.71 29.56
N ASP A 567 -33.50 22.31 30.14
CA ASP A 567 -33.44 22.62 31.57
C ASP A 567 -33.40 21.37 32.43
N ASP A 568 -33.88 20.25 31.92
CA ASP A 568 -34.31 19.17 32.78
C ASP A 568 -33.13 18.53 33.50
N PRO A 569 -33.23 18.34 34.83
CA PRO A 569 -32.17 17.62 35.53
C PRO A 569 -32.06 16.16 35.16
N ILE A 570 -32.94 15.63 34.32
CA ILE A 570 -32.65 14.32 33.75
C ILE A 570 -31.36 14.40 32.94
N ARG A 571 -31.16 15.52 32.25
CA ARG A 571 -30.02 15.65 31.36
C ARG A 571 -28.70 15.58 32.08
N LYS A 572 -28.69 15.78 33.41
CA LYS A 572 -27.44 15.65 34.18
C LYS A 572 -27.00 14.20 34.33
N ARG A 573 -27.88 13.24 34.00
CA ARG A 573 -27.53 11.83 34.12
C ARG A 573 -27.09 11.21 32.81
N ILE A 574 -27.13 11.96 31.73
CA ILE A 574 -26.59 11.47 30.47
C ILE A 574 -25.08 11.62 30.47
N TRP A 575 -24.36 10.51 30.62
CA TRP A 575 -22.93 10.44 30.31
C TRP A 575 -22.65 10.92 28.89
N GLY A 576 -23.29 10.30 27.91
CA GLY A 576 -23.19 10.75 26.54
C GLY A 576 -23.80 9.75 25.57
N ILE A 577 -23.15 9.61 24.39
CA ILE A 577 -23.66 8.79 23.32
C ILE A 577 -22.64 7.72 22.91
N GLN A 578 -23.17 6.60 22.39
CA GLN A 578 -22.37 5.55 21.76
C GLN A 578 -22.98 5.06 20.46
N THR A 579 -22.12 4.77 19.50
CA THR A 579 -22.52 4.14 18.25
C THR A 579 -21.92 2.74 18.23
N ALA A 580 -22.69 1.76 17.75
CA ALA A 580 -22.28 0.36 17.77
C ALA A 580 -22.32 -0.33 16.42
N LEU A 581 -21.35 -1.24 16.26
CA LEU A 581 -21.27 -2.19 15.16
C LEU A 581 -21.30 -3.57 15.75
N TRP A 582 -22.39 -4.28 15.48
CA TRP A 582 -22.54 -5.71 15.68
C TRP A 582 -22.22 -6.38 14.36
N CYS A 583 -21.53 -7.52 14.42
CA CYS A 583 -20.83 -8.05 13.27
C CYS A 583 -21.35 -9.41 12.78
N GLU A 584 -22.63 -9.71 13.02
CA GLU A 584 -23.22 -10.97 12.56
C GLU A 584 -22.90 -11.23 11.10
N ILE A 585 -23.08 -10.23 10.26
CA ILE A 585 -22.80 -10.42 8.84
C ILE A 585 -21.61 -9.58 8.39
N ILE A 586 -20.65 -9.31 9.28
CA ILE A 586 -19.47 -8.46 9.00
C ILE A 586 -18.16 -9.18 9.37
N ASN A 587 -17.40 -9.60 8.36
CA ASN A 587 -16.24 -10.45 8.65
C ASN A 587 -15.00 -10.06 7.88
N ASN A 588 -14.90 -8.83 7.41
CA ASN A 588 -13.76 -8.44 6.61
C ASN A 588 -13.66 -6.93 6.68
N PRO A 589 -12.45 -6.38 6.64
CA PRO A 589 -12.32 -4.92 6.84
C PRO A 589 -13.06 -4.11 5.81
N SER A 590 -13.21 -4.62 4.61
CA SER A 590 -13.87 -3.84 3.57
C SER A 590 -15.35 -3.65 3.91
N ARG A 591 -16.01 -4.71 4.38
CA ARG A 591 -17.39 -4.54 4.80
C ARG A 591 -17.48 -3.67 6.05
N MET A 592 -16.56 -3.86 7.00
CA MET A 592 -16.56 -3.04 8.21
C MET A 592 -16.55 -1.54 7.89
N ASP A 593 -15.56 -1.10 7.10
CA ASP A 593 -15.45 0.30 6.73
C ASP A 593 -16.73 0.82 6.06
N TYR A 594 -17.37 -0.03 5.25
CA TYR A 594 -18.56 0.39 4.52
C TYR A 594 -19.72 0.67 5.46
N MET A 595 -19.93 -0.20 6.43
CA MET A 595 -20.98 -0.02 7.41
C MET A 595 -20.66 1.14 8.37
N ILE A 596 -19.38 1.32 8.75
CA ILE A 596 -19.09 2.30 9.79
C ILE A 596 -19.13 3.73 9.23
N PHE A 597 -18.45 3.94 8.10
CA PHE A 597 -18.27 5.26 7.51
C PHE A 597 -19.25 5.40 6.36
N PRO A 598 -19.96 6.53 6.25
CA PRO A 598 -19.60 7.73 7.02
C PRO A 598 -20.40 8.02 8.24
N ARG A 599 -21.39 7.18 8.56
CA ARG A 599 -22.32 7.53 9.60
C ARG A 599 -21.61 7.69 10.93
N LEU A 600 -20.48 7.04 11.11
CA LEU A 600 -19.73 7.31 12.34
C LEU A 600 -19.43 8.79 12.47
N THR A 601 -19.03 9.46 11.38
CA THR A 601 -18.67 10.87 11.53
C THR A 601 -19.90 11.71 11.89
N ALA A 602 -21.09 11.33 11.38
CA ALA A 602 -22.31 12.02 11.82
C ALA A 602 -22.58 11.76 13.29
N MET A 603 -22.20 10.57 13.76
CA MET A 603 -22.37 10.24 15.17
C MET A 603 -21.38 11.00 16.06
N ALA A 604 -20.13 11.19 15.61
CA ALA A 604 -19.16 11.96 16.37
C ALA A 604 -19.57 13.43 16.47
N GLU A 605 -20.24 13.95 15.43
CA GLU A 605 -20.73 15.32 15.47
C GLU A 605 -21.91 15.51 16.43
N ALA A 606 -22.70 14.46 16.69
CA ALA A 606 -23.79 14.55 17.67
C ALA A 606 -23.25 14.45 19.09
N CYS A 607 -22.15 13.70 19.22
CA CYS A 607 -21.46 13.56 20.48
C CYS A 607 -20.83 14.86 20.95
N TRP A 608 -20.42 15.72 20.01
CA TRP A 608 -19.41 16.77 20.25
C TRP A 608 -19.94 18.17 20.03
N THR A 609 -20.64 18.38 18.92
CA THR A 609 -21.14 19.70 18.59
C THR A 609 -22.49 19.96 19.23
N GLU A 610 -22.62 21.17 19.76
CA GLU A 610 -23.85 21.71 20.30
C GLU A 610 -24.92 21.77 19.23
N LYS A 611 -26.13 21.42 19.62
CA LYS A 611 -27.28 21.29 18.73
C LYS A 611 -27.41 22.50 17.85
N GLN A 612 -27.13 23.67 18.40
CA GLN A 612 -27.34 24.88 17.65
C GLN A 612 -26.38 25.05 16.48
N HIS A 613 -25.25 24.35 16.47
CA HIS A 613 -24.30 24.45 15.36
C HIS A 613 -24.41 23.29 14.38
N ARG A 614 -25.38 22.39 14.58
CA ARG A 614 -25.51 21.20 13.75
C ARG A 614 -26.56 21.41 12.67
N ASP A 615 -26.12 21.35 11.40
CA ASP A 615 -26.99 21.54 10.25
C ASP A 615 -26.66 20.49 9.20
N TRP A 616 -27.72 19.90 8.62
CA TRP A 616 -27.50 18.82 7.66
C TRP A 616 -26.70 19.29 6.46
N THR A 617 -27.14 20.39 5.85
CA THR A 617 -26.52 20.89 4.63
C THR A 617 -25.07 21.27 4.89
N ASP A 618 -24.81 21.95 6.01
CA ASP A 618 -23.44 22.29 6.38
C ASP A 618 -22.60 21.05 6.61
N TYR A 619 -23.12 20.06 7.33
CA TYR A 619 -22.37 18.82 7.57
C TYR A 619 -22.07 18.08 6.26
N LEU A 620 -22.97 18.15 5.27
CA LEU A 620 -22.68 17.40 4.05
C LEU A 620 -21.52 18.00 3.27
N SER A 621 -21.35 19.33 3.38
CA SER A 621 -20.26 20.00 2.67
C SER A 621 -18.94 19.79 3.37
N ARG A 622 -18.98 19.62 4.69
CA ARG A 622 -17.77 19.25 5.42
C ARG A 622 -17.43 17.79 5.16
N LEU A 623 -18.44 16.92 5.07
CA LEU A 623 -18.19 15.51 4.75
C LEU A 623 -17.58 15.38 3.36
N LYS A 624 -18.17 16.05 2.38
CA LYS A 624 -17.63 16.02 1.03
C LYS A 624 -16.17 16.45 0.98
N GLY A 625 -15.76 17.42 1.81
CA GLY A 625 -14.36 17.80 1.86
C GLY A 625 -13.50 16.91 2.71
N HIS A 626 -14.09 16.07 3.54
CA HIS A 626 -13.30 15.11 4.31
C HIS A 626 -13.04 13.86 3.54
N LEU A 627 -14.03 13.45 2.75
CA LEU A 627 -13.95 12.25 1.93
C LEU A 627 -12.56 11.98 1.36
N PRO A 628 -11.91 12.93 0.66
CA PRO A 628 -10.54 12.67 0.16
C PRO A 628 -9.60 12.15 1.23
N LEU A 629 -9.75 12.60 2.47
CA LEU A 629 -8.85 12.14 3.51
C LEU A 629 -9.07 10.67 3.84
N LEU A 630 -10.31 10.21 3.70
CA LEU A 630 -10.52 8.76 3.87
C LEU A 630 -10.05 7.96 2.65
N ASP A 631 -10.05 8.58 1.44
CA ASP A 631 -9.48 7.90 0.27
C ASP A 631 -7.96 7.68 0.43
N LEU A 632 -7.27 8.68 0.98
CA LEU A 632 -5.82 8.57 1.19
C LEU A 632 -5.46 7.46 2.19
N GLN A 633 -6.34 7.21 3.16
CA GLN A 633 -6.16 6.15 4.15
C GLN A 633 -6.68 4.78 3.67
N GLY A 634 -7.26 4.69 2.47
CA GLY A 634 -7.85 3.43 1.99
C GLY A 634 -8.96 2.93 2.91
N VAL A 635 -9.90 3.80 3.25
CA VAL A 635 -11.05 3.49 4.11
C VAL A 635 -12.23 3.36 3.19
N ASN A 636 -12.85 2.18 3.14
CA ASN A 636 -13.88 1.92 2.12
C ASN A 636 -15.28 2.37 2.58
N TYR A 637 -15.44 3.67 2.74
CA TYR A 637 -16.71 4.23 3.14
C TYR A 637 -17.76 4.05 2.04
N ARG A 638 -19.02 3.94 2.43
CA ARG A 638 -20.11 4.02 1.46
C ARG A 638 -20.18 5.45 0.93
N LYS A 639 -20.23 5.58 -0.40
CA LYS A 639 -20.03 6.87 -1.04
C LYS A 639 -21.33 7.65 -1.09
N PRO A 640 -21.46 8.71 -0.31
CA PRO A 640 -22.75 9.44 -0.31
C PRO A 640 -23.30 9.79 -1.68
N TRP A 641 -22.42 10.07 -2.66
CA TRP A 641 -22.80 10.74 -3.89
C TRP A 641 -22.71 9.85 -5.12
N LYS A 642 -22.54 8.54 -4.97
CA LYS A 642 -22.49 7.64 -6.13
C LYS A 642 -23.89 7.19 -6.51
N GLY B 3 25.51 6.60 15.02
CA GLY B 3 25.14 5.29 15.60
C GLY B 3 26.41 4.48 15.74
N SER B 4 27.54 5.10 15.36
CA SER B 4 28.77 4.38 15.08
C SER B 4 29.92 4.84 15.96
N GLU B 5 30.74 3.87 16.34
CA GLU B 5 31.94 4.11 17.12
C GLU B 5 33.12 4.50 16.22
N TYR B 6 32.95 4.42 14.92
CA TYR B 6 34.00 4.72 13.95
C TYR B 6 33.48 5.71 12.92
N ARG B 7 34.29 6.70 12.61
CA ARG B 7 33.87 7.75 11.70
C ARG B 7 35.00 8.10 10.75
N VAL B 8 34.64 8.39 9.51
CA VAL B 8 35.58 8.84 8.52
C VAL B 8 35.16 10.22 8.08
N ASP B 9 36.11 11.16 8.08
CA ASP B 9 35.90 12.50 7.57
C ASP B 9 36.79 12.73 6.36
N LEU B 10 36.22 13.28 5.28
CA LEU B 10 36.94 13.55 4.04
C LEU B 10 36.81 15.01 3.70
N VAL B 11 37.92 15.62 3.33
CA VAL B 11 37.95 17.06 3.11
C VAL B 11 38.69 17.36 1.84
N VAL B 12 38.25 18.37 1.11
CA VAL B 12 39.00 18.84 -0.04
C VAL B 12 40.02 19.84 0.49
N LEU B 13 41.31 19.51 0.41
CA LEU B 13 42.33 20.42 0.93
C LEU B 13 42.75 21.45 -0.11
N SER B 14 42.85 21.06 -1.39
CA SER B 14 43.22 22.02 -2.42
C SER B 14 42.86 21.51 -3.79
N GLU B 15 42.63 22.44 -4.73
CA GLU B 15 42.28 22.11 -6.10
C GLU B 15 43.12 22.93 -7.06
N GLN B 16 44.20 22.35 -7.55
CA GLN B 16 44.97 22.93 -8.64
C GLN B 16 44.61 22.20 -9.92
N LYS B 17 44.97 22.81 -11.06
CA LYS B 17 44.46 22.32 -12.33
C LYS B 17 44.47 20.79 -12.35
N GLN B 18 43.26 20.19 -12.32
CA GLN B 18 43.02 18.73 -12.32
C GLN B 18 43.94 17.97 -11.38
N ASN B 19 44.36 18.61 -10.28
CA ASN B 19 45.21 17.99 -9.25
C ASN B 19 44.55 18.33 -7.91
N CYS B 20 43.63 17.47 -7.47
CA CYS B 20 42.89 17.71 -6.24
C CYS B 20 43.51 16.93 -5.09
N ARG B 21 43.80 17.61 -3.99
CA ARG B 21 44.31 16.99 -2.78
C ARG B 21 43.22 16.91 -1.70
N PHE B 22 43.14 15.74 -1.07
CA PHE B 22 42.16 15.43 -0.04
C PHE B 22 42.87 15.12 1.27
N GLY B 23 42.17 15.38 2.37
CA GLY B 23 42.52 14.83 3.66
C GLY B 23 41.48 13.84 4.16
N LEU B 24 41.95 12.71 4.66
CA LEU B 24 41.12 11.67 5.25
C LEU B 24 41.49 11.48 6.72
N THR B 25 40.48 11.57 7.57
CA THR B 25 40.64 11.46 9.02
C THR B 25 39.70 10.37 9.50
N PHE B 26 40.27 9.33 10.08
CA PHE B 26 39.52 8.17 10.52
C PHE B 26 39.53 8.10 12.03
N HIS B 27 38.36 8.23 12.65
CA HIS B 27 38.27 8.39 14.09
C HIS B 27 37.86 7.07 14.74
N ASN B 28 38.54 6.73 15.82
CA ASN B 28 38.20 5.59 16.65
C ASN B 28 37.51 6.12 17.90
N LEU B 29 36.18 6.28 17.84
CA LEU B 29 35.42 6.81 18.97
C LEU B 29 35.16 5.79 20.06
N SER B 30 35.49 4.53 19.83
CA SER B 30 35.15 3.44 20.74
C SER B 30 35.90 3.55 22.07
N ASP B 31 35.73 2.49 22.88
CA ASP B 31 36.37 2.31 24.17
C ASP B 31 37.67 1.55 24.07
N GLN B 32 37.79 0.65 23.10
CA GLN B 32 38.96 -0.20 22.97
C GLN B 32 39.86 0.29 21.84
N ASP B 33 41.06 -0.27 21.81
CA ASP B 33 42.01 0.01 20.74
C ASP B 33 41.69 -0.89 19.56
N LEU B 34 42.03 -0.42 18.36
CA LEU B 34 41.83 -1.19 17.13
C LEU B 34 43.16 -1.80 16.73
N ASN B 35 43.25 -3.12 16.73
CA ASN B 35 44.48 -3.80 16.39
C ASN B 35 44.36 -4.44 15.01
N SER B 36 45.47 -4.44 14.27
CA SER B 36 45.54 -5.01 12.93
C SER B 36 44.30 -4.59 12.13
N TRP B 37 44.04 -3.29 12.12
CA TRP B 37 42.83 -2.82 11.47
C TRP B 37 43.09 -2.48 10.02
N GLY B 38 42.01 -2.53 9.23
CA GLY B 38 42.03 -2.04 7.87
C GLY B 38 40.76 -1.30 7.56
N LEU B 39 40.88 -0.11 7.02
CA LEU B 39 39.74 0.66 6.57
C LEU B 39 39.50 0.40 5.08
N THR B 40 38.23 0.20 4.72
CA THR B 40 37.79 0.00 3.35
C THR B 40 36.63 0.93 3.02
N PHE B 41 36.71 1.63 1.90
CA PHE B 41 35.62 2.49 1.49
C PHE B 41 35.40 2.34 -0.01
N ALA B 42 34.23 2.76 -0.47
CA ALA B 42 33.92 2.87 -1.88
C ALA B 42 34.09 4.32 -2.31
N PHE B 43 34.87 4.52 -3.37
CA PHE B 43 35.25 5.80 -3.95
C PHE B 43 35.43 5.57 -5.43
N ASP B 44 34.98 6.52 -6.24
CA ASP B 44 34.86 6.25 -7.67
C ASP B 44 35.86 7.06 -8.49
N ARG B 45 36.79 7.75 -7.83
CA ARG B 45 37.89 8.43 -8.50
C ARG B 45 39.14 7.62 -8.22
N TYR B 46 40.17 7.81 -9.04
CA TYR B 46 41.38 6.97 -9.00
C TYR B 46 42.43 7.62 -8.10
N ILE B 47 42.71 6.99 -6.96
CA ILE B 47 43.67 7.56 -6.02
C ILE B 47 45.08 7.31 -6.57
N LEU B 48 45.81 8.39 -6.78
CA LEU B 48 47.12 8.33 -7.38
C LEU B 48 48.06 7.69 -6.37
N PRO B 49 48.61 6.51 -6.65
CA PRO B 49 49.25 5.75 -5.55
C PRO B 49 50.48 6.41 -4.96
N ASP B 50 51.21 7.23 -5.73
CA ASP B 50 52.37 7.94 -5.22
C ASP B 50 52.02 9.22 -4.46
N SER B 51 50.74 9.57 -4.33
CA SER B 51 50.37 10.78 -3.60
C SER B 51 50.01 10.48 -2.15
N VAL B 52 50.12 9.24 -1.72
CA VAL B 52 49.51 8.84 -0.46
C VAL B 52 50.48 9.20 0.65
N SER B 53 49.99 9.92 1.62
CA SER B 53 50.88 10.51 2.60
C SER B 53 51.38 9.47 3.59
N ASN B 54 50.62 8.40 3.78
CA ASN B 54 50.68 7.68 5.04
C ASN B 54 49.89 6.39 4.89
N GLY B 55 50.58 5.26 5.06
CA GLY B 55 49.91 3.99 4.99
C GLY B 55 49.83 3.41 3.58
N GLN B 56 49.22 2.23 3.52
CA GLN B 56 49.16 1.41 2.31
C GLN B 56 47.75 1.48 1.76
N LEU B 57 47.59 2.11 0.60
CA LEU B 57 46.25 2.33 0.05
C LEU B 57 46.10 1.58 -1.25
N THR B 58 45.09 0.70 -1.26
CA THR B 58 44.78 -0.22 -2.33
C THR B 58 43.47 0.17 -2.96
N GLN B 59 43.30 -0.11 -4.24
CA GLN B 59 42.06 0.23 -4.91
C GLN B 59 41.81 -0.78 -6.02
N ILE B 60 40.67 -1.47 -5.95
CA ILE B 60 40.20 -2.36 -7.02
C ILE B 60 38.86 -1.82 -7.50
N GLY B 61 38.91 -1.10 -8.60
CA GLY B 61 37.76 -0.34 -9.03
C GLY B 61 37.37 0.74 -8.04
N SER B 62 36.20 0.60 -7.42
CA SER B 62 35.69 1.59 -6.47
C SER B 62 36.14 1.27 -5.06
N PHE B 63 36.70 0.09 -4.85
CA PHE B 63 36.89 -0.53 -3.55
C PHE B 63 38.32 -0.27 -3.06
N CYS B 64 38.46 0.65 -2.12
CA CYS B 64 39.75 1.02 -1.57
C CYS B 64 39.93 0.43 -0.20
N THR B 65 41.16 0.03 0.10
CA THR B 65 41.54 -0.48 1.40
C THR B 65 42.71 0.35 1.86
N LEU B 66 42.54 1.04 2.98
CA LEU B 66 43.62 1.77 3.64
C LEU B 66 44.10 0.93 4.82
N LYS B 67 45.32 0.43 4.73
CA LYS B 67 45.92 -0.29 5.83
C LYS B 67 47.04 0.55 6.43
N PRO B 68 47.11 0.67 7.74
CA PRO B 68 48.28 1.29 8.36
C PRO B 68 49.34 0.26 8.74
N GLU B 69 50.60 0.50 8.38
CA GLU B 69 51.70 -0.25 8.95
C GLU B 69 52.04 0.31 10.31
N GLY B 70 51.23 1.25 10.81
CA GLY B 70 51.23 1.64 12.21
C GLY B 70 50.86 0.46 13.09
N ILE B 71 49.63 -0.02 12.89
CA ILE B 71 48.99 -1.29 13.29
C ILE B 71 48.03 -1.08 14.46
N VAL B 72 48.30 -0.05 15.26
CA VAL B 72 47.49 0.22 16.43
C VAL B 72 46.87 1.59 16.23
N LEU B 73 45.56 1.67 16.42
CA LEU B 73 44.84 2.92 16.59
C LEU B 73 44.12 2.79 17.92
N ALA B 74 44.43 3.66 18.85
CA ALA B 74 43.89 3.41 20.18
C ALA B 74 42.64 4.24 20.42
N ALA B 75 42.02 3.98 21.57
CA ALA B 75 40.74 4.59 21.91
C ALA B 75 40.82 6.09 21.76
N ASN B 76 39.75 6.65 21.18
CA ASN B 76 39.56 8.09 21.06
C ASN B 76 40.64 8.76 20.21
N HIS B 77 41.70 7.98 19.75
CA HIS B 77 42.71 8.44 18.74
C HIS B 77 41.99 8.66 17.42
N HIS B 78 42.84 8.83 16.42
CA HIS B 78 42.49 8.80 15.00
C HIS B 78 43.70 8.59 14.08
N TYR B 79 43.43 8.12 12.84
CA TYR B 79 44.43 7.89 11.80
C TYR B 79 44.25 8.95 10.71
N TYR B 80 45.36 9.46 10.17
CA TYR B 80 45.24 10.51 9.19
C TYR B 80 46.07 10.24 7.93
N CYS B 81 45.42 10.49 6.79
CA CYS B 81 45.98 10.23 5.49
C CYS B 81 45.60 11.36 4.54
N GLU B 82 46.54 11.75 3.68
CA GLU B 82 46.23 12.64 2.57
C GLU B 82 46.49 11.91 1.26
N PHE B 83 45.74 12.30 0.22
CA PHE B 83 45.94 11.75 -1.12
C PHE B 83 45.41 12.72 -2.16
N SER B 84 45.88 12.51 -3.38
CA SER B 84 45.51 13.37 -4.49
C SER B 84 44.78 12.54 -5.53
N ILE B 85 44.14 13.22 -6.50
CA ILE B 85 43.54 12.58 -7.68
C ILE B 85 43.61 13.53 -8.87
N GLY B 86 43.54 12.98 -10.09
CA GLY B 86 43.28 13.78 -11.26
C GLY B 86 41.79 13.87 -11.50
N SER B 87 41.29 15.10 -11.67
CA SER B 87 39.86 15.36 -11.75
C SER B 87 39.57 16.85 -11.65
N ASN B 88 38.42 17.27 -12.21
CA ASN B 88 37.87 18.58 -11.89
C ASN B 88 37.41 18.63 -10.44
N PRO B 89 37.17 19.83 -9.91
CA PRO B 89 36.72 19.93 -8.51
C PRO B 89 35.43 19.16 -8.31
N PHE B 90 35.33 18.50 -7.16
CA PHE B 90 34.09 17.85 -6.74
C PHE B 90 33.00 18.90 -6.56
N ARG B 91 31.87 18.72 -7.24
CA ARG B 91 30.78 19.65 -7.11
C ARG B 91 29.67 19.17 -6.17
N TYR B 92 29.75 17.93 -5.67
CA TYR B 92 28.58 17.25 -5.12
C TYR B 92 28.95 16.40 -3.92
N TYR B 93 28.05 16.34 -2.95
CA TYR B 93 28.25 15.42 -1.85
C TYR B 93 28.28 13.97 -2.31
N SER B 94 27.63 13.64 -3.46
CA SER B 94 27.69 12.26 -3.98
C SER B 94 29.12 11.86 -4.36
N ASP B 95 29.92 12.83 -4.81
CA ASP B 95 31.31 12.55 -5.18
C ASP B 95 32.13 12.01 -4.01
N GLY B 96 31.64 12.13 -2.78
CA GLY B 96 32.39 11.67 -1.63
C GLY B 96 32.23 10.16 -1.47
N PHE B 97 32.85 9.60 -0.42
CA PHE B 97 32.81 8.15 -0.22
C PHE B 97 31.36 7.67 -0.07
N ASN B 98 31.00 6.62 -0.78
CA ASN B 98 29.63 6.08 -0.68
C ASN B 98 29.39 5.29 0.58
N GLU B 99 30.45 4.75 1.20
CA GLU B 99 30.28 3.81 2.30
C GLU B 99 31.66 3.45 2.85
N ALA B 100 31.76 3.19 4.16
CA ALA B 100 33.00 2.76 4.77
C ALA B 100 32.77 1.65 5.77
N MET B 101 33.81 0.85 5.99
CA MET B 101 33.78 -0.11 7.09
C MET B 101 35.22 -0.44 7.49
N ILE B 102 35.35 -1.06 8.67
CA ILE B 102 36.67 -1.47 9.18
C ILE B 102 36.68 -2.98 9.46
N ASP B 103 37.82 -3.61 9.13
CA ASP B 103 38.23 -4.91 9.63
C ASP B 103 39.25 -4.73 10.74
N PHE B 104 39.21 -5.60 11.75
CA PHE B 104 40.23 -5.58 12.80
C PHE B 104 40.20 -6.91 13.55
N VAL B 105 41.07 -7.03 14.55
CA VAL B 105 41.26 -8.29 15.27
C VAL B 105 41.21 -8.01 16.77
N VAL B 106 40.21 -8.57 17.45
CA VAL B 106 40.12 -8.51 18.91
C VAL B 106 40.40 -9.90 19.45
N ASP B 107 41.42 -10.00 20.30
CA ASP B 107 41.83 -11.29 20.86
C ASP B 107 41.91 -12.36 19.77
N GLY B 108 42.54 -12.02 18.64
CA GLY B 108 42.73 -13.00 17.59
C GLY B 108 41.46 -13.40 16.85
N GLN B 109 40.45 -12.54 16.86
CA GLN B 109 39.19 -12.88 16.23
C GLN B 109 38.81 -11.78 15.24
N PRO B 110 38.77 -12.06 13.93
CA PRO B 110 38.53 -10.98 12.95
C PRO B 110 37.14 -10.38 13.14
N GLN B 111 37.11 -9.04 13.22
CA GLN B 111 35.90 -8.27 13.42
C GLN B 111 35.75 -7.25 12.30
N ARG B 112 34.57 -6.64 12.24
CA ARG B 112 34.19 -5.74 11.17
C ARG B 112 33.07 -4.86 11.71
N ALA B 113 33.09 -3.59 11.33
CA ALA B 113 32.09 -2.63 11.77
C ALA B 113 31.84 -1.60 10.69
N GLN B 114 30.57 -1.20 10.55
CA GLN B 114 30.27 -0.11 9.63
C GLN B 114 30.87 1.16 10.20
N VAL B 115 31.32 2.01 9.32
CA VAL B 115 31.92 3.29 9.66
C VAL B 115 30.99 4.40 9.20
N ASP B 116 30.84 5.41 10.03
CA ASP B 116 30.08 6.57 9.64
C ASP B 116 30.88 7.39 8.65
N VAL B 117 30.29 7.71 7.51
CA VAL B 117 30.92 8.57 6.52
C VAL B 117 30.29 9.95 6.61
N THR B 118 31.05 10.89 7.18
CA THR B 118 30.63 12.28 7.19
C THR B 118 30.57 12.78 5.75
N PRO B 119 29.59 13.62 5.40
CA PRO B 119 29.60 14.24 4.08
C PRO B 119 30.94 14.89 3.78
N ILE B 120 31.41 14.70 2.54
CA ILE B 120 32.64 15.35 2.11
C ILE B 120 32.51 16.84 2.36
N VAL B 121 33.58 17.43 2.88
CA VAL B 121 33.67 18.89 2.97
C VAL B 121 34.16 19.41 1.63
N LEU B 122 33.27 20.05 0.88
CA LEU B 122 33.55 20.47 -0.48
C LEU B 122 34.26 21.82 -0.49
N ALA B 123 34.94 22.09 -1.60
CA ALA B 123 35.66 23.34 -1.75
C ALA B 123 34.97 24.26 -2.73
N SER B 124 34.57 23.76 -3.92
CA SER B 124 33.93 24.59 -4.95
C SER B 124 32.56 24.09 -5.39
N PRO B 125 31.59 24.10 -4.49
CA PRO B 125 30.21 23.86 -4.94
C PRO B 125 29.76 25.00 -5.82
N TYR B 126 28.82 24.68 -6.71
CA TYR B 126 28.24 25.67 -7.59
C TYR B 126 27.43 26.67 -6.77
N ARG B 127 27.49 27.95 -7.17
CA ARG B 127 26.52 28.92 -6.67
C ARG B 127 25.24 28.90 -7.48
N GLU B 128 25.30 28.53 -8.75
CA GLU B 128 24.16 28.57 -9.65
C GLU B 128 23.07 27.60 -9.19
N ARG B 129 21.81 27.88 -9.57
CA ARG B 129 20.68 26.98 -9.32
C ARG B 129 19.70 27.06 -10.48
N SER B 130 19.30 25.90 -11.00
CA SER B 130 18.24 25.89 -12.00
C SER B 130 16.93 26.30 -11.34
N ASP B 131 16.22 27.22 -11.98
CA ASP B 131 14.95 27.70 -11.44
C ASP B 131 13.82 27.29 -12.38
N ILE B 132 12.85 26.55 -11.86
CA ILE B 132 11.65 26.21 -12.59
C ILE B 132 10.59 27.25 -12.33
N PRO B 133 10.09 27.97 -13.33
CA PRO B 133 9.11 29.03 -13.09
C PRO B 133 7.81 28.46 -12.54
N ALA B 134 7.06 29.30 -11.83
CA ALA B 134 5.69 28.98 -11.46
C ALA B 134 4.90 28.64 -12.71
N SER B 135 3.95 27.72 -12.56
CA SER B 135 3.18 27.25 -13.71
C SER B 135 1.71 27.25 -13.38
N LEU B 136 0.92 27.52 -14.41
CA LEU B 136 -0.47 27.13 -14.42
C LEU B 136 -0.58 25.61 -14.61
N THR B 137 -1.79 25.09 -14.45
CA THR B 137 -2.05 23.67 -14.62
C THR B 137 -2.98 23.44 -15.80
N HIS B 138 -2.62 22.50 -16.66
CA HIS B 138 -3.26 22.29 -17.95
C HIS B 138 -4.40 21.29 -17.79
N ALA B 139 -5.57 21.65 -18.31
CA ALA B 139 -6.72 20.77 -18.15
C ALA B 139 -6.48 19.42 -18.83
N GLN B 140 -5.56 19.37 -19.84
CA GLN B 140 -5.12 18.11 -20.44
C GLN B 140 -3.65 17.77 -20.10
N PRO B 141 -3.39 17.17 -18.94
CA PRO B 141 -2.01 16.83 -18.56
C PRO B 141 -1.50 15.63 -19.33
N LEU B 142 -1.34 15.80 -20.65
CA LEU B 142 -0.91 14.74 -21.55
C LEU B 142 0.60 14.82 -21.81
N LEU B 143 1.31 13.75 -21.49
CA LEU B 143 2.75 13.65 -21.72
C LEU B 143 3.03 12.26 -22.28
N PRO B 144 3.55 12.12 -23.53
CA PRO B 144 3.85 13.13 -24.53
C PRO B 144 2.70 13.87 -25.15
N LYS B 145 2.94 15.14 -25.47
CA LYS B 145 1.94 15.98 -26.11
C LYS B 145 1.46 15.31 -27.41
N PRO B 146 0.20 14.92 -27.51
CA PRO B 146 -0.28 14.40 -28.80
C PRO B 146 0.03 15.42 -29.88
N ASN B 147 0.31 14.92 -31.08
CA ASN B 147 0.69 15.79 -32.18
C ASN B 147 -0.53 16.43 -32.83
N HIS B 148 -1.73 15.91 -32.57
CA HIS B 148 -2.94 16.68 -32.84
C HIS B 148 -3.97 16.50 -31.76
N ILE B 149 -4.48 17.62 -31.28
CA ILE B 149 -5.57 17.54 -30.33
C ILE B 149 -6.41 18.80 -30.38
N GLU B 150 -7.71 18.61 -30.60
CA GLU B 150 -8.72 19.65 -30.55
C GLU B 150 -9.59 19.34 -29.36
N VAL B 151 -9.71 20.30 -28.45
CA VAL B 151 -10.49 20.15 -27.23
C VAL B 151 -11.76 20.98 -27.39
N SER B 152 -12.87 20.44 -26.90
CA SER B 152 -14.12 21.16 -26.84
C SER B 152 -14.34 21.63 -25.40
N ASP B 153 -15.46 22.31 -25.16
CA ASP B 153 -15.72 22.82 -23.83
C ASP B 153 -16.50 21.86 -22.94
N HIS B 154 -17.11 20.82 -23.51
CA HIS B 154 -17.85 19.90 -22.67
C HIS B 154 -17.07 18.61 -22.45
N SER B 155 -17.71 17.66 -21.78
CA SER B 155 -17.02 16.50 -21.28
C SER B 155 -17.97 15.31 -21.26
N PHE B 156 -17.37 14.13 -21.11
CA PHE B 156 -18.08 12.87 -21.09
C PHE B 156 -17.80 12.21 -19.76
N THR B 157 -18.83 12.01 -18.95
CA THR B 157 -18.72 11.35 -17.66
C THR B 157 -19.36 9.97 -17.75
N PHE B 158 -18.71 8.99 -17.14
CA PHE B 158 -19.17 7.60 -17.17
C PHE B 158 -18.71 6.92 -15.86
N ASP B 159 -19.35 5.79 -15.56
CA ASP B 159 -19.12 5.03 -14.32
C ASP B 159 -18.66 3.62 -14.71
N GLU B 160 -18.59 2.73 -13.72
CA GLU B 160 -18.02 1.40 -13.91
C GLU B 160 -18.93 0.45 -14.69
N GLN B 161 -20.07 0.93 -15.20
CA GLN B 161 -20.96 0.11 -15.99
C GLN B 161 -20.93 0.55 -17.44
N ALA B 162 -19.98 1.43 -17.78
CA ALA B 162 -19.91 1.96 -19.13
C ALA B 162 -19.71 0.84 -20.17
N GLY B 163 -19.02 -0.24 -19.79
CA GLY B 163 -18.73 -1.35 -20.68
C GLY B 163 -17.71 -0.98 -21.75
N VAL B 164 -16.95 -1.96 -22.21
CA VAL B 164 -15.92 -1.74 -23.20
C VAL B 164 -16.14 -2.66 -24.37
N ALA B 165 -16.28 -2.08 -25.56
CA ALA B 165 -16.48 -2.80 -26.80
C ALA B 165 -15.17 -2.93 -27.53
N ILE B 166 -14.96 -4.06 -28.18
CA ILE B 166 -13.74 -4.32 -28.95
C ILE B 166 -14.08 -5.11 -30.22
N TYR B 167 -13.96 -4.45 -31.38
CA TYR B 167 -14.30 -5.06 -32.66
C TYR B 167 -13.09 -5.27 -33.57
N THR B 168 -11.91 -5.53 -33.00
CA THR B 168 -10.76 -6.11 -33.71
C THR B 168 -9.89 -6.84 -32.71
N ASP B 169 -9.45 -8.05 -33.06
CA ASP B 169 -8.53 -8.75 -32.15
C ASP B 169 -7.20 -8.01 -31.96
N LEU B 170 -6.87 -7.06 -32.85
CA LEU B 170 -5.62 -6.31 -32.68
C LEU B 170 -5.54 -5.52 -31.36
N ALA B 171 -6.66 -5.14 -30.76
CA ALA B 171 -6.63 -4.24 -29.61
C ALA B 171 -6.70 -4.96 -28.29
N ASN B 172 -6.64 -6.30 -28.32
CA ASN B 172 -6.94 -7.08 -27.13
C ASN B 172 -6.01 -6.72 -25.95
N SER B 173 -4.73 -6.48 -26.26
CA SER B 173 -3.68 -6.30 -25.25
C SER B 173 -3.76 -4.91 -24.65
N ALA B 174 -3.91 -3.92 -25.52
CA ALA B 174 -4.22 -2.59 -25.06
C ALA B 174 -5.43 -2.61 -24.15
N LYS B 175 -6.50 -3.30 -24.57
CA LYS B 175 -7.75 -3.25 -23.82
C LYS B 175 -7.56 -3.83 -22.42
N ALA B 176 -6.89 -4.98 -22.35
CA ALA B 176 -6.65 -5.58 -21.05
C ALA B 176 -5.67 -4.73 -20.25
N TRP B 177 -4.76 -4.02 -20.94
CA TRP B 177 -3.80 -3.20 -20.21
C TRP B 177 -4.52 -2.02 -19.58
N LEU B 178 -5.38 -1.37 -20.36
CA LEU B 178 -6.17 -0.25 -19.84
C LEU B 178 -6.99 -0.70 -18.65
N LEU B 179 -7.76 -1.77 -18.82
CA LEU B 179 -8.59 -2.25 -17.71
C LEU B 179 -7.72 -2.54 -16.50
N GLU B 180 -6.53 -3.06 -16.74
CA GLU B 180 -5.63 -3.41 -15.64
C GLU B 180 -5.16 -2.14 -14.96
N GLU B 181 -4.91 -1.08 -15.72
CA GLU B 181 -4.35 0.13 -15.15
C GLU B 181 -5.41 0.97 -14.45
N LEU B 182 -6.62 0.96 -14.99
CA LEU B 182 -7.76 1.58 -14.32
C LEU B 182 -8.02 0.92 -12.97
N GLN B 183 -7.78 -0.39 -12.86
CA GLN B 183 -7.98 -1.06 -11.59
C GLN B 183 -6.82 -0.81 -10.63
N ARG B 184 -5.60 -0.88 -11.13
CA ARG B 184 -4.43 -0.79 -10.27
C ARG B 184 -4.27 0.62 -9.74
N ILE B 185 -4.55 1.61 -10.58
CA ILE B 185 -4.27 2.99 -10.24
C ILE B 185 -5.48 3.66 -9.58
N HIS B 186 -6.68 3.35 -10.04
CA HIS B 186 -7.89 4.01 -9.56
C HIS B 186 -8.96 3.08 -8.97
N GLN B 187 -8.71 1.79 -8.83
CA GLN B 187 -9.71 0.94 -8.19
C GLN B 187 -11.05 1.13 -8.89
N PHE B 188 -10.97 1.23 -10.22
CA PHE B 188 -12.08 1.53 -11.12
C PHE B 188 -12.21 0.32 -12.04
N THR B 189 -13.25 -0.46 -11.85
CA THR B 189 -13.42 -1.67 -12.62
C THR B 189 -14.29 -1.38 -13.82
N LEU B 190 -13.74 -1.56 -15.02
CA LEU B 190 -14.55 -1.58 -16.24
C LEU B 190 -14.70 -3.02 -16.71
N SER B 191 -15.81 -3.29 -17.40
CA SER B 191 -16.14 -4.64 -17.84
C SER B 191 -16.52 -4.63 -19.31
N SER B 192 -16.27 -5.77 -19.97
CA SER B 192 -16.55 -5.93 -21.39
C SER B 192 -18.05 -5.99 -21.64
N SER B 193 -18.47 -5.44 -22.79
CA SER B 193 -19.85 -5.40 -23.23
C SER B 193 -19.90 -5.03 -24.70
N ASN B 194 -20.74 -5.76 -25.46
CA ASN B 194 -20.99 -5.44 -26.86
C ASN B 194 -21.74 -4.12 -27.02
N SER B 195 -22.27 -3.55 -25.95
CA SER B 195 -22.85 -2.21 -26.00
C SER B 195 -22.03 -1.23 -25.13
N GLY B 196 -20.70 -1.44 -25.04
CA GLY B 196 -19.86 -0.54 -24.26
C GLY B 196 -19.77 0.87 -24.84
N LYS B 197 -19.48 1.83 -23.96
CA LYS B 197 -19.34 3.23 -24.33
C LYS B 197 -17.89 3.58 -24.64
N ILE B 198 -16.96 2.70 -24.26
CA ILE B 198 -15.56 2.78 -24.63
C ILE B 198 -15.37 1.77 -25.74
N ILE B 199 -15.11 2.21 -26.96
CA ILE B 199 -15.08 1.32 -28.12
C ILE B 199 -13.71 1.29 -28.79
N PHE B 200 -13.10 0.11 -28.81
CA PHE B 200 -11.93 -0.19 -29.65
C PHE B 200 -12.35 -0.65 -31.05
N LYS B 201 -11.93 0.12 -32.05
CA LYS B 201 -12.29 -0.02 -33.46
C LYS B 201 -11.06 -0.11 -34.33
N SER B 202 -11.11 -0.96 -35.36
CA SER B 202 -10.03 -1.05 -36.31
C SER B 202 -10.12 0.08 -37.32
N ASN B 203 -8.94 0.61 -37.72
CA ASN B 203 -8.84 1.64 -38.75
C ASN B 203 -7.56 1.45 -39.49
N PRO B 204 -7.58 0.90 -40.72
CA PRO B 204 -6.34 0.55 -41.41
C PRO B 204 -5.64 1.70 -42.12
N THR B 205 -6.21 2.91 -42.16
CA THR B 205 -5.45 4.05 -42.71
C THR B 205 -4.36 4.55 -41.76
N LEU B 206 -4.23 3.98 -40.56
CA LEU B 206 -3.36 4.52 -39.50
C LEU B 206 -2.11 3.66 -39.39
N ASP B 207 -0.95 4.27 -39.59
CA ASP B 207 0.29 3.52 -39.69
C ASP B 207 0.82 3.17 -38.31
N GLU B 208 1.91 2.41 -38.30
CA GLU B 208 2.36 1.81 -37.05
C GLU B 208 2.46 2.85 -35.96
N GLY B 209 1.80 2.55 -34.83
CA GLY B 209 1.79 3.35 -33.65
C GLY B 209 0.87 4.54 -33.66
N ALA B 210 0.31 4.89 -34.82
CA ALA B 210 -0.62 5.99 -34.92
C ALA B 210 -1.96 5.55 -34.35
N TYR B 211 -2.72 6.51 -33.84
CA TYR B 211 -4.04 6.20 -33.30
C TYR B 211 -4.95 7.41 -33.50
N LYS B 212 -6.27 7.18 -33.30
CA LYS B 212 -7.28 8.22 -33.14
C LYS B 212 -8.11 7.96 -31.90
N LEU B 213 -8.38 9.02 -31.16
CA LEU B 213 -9.11 8.96 -29.91
C LEU B 213 -10.11 10.09 -29.95
N LYS B 214 -11.40 9.75 -29.97
CA LYS B 214 -12.48 10.73 -29.95
C LYS B 214 -13.27 10.54 -28.68
N VAL B 215 -13.39 11.60 -27.89
CA VAL B 215 -14.37 11.69 -26.83
C VAL B 215 -15.56 12.47 -27.32
N SER B 216 -16.72 11.84 -27.36
CA SER B 216 -17.98 12.57 -27.54
C SER B 216 -18.66 12.78 -26.19
N GLU B 217 -19.94 13.17 -26.22
CA GLU B 217 -20.75 13.24 -25.01
C GLU B 217 -21.42 11.91 -24.72
N GLU B 218 -21.20 10.89 -25.57
CA GLU B 218 -21.88 9.61 -25.43
C GLU B 218 -20.94 8.43 -25.47
N SER B 219 -19.68 8.64 -25.84
CA SER B 219 -18.80 7.54 -26.18
C SER B 219 -17.34 7.99 -26.22
N ILE B 220 -16.46 7.02 -26.00
CA ILE B 220 -15.04 7.18 -26.29
C ILE B 220 -14.67 6.12 -27.32
N LYS B 221 -14.21 6.58 -28.48
CA LYS B 221 -13.81 5.74 -29.59
C LYS B 221 -12.29 5.81 -29.80
N ILE B 222 -11.65 4.64 -29.81
CA ILE B 222 -10.21 4.48 -29.98
C ILE B 222 -9.97 3.75 -31.28
N GLU B 223 -9.15 4.32 -32.15
CA GLU B 223 -8.94 3.80 -33.49
C GLU B 223 -7.46 3.62 -33.81
N ALA B 224 -7.10 2.41 -34.26
CA ALA B 224 -5.73 2.15 -34.65
C ALA B 224 -5.69 1.08 -35.72
N GLY B 225 -4.62 1.12 -36.51
CA GLY B 225 -4.29 0.08 -37.47
C GLY B 225 -3.30 -0.94 -36.95
N SER B 226 -2.87 -0.83 -35.69
CA SER B 226 -1.74 -1.59 -35.17
C SER B 226 -1.90 -1.75 -33.68
N SER B 227 -1.43 -2.88 -33.17
CA SER B 227 -1.46 -3.09 -31.73
C SER B 227 -0.77 -1.92 -31.01
N SER B 228 0.39 -1.50 -31.54
CA SER B 228 1.13 -0.39 -30.92
C SER B 228 0.25 0.86 -30.76
N GLY B 229 -0.46 1.28 -31.83
CA GLY B 229 -1.39 2.42 -31.73
C GLY B 229 -2.47 2.23 -30.66
N PHE B 230 -2.95 1.00 -30.47
CA PHE B 230 -4.00 0.80 -29.46
C PHE B 230 -3.43 1.00 -28.06
N THR B 231 -2.17 0.59 -27.87
CA THR B 231 -1.44 0.83 -26.62
C THR B 231 -1.13 2.31 -26.42
N HIS B 232 -0.80 3.03 -27.48
CA HIS B 232 -0.55 4.46 -27.30
C HIS B 232 -1.85 5.20 -26.99
N ALA B 233 -2.95 4.77 -27.63
CA ALA B 233 -4.25 5.39 -27.36
C ALA B 233 -4.63 5.23 -25.90
N CYS B 234 -4.40 4.02 -25.38
CA CYS B 234 -4.69 3.73 -23.99
C CYS B 234 -3.78 4.52 -23.04
N ALA B 235 -2.54 4.83 -23.46
CA ALA B 235 -1.71 5.62 -22.58
C ALA B 235 -2.21 7.05 -22.59
N THR B 236 -2.70 7.53 -23.72
CA THR B 236 -3.26 8.86 -23.65
C THR B 236 -4.50 8.90 -22.77
N LEU B 237 -5.36 7.90 -22.89
CA LEU B 237 -6.63 7.93 -22.17
C LEU B 237 -6.43 8.02 -20.65
N LEU B 238 -5.43 7.32 -20.12
CA LEU B 238 -5.21 7.30 -18.68
C LEU B 238 -4.66 8.62 -18.18
N GLN B 239 -4.12 9.43 -19.07
CA GLN B 239 -3.78 10.79 -18.69
C GLN B 239 -4.93 11.75 -18.89
N LEU B 240 -5.81 11.44 -19.85
CA LEU B 240 -6.97 12.27 -20.12
C LEU B 240 -8.03 12.11 -19.06
N LEU B 241 -8.14 10.92 -18.49
CA LEU B 241 -9.28 10.67 -17.61
C LEU B 241 -9.07 11.38 -16.27
N LYS B 242 -10.17 11.88 -15.71
CA LYS B 242 -10.15 12.61 -14.47
C LYS B 242 -11.14 11.96 -13.51
N ARG B 243 -10.63 11.50 -12.38
CA ARG B 243 -11.46 10.70 -11.49
C ARG B 243 -12.16 11.57 -10.48
N ASP B 244 -13.41 11.23 -10.20
CA ASP B 244 -14.15 11.73 -9.05
C ASP B 244 -14.50 10.56 -8.16
N GLU B 245 -13.71 10.40 -7.08
CA GLU B 245 -13.95 9.32 -6.12
C GLU B 245 -15.26 9.47 -5.39
N ALA B 246 -15.86 10.67 -5.37
CA ALA B 246 -17.11 10.87 -4.63
C ALA B 246 -18.29 10.20 -5.32
N THR B 247 -18.29 10.21 -6.64
CA THR B 247 -19.33 9.62 -7.45
C THR B 247 -18.84 8.37 -8.15
N LYS B 248 -17.59 7.98 -7.93
CA LYS B 248 -16.94 6.87 -8.65
C LYS B 248 -17.15 6.98 -10.15
N THR B 249 -16.91 8.17 -10.68
CA THR B 249 -17.00 8.43 -12.10
C THR B 249 -15.64 8.80 -12.70
N MET B 250 -15.53 8.59 -14.01
CA MET B 250 -14.46 9.10 -14.83
C MET B 250 -15.01 10.27 -15.64
N GLU B 251 -14.13 11.11 -16.12
CA GLU B 251 -14.52 12.23 -16.93
C GLU B 251 -13.38 12.55 -17.88
N ALA B 252 -13.73 12.77 -19.13
CA ALA B 252 -12.80 13.05 -20.19
C ALA B 252 -13.42 14.15 -21.02
N VAL B 253 -12.62 15.16 -21.36
CA VAL B 253 -13.09 16.27 -22.15
C VAL B 253 -13.45 15.77 -23.55
N CYS B 254 -14.51 16.33 -24.12
CA CYS B 254 -14.77 16.09 -25.52
C CYS B 254 -13.54 16.53 -26.28
N CYS B 255 -13.09 15.70 -27.21
CA CYS B 255 -11.90 16.08 -27.95
C CYS B 255 -11.65 15.07 -29.05
N SER B 256 -10.87 15.50 -30.03
CA SER B 256 -10.35 14.64 -31.07
C SER B 256 -8.83 14.63 -31.03
N ILE B 257 -8.24 13.44 -30.92
CA ILE B 257 -6.79 13.25 -30.93
C ILE B 257 -6.40 12.37 -32.12
N ILE B 258 -5.49 12.89 -32.93
CA ILE B 258 -4.87 12.14 -34.01
C ILE B 258 -3.36 12.25 -33.79
N ASP B 259 -2.70 11.11 -33.55
CA ASP B 259 -1.35 11.12 -33.00
C ASP B 259 -0.50 9.96 -33.47
N SER B 260 0.79 10.24 -33.63
CA SER B 260 1.79 9.41 -34.26
C SER B 260 3.17 9.76 -33.73
N PRO B 261 4.08 8.78 -33.58
CA PRO B 261 5.42 9.05 -33.04
C PRO B 261 6.35 9.68 -34.05
N ARG B 262 7.08 10.68 -33.59
CA ARG B 262 8.12 11.24 -34.44
C ARG B 262 9.22 10.22 -34.72
N PHE B 263 9.55 9.34 -33.75
CA PHE B 263 10.66 8.41 -33.85
C PHE B 263 10.19 6.98 -33.61
N ARG B 264 10.72 6.06 -34.43
CA ARG B 264 10.41 4.64 -34.28
C ARG B 264 10.96 4.08 -32.99
N TYR B 265 12.12 4.53 -32.56
CA TYR B 265 12.83 3.92 -31.44
C TYR B 265 12.84 4.90 -30.26
N ARG B 266 12.24 4.47 -29.17
CA ARG B 266 11.82 5.32 -28.06
C ARG B 266 12.16 4.49 -26.83
N GLY B 267 13.42 4.64 -26.36
CA GLY B 267 14.03 3.70 -25.44
C GLY B 267 14.41 4.24 -24.08
N MET B 268 14.51 3.34 -23.11
CA MET B 268 15.08 3.60 -21.82
C MET B 268 15.91 2.38 -21.47
N MET B 269 17.16 2.60 -21.04
CA MET B 269 18.09 1.53 -20.68
C MET B 269 18.19 1.55 -19.17
N LEU B 270 18.33 0.37 -18.57
CA LEU B 270 18.50 0.22 -17.13
C LEU B 270 19.71 -0.67 -16.87
N ASP B 271 20.61 -0.15 -16.02
CA ASP B 271 21.81 -0.84 -15.59
C ASP B 271 21.48 -1.67 -14.35
N CYS B 272 21.41 -3.00 -14.54
CA CYS B 272 21.13 -3.94 -13.48
C CYS B 272 22.38 -4.67 -13.05
N ALA B 273 23.49 -4.39 -13.73
CA ALA B 273 24.77 -4.91 -13.28
C ALA B 273 25.29 -4.19 -12.02
N ARG B 274 25.26 -2.87 -11.99
CA ARG B 274 25.94 -2.18 -10.88
C ARG B 274 25.19 -2.36 -9.57
N HIS B 275 23.86 -2.41 -9.66
CA HIS B 275 23.00 -2.79 -8.57
C HIS B 275 21.86 -3.57 -9.15
N PHE B 276 21.37 -4.53 -8.35
CA PHE B 276 20.35 -5.45 -8.78
C PHE B 276 18.96 -4.96 -8.40
N HIS B 277 18.11 -4.94 -9.40
CA HIS B 277 16.74 -4.54 -9.22
C HIS B 277 15.89 -5.76 -9.42
N SER B 278 14.94 -5.93 -8.54
CA SER B 278 14.15 -7.13 -8.55
C SER B 278 13.26 -7.18 -9.78
N VAL B 279 12.86 -8.40 -10.14
CA VAL B 279 11.84 -8.58 -11.19
C VAL B 279 10.67 -7.60 -11.01
N GLU B 280 10.19 -7.40 -9.76
CA GLU B 280 9.04 -6.49 -9.55
C GLU B 280 9.41 -5.05 -9.85
N GLN B 281 10.57 -4.63 -9.37
CA GLN B 281 11.03 -3.29 -9.67
C GLN B 281 11.16 -3.10 -11.16
N VAL B 282 11.69 -4.10 -11.87
CA VAL B 282 11.84 -4.00 -13.32
C VAL B 282 10.47 -3.96 -14.00
N LYS B 283 9.54 -4.82 -13.56
CA LYS B 283 8.20 -4.78 -14.16
C LYS B 283 7.57 -3.41 -13.99
N ARG B 284 7.70 -2.87 -12.77
CA ARG B 284 7.12 -1.59 -12.42
C ARG B 284 7.68 -0.50 -13.32
N LEU B 285 8.99 -0.56 -13.60
CA LEU B 285 9.56 0.44 -14.48
C LEU B 285 9.01 0.27 -15.87
N ILE B 286 9.12 -0.95 -16.40
CA ILE B 286 8.62 -1.22 -17.75
C ILE B 286 7.18 -0.68 -17.91
N ASN B 287 6.30 -0.97 -16.95
CA ASN B 287 4.94 -0.42 -17.02
C ASN B 287 4.95 1.10 -17.18
N LEU B 288 5.65 1.80 -16.29
CA LEU B 288 5.75 3.25 -16.40
C LEU B 288 6.33 3.69 -17.74
N LEU B 289 7.22 2.89 -18.33
CA LEU B 289 7.68 3.21 -19.68
C LEU B 289 6.49 3.30 -20.65
N ALA B 290 5.56 2.34 -20.58
CA ALA B 290 4.45 2.34 -21.53
C ALA B 290 3.54 3.54 -21.34
N HIS B 291 3.48 4.09 -20.10
CA HIS B 291 2.68 5.29 -19.84
C HIS B 291 3.13 6.48 -20.64
N TYR B 292 4.40 6.53 -21.02
CA TYR B 292 4.96 7.68 -21.71
C TYR B 292 5.27 7.39 -23.16
N LYS B 293 4.78 6.20 -23.60
CA LYS B 293 4.69 5.74 -24.98
C LYS B 293 6.04 5.24 -25.50
N LEU B 294 6.98 4.98 -24.60
CA LEU B 294 8.25 4.35 -24.98
C LEU B 294 7.97 2.92 -25.42
N ASN B 295 8.73 2.44 -26.41
CA ASN B 295 8.46 1.13 -26.96
C ASN B 295 9.63 0.18 -26.80
N THR B 296 10.75 0.60 -26.22
CA THR B 296 11.92 -0.26 -26.09
C THR B 296 12.59 -0.16 -24.73
N PHE B 297 13.00 -1.32 -24.18
CA PHE B 297 13.60 -1.42 -22.87
C PHE B 297 14.91 -2.17 -23.03
N HIS B 298 16.01 -1.42 -23.03
CA HIS B 298 17.36 -1.93 -23.25
C HIS B 298 17.92 -2.41 -21.92
N TRP B 299 18.04 -3.71 -21.77
CA TRP B 299 18.36 -4.32 -20.48
C TRP B 299 19.88 -4.53 -20.38
N HIS B 300 20.57 -3.62 -19.71
CA HIS B 300 21.99 -3.77 -19.48
C HIS B 300 22.26 -4.76 -18.36
N LEU B 301 22.50 -6.01 -18.72
CA LEU B 301 22.55 -7.07 -17.72
C LEU B 301 23.94 -7.39 -17.19
N THR B 302 25.01 -6.93 -17.84
CA THR B 302 26.34 -7.43 -17.53
C THR B 302 27.36 -6.31 -17.42
N ASP B 303 28.26 -6.38 -16.46
CA ASP B 303 29.30 -5.36 -16.35
C ASP B 303 30.37 -5.89 -15.41
N ASP B 304 31.27 -5.00 -15.01
CA ASP B 304 32.36 -5.41 -14.16
C ASP B 304 31.87 -5.87 -12.78
N GLU B 305 30.69 -5.43 -12.34
CA GLU B 305 30.27 -5.63 -10.96
C GLU B 305 29.14 -6.62 -10.83
N GLY B 306 28.77 -7.30 -11.91
CA GLY B 306 27.73 -8.29 -11.82
C GLY B 306 27.36 -8.88 -13.17
N TRP B 307 27.02 -10.16 -13.19
CA TRP B 307 26.34 -10.83 -14.30
C TRP B 307 24.94 -11.20 -13.84
N ARG B 308 23.93 -10.73 -14.57
CA ARG B 308 22.56 -10.86 -14.07
C ARG B 308 21.67 -11.81 -14.87
N VAL B 309 22.19 -12.48 -15.90
CA VAL B 309 21.37 -13.34 -16.74
C VAL B 309 21.89 -14.76 -16.66
N GLU B 310 21.02 -15.71 -16.27
CA GLU B 310 21.37 -17.12 -16.19
C GLU B 310 21.69 -17.67 -17.56
N ILE B 311 22.86 -18.29 -17.70
CA ILE B 311 23.26 -18.98 -18.90
C ILE B 311 23.48 -20.42 -18.50
N LYS B 312 22.50 -21.26 -18.85
CA LYS B 312 22.46 -22.64 -18.36
C LYS B 312 23.73 -23.40 -18.71
N SER B 313 24.31 -23.12 -19.87
CA SER B 313 25.51 -23.86 -20.25
C SER B 313 26.75 -23.33 -19.53
N LEU B 314 26.63 -22.22 -18.82
CA LEU B 314 27.73 -21.62 -18.07
C LEU B 314 27.14 -21.16 -16.75
N PRO B 315 26.74 -22.10 -15.90
CA PRO B 315 26.15 -21.69 -14.61
C PRO B 315 27.04 -20.77 -13.81
N GLN B 316 28.37 -20.84 -14.00
CA GLN B 316 29.30 -20.06 -13.19
C GLN B 316 29.04 -18.56 -13.29
N LEU B 317 28.49 -18.10 -14.41
CA LEU B 317 28.32 -16.66 -14.61
C LEU B 317 27.35 -16.09 -13.60
N THR B 318 26.39 -16.89 -13.14
CA THR B 318 25.44 -16.50 -12.09
C THR B 318 25.86 -17.02 -10.73
N GLU B 319 26.21 -18.30 -10.62
CA GLU B 319 26.74 -18.83 -9.36
C GLU B 319 27.80 -17.91 -8.78
N ILE B 320 28.67 -17.37 -9.64
CA ILE B 320 29.79 -16.52 -9.24
C ILE B 320 29.51 -15.07 -9.59
N GLY B 321 29.34 -14.77 -10.86
CA GLY B 321 29.31 -13.40 -11.28
C GLY B 321 28.08 -12.63 -10.89
N ALA B 322 27.11 -13.27 -10.21
CA ALA B 322 25.99 -12.54 -9.67
C ALA B 322 26.21 -12.14 -8.22
N TRP B 323 27.41 -12.39 -7.66
CA TRP B 323 27.64 -12.12 -6.25
C TRP B 323 28.97 -11.42 -6.03
N ARG B 324 28.99 -10.52 -5.03
CA ARG B 324 30.20 -9.77 -4.72
C ARG B 324 30.23 -9.46 -3.24
N GLY B 325 31.43 -9.32 -2.70
CA GLY B 325 31.62 -9.11 -1.29
C GLY B 325 32.91 -9.76 -0.85
N ILE B 326 33.26 -9.46 0.41
CA ILE B 326 34.56 -9.82 0.98
C ILE B 326 34.80 -11.32 0.96
N ASP B 327 33.75 -12.11 1.05
CA ASP B 327 33.89 -13.55 1.06
C ASP B 327 33.62 -14.16 -0.32
N GLU B 328 33.20 -13.35 -1.29
CA GLU B 328 32.98 -13.80 -2.65
C GLU B 328 34.26 -13.65 -3.48
N THR B 329 34.20 -14.16 -4.72
CA THR B 329 35.34 -14.06 -5.64
C THR B 329 35.46 -12.67 -6.22
N ILE B 330 34.31 -12.04 -6.49
CA ILE B 330 34.26 -10.66 -6.93
C ILE B 330 34.16 -9.77 -5.69
N GLU B 331 34.99 -8.73 -5.64
CA GLU B 331 35.04 -7.87 -4.48
C GLU B 331 33.83 -6.96 -4.45
N PRO B 332 33.50 -6.43 -3.27
CA PRO B 332 32.46 -5.40 -3.18
C PRO B 332 32.78 -4.21 -4.07
N GLN B 333 31.72 -3.56 -4.55
CA GLN B 333 31.82 -2.36 -5.37
C GLN B 333 30.64 -1.46 -5.05
N TYR B 334 30.95 -0.16 -4.95
CA TYR B 334 30.01 0.94 -4.82
C TYR B 334 29.20 1.00 -3.54
N THR B 335 28.48 -0.06 -3.16
CA THR B 335 27.78 -0.09 -1.88
C THR B 335 27.71 -1.52 -1.36
N HIS B 336 27.09 -1.68 -0.19
CA HIS B 336 26.90 -2.99 0.46
C HIS B 336 28.23 -3.68 0.73
N LEU B 337 29.22 -2.87 1.13
CA LEU B 337 30.58 -3.36 1.30
C LEU B 337 30.65 -4.50 2.30
N SER B 338 29.77 -4.46 3.30
CA SER B 338 29.83 -5.38 4.42
C SER B 338 28.97 -6.62 4.23
N GLN B 339 28.32 -6.78 3.09
CA GLN B 339 27.42 -7.91 2.87
C GLN B 339 27.85 -8.70 1.63
N ARG B 340 27.17 -9.82 1.40
CA ARG B 340 27.22 -10.51 0.11
C ARG B 340 26.12 -9.93 -0.77
N TYR B 341 26.50 -9.15 -1.77
CA TYR B 341 25.55 -8.39 -2.58
C TYR B 341 25.38 -9.01 -3.98
N GLY B 342 24.13 -9.11 -4.41
CA GLY B 342 23.86 -9.48 -5.79
C GLY B 342 22.48 -10.08 -5.99
N GLY B 343 22.42 -10.99 -6.96
CA GLY B 343 21.17 -11.37 -7.55
C GLY B 343 21.24 -11.49 -9.06
N PHE B 344 20.31 -12.25 -9.61
CA PHE B 344 20.26 -12.43 -11.04
C PHE B 344 18.85 -12.85 -11.42
N TYR B 345 18.61 -12.86 -12.71
CA TYR B 345 17.35 -13.30 -13.26
C TYR B 345 17.53 -14.67 -13.87
N THR B 346 16.60 -15.58 -13.54
CA THR B 346 16.53 -16.89 -14.20
C THR B 346 15.99 -16.73 -15.60
N GLN B 347 16.24 -17.74 -16.44
CA GLN B 347 15.63 -17.70 -17.77
C GLN B 347 14.10 -17.66 -17.68
N GLU B 348 13.51 -18.45 -16.78
CA GLU B 348 12.07 -18.39 -16.51
C GLU B 348 11.63 -16.97 -16.11
N GLU B 349 12.43 -16.30 -15.27
CA GLU B 349 12.09 -14.92 -14.86
C GLU B 349 12.11 -13.99 -16.07
N ILE B 350 13.18 -14.07 -16.86
CA ILE B 350 13.30 -13.26 -18.08
C ILE B 350 12.13 -13.51 -19.03
N ARG B 351 11.76 -14.78 -19.22
CA ARG B 351 10.63 -15.07 -20.09
C ARG B 351 9.40 -14.32 -19.60
N ASP B 352 9.18 -14.32 -18.27
CA ASP B 352 8.05 -13.63 -17.66
C ASP B 352 8.17 -12.12 -17.80
N VAL B 353 9.39 -11.58 -17.66
CA VAL B 353 9.50 -10.13 -17.80
C VAL B 353 9.23 -9.72 -19.23
N ILE B 354 9.71 -10.53 -20.19
CA ILE B 354 9.36 -10.34 -21.61
C ILE B 354 7.85 -10.41 -21.86
N ALA B 355 7.17 -11.35 -21.23
CA ALA B 355 5.74 -11.47 -21.48
C ALA B 355 5.01 -10.24 -20.92
N PHE B 356 5.41 -9.81 -19.69
CA PHE B 356 4.98 -8.58 -19.06
C PHE B 356 5.16 -7.43 -20.02
N ALA B 357 6.36 -7.25 -20.61
CA ALA B 357 6.62 -6.04 -21.43
C ALA B 357 5.85 -6.07 -22.76
N GLU B 358 5.78 -7.24 -23.40
CA GLU B 358 4.97 -7.39 -24.62
C GLU B 358 3.55 -6.90 -24.39
N GLN B 359 2.94 -7.27 -23.27
CA GLN B 359 1.58 -6.83 -23.00
C GLN B 359 1.47 -5.30 -22.91
N ARG B 360 2.61 -4.59 -22.81
CA ARG B 360 2.69 -3.13 -22.76
C ARG B 360 3.24 -2.47 -24.01
N GLY B 361 3.37 -3.22 -25.11
CA GLY B 361 3.98 -2.68 -26.32
C GLY B 361 5.49 -2.47 -26.26
N ILE B 362 6.19 -3.12 -25.34
CA ILE B 362 7.61 -2.85 -25.10
C ILE B 362 8.43 -4.07 -25.52
N THR B 363 9.35 -3.83 -26.45
CA THR B 363 10.35 -4.80 -26.90
C THR B 363 11.54 -4.68 -25.96
N ILE B 364 12.06 -5.81 -25.50
CA ILE B 364 13.20 -5.86 -24.62
C ILE B 364 14.43 -6.27 -25.43
N ILE B 365 15.48 -5.47 -25.38
CA ILE B 365 16.73 -5.73 -26.06
C ILE B 365 17.78 -6.08 -25.01
N PRO B 366 18.37 -7.27 -25.06
CA PRO B 366 19.40 -7.60 -24.08
C PRO B 366 20.78 -7.11 -24.50
N GLU B 367 21.59 -6.78 -23.50
CA GLU B 367 22.97 -6.38 -23.69
C GLU B 367 23.89 -7.34 -22.97
N ILE B 368 24.76 -8.00 -23.71
CA ILE B 368 25.93 -8.70 -23.19
C ILE B 368 27.13 -7.84 -23.56
N ASP B 369 27.66 -7.09 -22.58
CA ASP B 369 28.69 -6.09 -22.87
C ASP B 369 30.05 -6.75 -23.02
N VAL B 370 30.62 -6.70 -24.22
CA VAL B 370 32.00 -7.16 -24.43
C VAL B 370 32.74 -6.22 -25.37
N PRO B 371 34.11 -6.22 -25.40
CA PRO B 371 35.04 -7.01 -24.57
C PRO B 371 35.52 -6.26 -23.32
N GLY B 372 35.13 -5.04 -23.28
CA GLY B 372 35.23 -4.27 -22.07
C GLY B 372 34.19 -4.65 -21.06
N HIS B 373 34.42 -4.16 -19.85
CA HIS B 373 33.41 -4.20 -18.79
C HIS B 373 33.00 -5.63 -18.49
N CYS B 374 33.99 -6.52 -18.47
CA CYS B 374 33.77 -7.96 -18.42
C CYS B 374 34.35 -8.61 -17.19
N ARG B 375 34.61 -7.81 -16.15
CA ARG B 375 35.30 -8.37 -15.00
C ARG B 375 34.49 -9.49 -14.37
N ALA B 376 33.16 -9.36 -14.36
CA ALA B 376 32.33 -10.37 -13.68
C ALA B 376 32.36 -11.71 -14.41
N ALA B 377 32.29 -11.68 -15.74
CA ALA B 377 32.43 -12.89 -16.53
C ALA B 377 33.82 -13.51 -16.36
N ILE B 378 34.85 -12.66 -16.34
CA ILE B 378 36.21 -13.17 -16.32
C ILE B 378 36.47 -13.89 -15.00
N LYS B 379 36.03 -13.28 -13.89
CA LYS B 379 36.14 -13.94 -12.59
C LYS B 379 35.29 -15.22 -12.51
N SER B 380 34.17 -15.28 -13.25
CA SER B 380 33.33 -16.49 -13.23
C SER B 380 33.89 -17.64 -14.10
N LEU B 381 34.58 -17.32 -15.20
CA LEU B 381 35.10 -18.29 -16.16
C LEU B 381 36.60 -18.10 -16.40
N PRO B 382 37.42 -18.13 -15.33
CA PRO B 382 38.85 -17.89 -15.53
C PRO B 382 39.50 -18.87 -16.46
N HIS B 383 39.16 -20.16 -16.36
CA HIS B 383 39.80 -21.16 -17.21
C HIS B 383 39.65 -20.82 -18.69
N LEU B 384 38.58 -20.14 -19.03
CA LEU B 384 38.22 -19.87 -20.42
C LEU B 384 38.68 -18.52 -20.92
N LEU B 385 38.84 -17.54 -20.01
CA LEU B 385 38.88 -16.14 -20.38
C LEU B 385 40.16 -15.45 -19.98
N ILE B 386 41.05 -16.14 -19.29
CA ILE B 386 42.28 -15.53 -18.79
C ILE B 386 43.45 -16.11 -19.54
N GLU B 387 44.26 -15.26 -20.17
CA GLU B 387 45.55 -15.66 -20.72
C GLU B 387 46.59 -15.46 -19.62
N ALA B 388 47.06 -16.56 -19.04
CA ALA B 388 48.03 -16.49 -17.96
C ALA B 388 49.29 -15.71 -18.34
N GLU B 389 49.76 -15.86 -19.58
CA GLU B 389 51.04 -15.27 -19.94
C GLU B 389 50.91 -13.83 -20.41
N ASP B 390 49.72 -13.21 -20.30
CA ASP B 390 49.51 -11.81 -20.67
C ASP B 390 50.02 -10.94 -19.54
N THR B 391 50.86 -9.95 -19.88
CA THR B 391 51.46 -9.04 -18.90
C THR B 391 51.06 -7.60 -19.11
N THR B 392 50.15 -7.32 -20.06
CA THR B 392 49.77 -5.94 -20.36
C THR B 392 49.31 -5.23 -19.09
N GLU B 393 49.81 -4.02 -18.88
CA GLU B 393 49.30 -3.17 -17.81
C GLU B 393 48.35 -2.15 -18.43
N TYR B 394 47.10 -2.17 -17.99
CA TYR B 394 46.08 -1.22 -18.43
C TYR B 394 45.26 -0.86 -17.20
N ARG B 395 44.59 0.29 -17.24
CA ARG B 395 43.54 0.59 -16.30
C ARG B 395 42.32 1.14 -17.02
N SER B 396 41.12 0.67 -16.64
CA SER B 396 39.87 1.06 -17.30
C SER B 396 39.34 2.34 -16.66
N ILE B 397 38.28 2.88 -17.28
CA ILE B 397 37.63 4.09 -16.77
C ILE B 397 37.24 3.93 -15.31
N GLN B 398 36.88 2.73 -14.91
CA GLN B 398 36.39 2.40 -13.58
C GLN B 398 37.50 1.88 -12.68
N HIS B 399 38.76 1.99 -13.11
CA HIS B 399 39.93 1.65 -12.30
C HIS B 399 40.07 0.15 -12.08
N TYR B 400 39.91 -0.60 -13.15
CA TYR B 400 40.21 -2.02 -13.17
C TYR B 400 41.39 -2.30 -14.07
N ASN B 401 42.04 -3.45 -13.83
CA ASN B 401 43.22 -3.83 -14.61
C ASN B 401 43.14 -5.29 -15.06
N ASP B 402 41.96 -5.93 -14.94
CA ASP B 402 41.86 -7.37 -15.20
C ASP B 402 40.46 -7.73 -15.69
N ASN B 403 39.86 -6.84 -16.48
CA ASN B 403 38.43 -6.87 -16.72
C ASN B 403 38.09 -6.96 -18.19
N VAL B 404 39.09 -7.12 -19.05
CA VAL B 404 38.92 -7.04 -20.49
C VAL B 404 39.14 -8.41 -21.10
N ILE B 405 38.13 -8.85 -21.88
CA ILE B 405 38.19 -10.10 -22.62
C ILE B 405 39.36 -10.06 -23.60
N ASN B 406 39.97 -11.21 -23.81
CA ASN B 406 41.11 -11.34 -24.71
C ASN B 406 40.65 -11.86 -26.06
N PRO B 407 40.71 -11.05 -27.12
CA PRO B 407 40.18 -11.48 -28.44
C PRO B 407 40.96 -12.57 -29.17
N ALA B 408 42.05 -13.10 -28.60
CA ALA B 408 42.82 -14.15 -29.25
C ALA B 408 42.72 -15.47 -28.54
N LEU B 409 42.00 -15.54 -27.45
CA LEU B 409 41.82 -16.80 -26.72
C LEU B 409 40.66 -17.57 -27.33
N PRO B 410 40.85 -18.84 -27.71
CA PRO B 410 39.69 -19.68 -28.07
C PRO B 410 38.61 -19.74 -27.00
N GLY B 411 38.94 -19.54 -25.72
CA GLY B 411 37.91 -19.63 -24.69
C GLY B 411 36.96 -18.45 -24.71
N SER B 412 37.46 -17.33 -25.21
CA SER B 412 36.63 -16.15 -25.39
C SER B 412 35.53 -16.40 -26.41
N TYR B 413 35.84 -17.16 -27.48
CA TYR B 413 34.86 -17.40 -28.53
C TYR B 413 33.88 -18.46 -28.11
N GLU B 414 34.37 -19.51 -27.43
CA GLU B 414 33.47 -20.43 -26.76
C GLU B 414 32.50 -19.64 -25.88
N PHE B 415 33.03 -18.82 -24.97
CA PHE B 415 32.21 -18.02 -24.05
C PHE B 415 31.09 -17.31 -24.80
N ILE B 416 31.43 -16.46 -25.77
CA ILE B 416 30.44 -15.60 -26.37
C ILE B 416 29.48 -16.41 -27.26
N ASP B 417 29.99 -17.44 -27.94
CA ASP B 417 29.08 -18.25 -28.74
C ASP B 417 28.04 -18.88 -27.85
N LYS B 418 28.50 -19.41 -26.70
CA LYS B 418 27.57 -20.10 -25.80
C LYS B 418 26.56 -19.12 -25.22
N VAL B 419 27.01 -17.92 -24.84
CA VAL B 419 26.10 -16.98 -24.19
C VAL B 419 25.08 -16.46 -25.18
N LEU B 420 25.56 -16.14 -26.39
CA LEU B 420 24.72 -15.54 -27.44
C LEU B 420 23.68 -16.52 -27.96
N GLU B 421 24.05 -17.79 -28.07
CA GLU B 421 23.07 -18.80 -28.47
C GLU B 421 21.88 -18.75 -27.52
N GLU B 422 22.16 -18.73 -26.21
CA GLU B 422 21.08 -18.79 -25.22
C GLU B 422 20.32 -17.46 -25.17
N ILE B 423 21.04 -16.34 -25.31
CA ILE B 423 20.40 -15.03 -25.31
C ILE B 423 19.45 -14.94 -26.49
N ALA B 424 19.94 -15.35 -27.65
CA ALA B 424 19.17 -15.25 -28.89
C ALA B 424 17.88 -16.08 -28.80
N ALA B 425 17.94 -17.21 -28.10
CA ALA B 425 16.79 -18.08 -27.89
C ALA B 425 15.83 -17.55 -26.84
N LEU B 426 16.36 -16.88 -25.83
CA LEU B 426 15.55 -16.39 -24.73
C LEU B 426 14.74 -15.18 -25.14
N PHE B 427 15.35 -14.25 -25.87
CA PHE B 427 14.77 -12.94 -26.14
C PHE B 427 14.24 -12.92 -27.56
N PRO B 428 12.92 -12.76 -27.78
CA PRO B 428 12.41 -12.82 -29.16
C PRO B 428 12.81 -11.62 -29.99
N ALA B 429 13.05 -10.46 -29.38
CA ALA B 429 13.42 -9.29 -30.14
C ALA B 429 14.55 -9.67 -31.09
N PRO B 430 14.56 -9.19 -32.32
CA PRO B 430 15.63 -9.60 -33.25
C PRO B 430 16.89 -8.76 -33.15
N TYR B 431 17.16 -8.31 -31.94
CA TYR B 431 18.31 -7.45 -31.66
C TYR B 431 19.04 -7.93 -30.42
N VAL B 432 20.35 -7.86 -30.48
CA VAL B 432 21.19 -8.02 -29.30
C VAL B 432 22.22 -6.89 -29.27
N HIS B 433 22.36 -6.24 -28.12
CA HIS B 433 23.39 -5.24 -27.88
C HIS B 433 24.62 -5.94 -27.34
N ILE B 434 25.75 -5.68 -27.99
CA ILE B 434 27.01 -6.36 -27.70
C ILE B 434 27.91 -5.51 -26.81
N GLY B 435 27.55 -4.24 -26.57
CA GLY B 435 28.36 -3.33 -25.80
C GLY B 435 29.47 -2.66 -26.58
N ALA B 436 30.71 -2.97 -26.21
CA ALA B 436 31.96 -2.51 -26.80
C ALA B 436 32.44 -1.18 -26.26
N ASP B 437 31.86 -0.67 -25.17
CA ASP B 437 32.19 0.63 -24.61
C ASP B 437 33.39 0.52 -23.70
N GLU B 438 34.24 1.56 -23.75
CA GLU B 438 35.30 1.84 -22.75
C GLU B 438 36.28 0.68 -22.62
N VAL B 439 36.72 0.17 -23.78
CA VAL B 439 37.83 -0.76 -23.79
C VAL B 439 39.08 0.08 -23.51
N PRO B 440 39.87 -0.25 -22.49
CA PRO B 440 41.00 0.60 -22.15
C PRO B 440 42.00 0.66 -23.29
N ASN B 441 42.63 1.83 -23.42
CA ASN B 441 43.75 2.01 -24.34
C ASN B 441 44.94 1.24 -23.83
N GLY B 442 45.52 0.43 -24.69
CA GLY B 442 46.68 -0.35 -24.35
C GLY B 442 46.42 -1.82 -24.11
N VAL B 443 45.16 -2.23 -23.89
CA VAL B 443 44.93 -3.65 -23.63
C VAL B 443 45.56 -4.50 -24.74
N TRP B 444 46.03 -5.69 -24.37
CA TRP B 444 46.54 -6.74 -25.23
C TRP B 444 47.93 -6.43 -25.82
N SER B 445 48.44 -5.20 -25.71
CA SER B 445 49.81 -4.89 -26.11
C SER B 445 50.84 -5.98 -25.77
N LYS B 446 50.89 -6.38 -24.49
CA LYS B 446 51.81 -7.43 -24.06
C LYS B 446 51.15 -8.80 -24.01
N SER B 447 50.13 -9.03 -24.82
CA SER B 447 49.54 -10.34 -24.85
C SER B 447 50.25 -11.15 -25.92
N PRO B 448 50.91 -12.24 -25.56
CA PRO B 448 51.44 -13.14 -26.60
C PRO B 448 50.40 -13.53 -27.65
N ALA B 449 49.21 -14.01 -27.25
CA ALA B 449 48.29 -14.56 -28.22
C ALA B 449 47.76 -13.50 -29.19
N CYS B 450 47.69 -12.24 -28.72
CA CYS B 450 47.22 -11.14 -29.57
C CYS B 450 48.34 -10.65 -30.46
N GLN B 451 49.52 -10.46 -29.87
CA GLN B 451 50.71 -10.19 -30.67
C GLN B 451 50.80 -11.21 -31.81
N ALA B 452 50.55 -12.47 -31.50
CA ALA B 452 50.59 -13.47 -32.56
C ALA B 452 49.52 -13.21 -33.58
N LEU B 453 48.29 -12.95 -33.11
CA LEU B 453 47.18 -12.76 -34.04
C LEU B 453 47.37 -11.48 -34.86
N MET B 454 47.81 -10.40 -34.21
CA MET B 454 48.17 -9.19 -34.94
C MET B 454 49.02 -9.51 -36.17
N GLU B 455 49.93 -10.50 -36.04
CA GLU B 455 50.84 -10.86 -37.14
C GLU B 455 50.10 -11.66 -38.21
N GLN B 456 49.39 -12.69 -37.78
CA GLN B 456 48.62 -13.50 -38.72
C GLN B 456 47.80 -12.67 -39.68
N LEU B 457 47.29 -11.53 -39.22
CA LEU B 457 46.26 -10.82 -39.97
C LEU B 457 46.69 -9.45 -40.46
N GLY B 458 47.92 -9.04 -40.17
CA GLY B 458 48.36 -7.78 -40.71
C GLY B 458 47.83 -6.57 -39.99
N TYR B 459 47.08 -6.79 -38.92
CA TYR B 459 46.57 -5.67 -38.15
C TYR B 459 47.74 -4.84 -37.66
N THR B 460 47.62 -3.51 -37.81
CA THR B 460 48.59 -2.56 -37.30
C THR B 460 48.15 -1.91 -36.00
N ASP B 461 46.94 -2.24 -35.51
CA ASP B 461 46.27 -1.49 -34.46
C ASP B 461 45.54 -2.47 -33.55
N TYR B 462 45.53 -2.18 -32.26
CA TYR B 462 44.89 -3.06 -31.29
C TYR B 462 43.37 -2.84 -31.26
N LYS B 463 42.89 -1.63 -31.57
CA LYS B 463 41.49 -1.49 -31.94
C LYS B 463 41.06 -2.48 -33.02
N GLU B 464 41.98 -2.97 -33.86
CA GLU B 464 41.56 -3.88 -34.93
C GLU B 464 41.21 -5.26 -34.38
N LEU B 465 41.85 -5.63 -33.28
CA LEU B 465 41.48 -6.89 -32.65
C LEU B 465 40.11 -6.77 -31.97
N GLN B 466 39.75 -5.56 -31.51
CA GLN B 466 38.42 -5.39 -30.91
C GLN B 466 37.33 -5.58 -31.96
N GLY B 467 37.54 -5.01 -33.16
CA GLY B 467 36.62 -5.25 -34.28
C GLY B 467 36.59 -6.70 -34.75
N HIS B 468 37.74 -7.36 -34.77
CA HIS B 468 37.75 -8.76 -35.18
C HIS B 468 36.77 -9.57 -34.34
N PHE B 469 36.84 -9.36 -33.02
CA PHE B 469 36.00 -10.07 -32.04
C PHE B 469 34.52 -9.71 -32.23
N LEU B 470 34.22 -8.42 -32.46
CA LEU B 470 32.83 -8.02 -32.60
C LEU B 470 32.25 -8.39 -33.95
N ARG B 471 33.09 -8.36 -35.00
CA ARG B 471 32.73 -9.02 -36.26
C ARG B 471 32.28 -10.46 -36.01
N HIS B 472 33.02 -11.18 -35.17
CA HIS B 472 32.64 -12.56 -34.90
C HIS B 472 31.31 -12.62 -34.14
N ALA B 473 31.10 -11.71 -33.18
CA ALA B 473 29.80 -11.66 -32.49
C ALA B 473 28.70 -11.32 -33.49
N GLU B 474 28.96 -10.38 -34.41
CA GLU B 474 27.93 -9.99 -35.36
C GLU B 474 27.57 -11.16 -36.26
N ASP B 475 28.59 -11.85 -36.78
CA ASP B 475 28.38 -12.99 -37.68
C ASP B 475 27.57 -14.09 -36.98
N LYS B 476 27.89 -14.37 -35.73
CA LYS B 476 27.18 -15.41 -34.98
C LYS B 476 25.76 -15.00 -34.72
N LEU B 477 25.57 -13.73 -34.34
CA LEU B 477 24.22 -13.23 -34.15
C LEU B 477 23.40 -13.32 -35.44
N ARG B 478 23.99 -12.97 -36.57
CA ARG B 478 23.27 -13.08 -37.84
C ARG B 478 22.84 -14.52 -38.10
N LYS B 479 23.71 -15.47 -37.78
CA LYS B 479 23.37 -16.87 -37.94
C LYS B 479 22.24 -17.26 -36.99
N LEU B 480 22.14 -16.58 -35.87
CA LEU B 480 21.09 -16.78 -34.89
C LEU B 480 19.84 -15.97 -35.21
N GLY B 481 19.88 -15.15 -36.26
CA GLY B 481 18.73 -14.37 -36.64
C GLY B 481 18.60 -13.04 -35.93
N LYS B 482 19.66 -12.56 -35.32
CA LYS B 482 19.64 -11.28 -34.63
C LYS B 482 20.49 -10.26 -35.38
N ARG B 483 20.05 -9.01 -35.36
CA ARG B 483 20.88 -7.90 -35.80
C ARG B 483 21.63 -7.40 -34.58
N MET B 484 22.83 -6.91 -34.78
CA MET B 484 23.71 -6.55 -33.67
C MET B 484 23.68 -5.04 -33.48
N LEU B 485 23.62 -4.64 -32.22
CA LEU B 485 23.69 -3.25 -31.81
C LEU B 485 24.90 -3.09 -30.91
N GLY B 486 25.40 -1.87 -30.81
CA GLY B 486 26.57 -1.66 -30.00
C GLY B 486 26.75 -0.22 -29.61
N TRP B 487 27.56 -0.03 -28.58
CA TRP B 487 28.04 1.31 -28.26
C TRP B 487 28.96 1.77 -29.37
N GLU B 488 29.16 3.10 -29.43
CA GLU B 488 29.80 3.71 -30.60
C GLU B 488 31.17 3.10 -30.88
N GLU B 489 31.92 2.75 -29.84
CA GLU B 489 33.24 2.17 -30.03
C GLU B 489 33.21 0.85 -30.76
N ALA B 490 32.02 0.24 -30.91
CA ALA B 490 31.91 -1.00 -31.67
C ALA B 490 32.43 -0.81 -33.09
N GLN B 491 32.30 0.41 -33.61
CA GLN B 491 32.80 0.73 -34.92
C GLN B 491 34.33 0.88 -34.98
N HIS B 492 35.05 0.81 -33.85
CA HIS B 492 36.50 0.90 -33.92
C HIS B 492 37.07 -0.28 -34.69
N GLY B 493 38.17 -0.02 -35.40
CA GLY B 493 38.83 -1.04 -36.20
C GLY B 493 38.19 -1.30 -37.54
N ASN B 494 36.98 -0.81 -37.75
CA ASN B 494 36.32 -0.89 -39.03
C ASN B 494 36.24 -2.32 -39.53
N LYS B 495 35.67 -3.17 -38.68
CA LYS B 495 35.38 -4.55 -39.01
C LYS B 495 33.92 -4.90 -38.96
N VAL B 496 33.09 -4.25 -38.12
CA VAL B 496 31.69 -4.64 -38.09
C VAL B 496 31.00 -4.15 -39.34
N SER B 497 30.05 -4.93 -39.85
CA SER B 497 29.28 -4.53 -41.03
C SER B 497 28.49 -3.26 -40.75
N LYS B 498 27.93 -2.69 -41.82
CA LYS B 498 27.06 -1.55 -41.72
C LYS B 498 25.66 -1.92 -41.29
N ASP B 499 25.42 -3.18 -40.87
CA ASP B 499 24.18 -3.58 -40.23
C ASP B 499 24.22 -3.40 -38.74
N THR B 500 25.42 -3.17 -38.18
CA THR B 500 25.56 -2.86 -36.76
C THR B 500 24.94 -1.49 -36.49
N VAL B 501 24.07 -1.39 -35.49
CA VAL B 501 23.41 -0.16 -35.09
C VAL B 501 24.25 0.51 -34.01
N ILE B 502 24.58 1.78 -34.21
CA ILE B 502 25.54 2.47 -33.37
C ILE B 502 24.79 3.33 -32.36
N TYR B 503 25.07 3.10 -31.08
CA TYR B 503 24.53 3.93 -30.02
C TYR B 503 25.50 5.07 -29.72
N SER B 504 25.07 6.29 -30.02
CA SER B 504 25.86 7.46 -29.75
C SER B 504 25.63 7.92 -28.31
N TRP B 505 26.63 7.74 -27.43
CA TRP B 505 26.54 8.10 -26.00
C TRP B 505 27.53 9.17 -25.53
N LEU B 506 28.79 9.17 -25.96
CA LEU B 506 29.69 10.23 -25.52
C LEU B 506 29.21 11.60 -25.98
N SER B 507 28.44 11.65 -27.06
CA SER B 507 27.96 12.89 -27.65
C SER B 507 27.12 12.49 -28.85
N GLU B 508 26.72 13.44 -29.69
CA GLU B 508 26.02 13.12 -30.93
C GLU B 508 26.96 12.91 -32.11
N GLU B 509 28.27 13.04 -31.88
CA GLU B 509 29.21 13.02 -33.00
C GLU B 509 29.22 11.66 -33.70
N ALA B 510 29.26 10.58 -32.92
CA ALA B 510 29.21 9.25 -33.52
C ALA B 510 27.91 9.07 -34.34
N ALA B 511 26.77 9.43 -33.76
CA ALA B 511 25.54 9.31 -34.53
C ALA B 511 25.73 9.94 -35.90
N LEU B 512 26.24 11.17 -35.93
CA LEU B 512 26.44 11.86 -37.20
C LEU B 512 27.47 11.14 -38.07
N ASN B 513 28.62 10.82 -37.51
CA ASN B 513 29.64 10.20 -38.33
C ASN B 513 29.12 8.91 -38.94
N CYS B 514 28.42 8.09 -38.15
CA CYS B 514 28.12 6.76 -38.65
C CYS B 514 26.93 6.74 -39.61
N ALA B 515 25.94 7.61 -39.37
CA ALA B 515 24.86 7.77 -40.34
C ALA B 515 25.40 8.18 -41.71
N ARG B 516 26.35 9.12 -41.73
CA ARG B 516 26.97 9.50 -42.99
C ARG B 516 27.52 8.28 -43.71
N GLN B 517 28.05 7.33 -42.97
CA GLN B 517 28.65 6.13 -43.54
C GLN B 517 27.65 5.02 -43.77
N GLY B 518 26.38 5.22 -43.42
CA GLY B 518 25.35 4.26 -43.72
C GLY B 518 24.96 3.31 -42.61
N PHE B 519 25.44 3.54 -41.39
CA PHE B 519 24.89 2.86 -40.22
C PHE B 519 23.59 3.54 -39.80
N ASP B 520 22.64 2.74 -39.31
CA ASP B 520 21.61 3.28 -38.47
C ASP B 520 22.19 3.58 -37.09
N VAL B 521 21.57 4.53 -36.40
CA VAL B 521 22.03 4.97 -35.10
C VAL B 521 20.88 5.16 -34.12
N VAL B 522 21.21 5.04 -32.83
CA VAL B 522 20.38 5.51 -31.74
C VAL B 522 21.09 6.67 -31.05
N LEU B 523 20.37 7.77 -30.87
CA LEU B 523 20.83 8.90 -30.11
C LEU B 523 20.62 8.71 -28.61
N GLN B 524 21.71 8.59 -27.88
CA GLN B 524 21.72 8.60 -26.43
C GLN B 524 22.81 9.53 -25.89
N PRO B 525 22.86 10.79 -26.29
CA PRO B 525 23.95 11.65 -25.85
C PRO B 525 23.93 11.81 -24.33
N ALA B 526 25.12 11.60 -23.74
CA ALA B 526 25.26 11.75 -22.29
C ALA B 526 24.85 13.13 -21.82
N GLN B 527 25.04 14.14 -22.68
CA GLN B 527 24.84 15.51 -22.21
C GLN B 527 23.38 15.78 -21.91
N THR B 528 22.45 15.03 -22.54
CA THR B 528 21.05 15.38 -22.40
C THR B 528 20.13 14.22 -22.11
N THR B 529 20.61 13.01 -21.97
CA THR B 529 19.69 11.88 -21.90
C THR B 529 20.04 10.93 -20.78
N TYR B 530 21.05 11.26 -19.98
CA TYR B 530 21.52 10.39 -18.91
C TYR B 530 20.85 10.78 -17.61
N LEU B 531 19.98 9.90 -17.14
CA LEU B 531 19.22 10.15 -15.93
C LEU B 531 20.04 9.91 -14.67
N ASP B 532 21.28 9.42 -14.78
CA ASP B 532 22.16 9.33 -13.63
C ASP B 532 22.87 10.66 -13.37
N MET B 533 22.82 11.60 -14.32
CA MET B 533 23.38 12.94 -14.13
C MET B 533 22.52 13.68 -13.13
N THR B 534 23.13 14.56 -12.31
CA THR B 534 22.41 15.37 -11.32
C THR B 534 21.39 16.29 -11.98
N GLN B 535 20.33 16.60 -11.25
CA GLN B 535 19.22 17.38 -11.79
C GLN B 535 19.33 18.87 -11.45
N ASP B 536 20.35 19.28 -10.69
CA ASP B 536 20.52 20.69 -10.32
C ASP B 536 21.98 20.88 -9.95
N TYR B 537 22.35 22.14 -9.81
CA TYR B 537 23.71 22.48 -9.42
C TYR B 537 23.93 22.52 -7.91
N ALA B 538 22.90 22.35 -7.11
CA ALA B 538 23.07 22.31 -5.68
C ALA B 538 23.87 21.07 -5.31
N PRO B 539 24.83 21.18 -4.38
CA PRO B 539 25.70 20.03 -4.09
C PRO B 539 24.98 18.92 -3.38
N GLU B 540 23.76 19.16 -2.88
CA GLU B 540 22.93 18.14 -2.25
C GLU B 540 22.23 17.24 -3.26
N GLU B 541 22.16 17.63 -4.54
CA GLU B 541 21.58 16.75 -5.59
C GLU B 541 22.40 15.47 -5.75
N PRO B 542 21.80 14.29 -5.55
CA PRO B 542 22.55 13.06 -5.78
C PRO B 542 22.79 12.89 -7.27
N GLY B 543 23.85 12.19 -7.59
CA GLY B 543 24.13 11.88 -8.96
C GLY B 543 25.58 11.99 -9.25
N VAL B 544 25.88 11.85 -10.52
CA VAL B 544 27.21 12.05 -11.06
C VAL B 544 27.08 13.19 -12.04
N ASP B 545 28.23 13.68 -12.51
CA ASP B 545 28.20 14.84 -13.37
C ASP B 545 29.30 14.83 -14.42
N TRP B 546 29.83 13.65 -14.81
CA TRP B 546 30.96 13.60 -15.76
C TRP B 546 30.60 14.27 -17.08
N ALA B 547 29.35 14.17 -17.50
CA ALA B 547 28.95 14.92 -18.68
C ALA B 547 28.71 16.37 -18.27
N ASN B 548 27.52 16.61 -17.74
CA ASN B 548 27.12 17.88 -17.17
C ASN B 548 25.95 17.61 -16.23
N PRO B 549 25.73 18.46 -15.23
CA PRO B 549 24.44 18.41 -14.54
C PRO B 549 23.37 18.59 -15.59
N LEU B 550 22.26 17.83 -15.47
CA LEU B 550 21.17 17.84 -16.45
C LEU B 550 19.84 18.25 -15.81
N PRO B 551 19.65 19.54 -15.57
CA PRO B 551 18.33 20.02 -15.15
C PRO B 551 17.23 19.59 -16.11
N LEU B 552 16.00 19.56 -15.58
CA LEU B 552 14.83 19.16 -16.37
C LEU B 552 14.73 19.92 -17.68
N GLU B 553 15.05 21.21 -17.66
CA GLU B 553 14.82 22.07 -18.83
C GLU B 553 15.82 21.76 -19.93
N LYS B 554 17.05 21.48 -19.53
CA LYS B 554 18.09 21.02 -20.44
C LYS B 554 17.66 19.71 -21.08
N ALA B 555 17.10 18.80 -20.28
CA ALA B 555 16.57 17.55 -20.82
C ALA B 555 15.46 17.83 -21.82
N TYR B 556 14.49 18.68 -21.44
CA TYR B 556 13.32 18.92 -22.28
C TYR B 556 13.69 19.58 -23.59
N ASN B 557 14.70 20.44 -23.58
CA ASN B 557 15.00 21.24 -24.75
C ASN B 557 15.93 20.51 -25.70
N TYR B 558 16.31 19.27 -25.38
CA TYR B 558 17.04 18.44 -26.31
C TYR B 558 16.27 18.30 -27.62
N GLU B 559 16.86 18.75 -28.70
CA GLU B 559 16.41 18.54 -30.07
C GLU B 559 17.53 17.80 -30.79
N PRO B 560 17.31 16.57 -31.26
CA PRO B 560 18.46 15.74 -31.66
C PRO B 560 18.98 16.10 -33.03
N LEU B 561 20.31 16.08 -33.14
CA LEU B 561 21.05 16.58 -34.30
C LEU B 561 20.47 17.93 -34.72
N ALA B 562 20.45 18.89 -33.79
CA ALA B 562 19.62 20.07 -34.01
C ALA B 562 19.98 20.82 -35.30
N GLU B 563 21.25 20.82 -35.68
CA GLU B 563 21.58 21.67 -36.82
C GLU B 563 21.62 20.94 -38.16
N VAL B 564 21.37 19.63 -38.16
CA VAL B 564 21.14 18.87 -39.38
C VAL B 564 19.76 19.21 -39.90
N PRO B 565 19.63 19.74 -41.10
CA PRO B 565 18.30 20.10 -41.61
C PRO B 565 17.37 18.91 -41.55
N ALA B 566 16.09 19.19 -41.25
CA ALA B 566 15.06 18.16 -41.33
C ALA B 566 15.14 17.42 -42.64
N ASP B 567 15.63 18.09 -43.68
CA ASP B 567 15.73 17.61 -45.06
C ASP B 567 16.77 16.52 -45.24
N ASP B 568 17.62 16.31 -44.26
CA ASP B 568 18.91 15.71 -44.53
C ASP B 568 18.80 14.19 -44.62
N PRO B 569 19.31 13.58 -45.68
CA PRO B 569 19.36 12.10 -45.72
C PRO B 569 19.89 11.48 -44.46
N ILE B 570 20.90 12.08 -43.84
CA ILE B 570 21.40 11.56 -42.58
C ILE B 570 20.25 11.16 -41.66
N ARG B 571 19.21 11.98 -41.60
CA ARG B 571 18.13 11.74 -40.65
C ARG B 571 17.36 10.46 -40.93
N LYS B 572 17.57 9.86 -42.11
CA LYS B 572 16.96 8.56 -42.39
C LYS B 572 17.58 7.44 -41.58
N ARG B 573 18.78 7.66 -41.05
CA ARG B 573 19.49 6.59 -40.36
C ARG B 573 19.17 6.55 -38.87
N ILE B 574 18.47 7.56 -38.37
CA ILE B 574 18.16 7.69 -36.95
C ILE B 574 17.00 6.78 -36.59
N TRP B 575 17.31 5.67 -35.92
CA TRP B 575 16.26 4.77 -35.43
C TRP B 575 15.35 5.51 -34.45
N GLY B 576 15.94 6.15 -33.46
CA GLY B 576 15.21 7.02 -32.56
C GLY B 576 16.12 7.50 -31.43
N ILE B 577 15.52 7.76 -30.25
CA ILE B 577 16.24 8.24 -29.09
C ILE B 577 16.13 7.22 -27.95
N GLN B 578 17.05 7.33 -26.97
CA GLN B 578 17.04 6.49 -25.78
C GLN B 578 17.56 7.27 -24.60
N THR B 579 16.99 7.02 -23.43
CA THR B 579 17.47 7.58 -22.18
C THR B 579 17.96 6.44 -21.30
N ALA B 580 19.05 6.69 -20.56
CA ALA B 580 19.67 5.68 -19.72
C ALA B 580 19.79 6.08 -18.24
N LEU B 581 19.59 5.07 -17.41
CA LEU B 581 19.98 5.08 -16.01
C LEU B 581 21.08 4.04 -15.83
N TRP B 582 22.29 4.54 -15.59
CA TRP B 582 23.39 3.82 -14.98
C TRP B 582 23.30 4.01 -13.48
N CYS B 583 23.65 2.96 -12.75
CA CYS B 583 23.25 2.73 -11.38
C CYS B 583 24.41 2.47 -10.43
N GLU B 584 25.58 2.99 -10.78
CA GLU B 584 26.71 2.95 -9.85
C GLU B 584 26.30 3.37 -8.44
N ILE B 585 25.50 4.45 -8.32
CA ILE B 585 25.18 4.90 -6.97
C ILE B 585 23.69 4.86 -6.69
N ILE B 586 22.98 3.94 -7.34
CA ILE B 586 21.52 3.79 -7.27
C ILE B 586 21.21 2.35 -6.90
N ASN B 587 20.73 2.13 -5.64
CA ASN B 587 20.57 0.75 -5.18
C ASN B 587 19.22 0.51 -4.50
N ASN B 588 18.23 1.36 -4.74
CA ASN B 588 16.94 1.26 -4.06
C ASN B 588 15.93 1.94 -4.95
N PRO B 589 14.65 1.52 -4.88
CA PRO B 589 13.64 2.10 -5.77
C PRO B 589 13.41 3.57 -5.54
N SER B 590 13.55 4.02 -4.31
CA SER B 590 13.23 5.40 -4.02
C SER B 590 14.22 6.35 -4.69
N ARG B 591 15.51 5.99 -4.65
CA ARG B 591 16.50 6.77 -5.39
C ARG B 591 16.29 6.64 -6.89
N MET B 592 15.90 5.44 -7.37
CA MET B 592 15.73 5.22 -8.81
C MET B 592 14.62 6.10 -9.37
N ASP B 593 13.45 6.09 -8.73
CA ASP B 593 12.36 6.98 -9.13
C ASP B 593 12.84 8.42 -9.21
N TYR B 594 13.50 8.87 -8.14
CA TYR B 594 13.92 10.25 -8.02
C TYR B 594 14.83 10.68 -9.16
N MET B 595 15.72 9.78 -9.58
CA MET B 595 16.59 10.11 -10.70
C MET B 595 15.86 10.01 -12.02
N ILE B 596 15.05 8.96 -12.21
CA ILE B 596 14.34 8.79 -13.48
C ILE B 596 13.31 9.92 -13.68
N PHE B 597 12.45 10.18 -12.64
CA PHE B 597 11.30 11.04 -12.83
C PHE B 597 11.53 12.42 -12.20
N PRO B 598 11.17 13.53 -12.88
CA PRO B 598 10.44 13.58 -14.16
C PRO B 598 11.15 13.66 -15.47
N ARG B 599 12.47 13.52 -15.48
CA ARG B 599 13.18 13.77 -16.73
C ARG B 599 12.81 12.75 -17.82
N LEU B 600 12.40 11.55 -17.41
CA LEU B 600 11.90 10.58 -18.39
C LEU B 600 10.66 11.10 -19.14
N THR B 601 9.80 11.89 -18.49
CA THR B 601 8.62 12.36 -19.23
C THR B 601 9.03 13.39 -20.27
N ALA B 602 10.08 14.17 -19.97
CA ALA B 602 10.60 15.07 -21.00
C ALA B 602 11.33 14.29 -22.09
N MET B 603 11.95 13.17 -21.73
CA MET B 603 12.65 12.36 -22.72
C MET B 603 11.65 11.68 -23.67
N ALA B 604 10.52 11.21 -23.13
CA ALA B 604 9.48 10.58 -23.95
C ALA B 604 8.80 11.57 -24.87
N GLU B 605 8.70 12.83 -24.44
CA GLU B 605 8.07 13.83 -25.28
C GLU B 605 8.93 14.13 -26.51
N ALA B 606 10.25 14.17 -26.33
CA ALA B 606 11.18 14.39 -27.44
C ALA B 606 11.18 13.23 -28.42
N CYS B 607 11.03 12.00 -27.91
CA CYS B 607 10.92 10.84 -28.76
C CYS B 607 9.64 10.86 -29.60
N TRP B 608 8.57 11.48 -29.08
CA TRP B 608 7.23 11.30 -29.59
C TRP B 608 6.70 12.53 -30.30
N THR B 609 6.85 13.72 -29.71
CA THR B 609 6.12 14.89 -30.16
C THR B 609 6.97 15.65 -31.17
N GLU B 610 6.34 16.06 -32.27
CA GLU B 610 7.05 16.85 -33.26
C GLU B 610 7.63 18.13 -32.63
N LYS B 611 8.81 18.50 -33.12
CA LYS B 611 9.55 19.63 -32.58
C LYS B 611 8.71 20.89 -32.58
N GLN B 612 7.88 21.07 -33.59
CA GLN B 612 7.06 22.28 -33.63
C GLN B 612 5.95 22.29 -32.58
N HIS B 613 5.62 21.17 -31.97
CA HIS B 613 4.64 21.20 -30.89
C HIS B 613 5.31 21.21 -29.53
N ARG B 614 6.60 21.41 -29.47
CA ARG B 614 7.31 21.26 -28.21
C ARG B 614 7.61 22.64 -27.64
N ASP B 615 7.21 22.87 -26.39
CA ASP B 615 7.31 24.19 -25.76
C ASP B 615 7.51 23.98 -24.28
N TRP B 616 8.53 24.62 -23.74
CA TRP B 616 8.90 24.38 -22.35
C TRP B 616 7.78 24.76 -21.41
N THR B 617 7.17 25.92 -21.66
CA THR B 617 6.10 26.45 -20.82
C THR B 617 4.87 25.57 -20.88
N ASP B 618 4.49 25.14 -22.09
CA ASP B 618 3.36 24.24 -22.25
C ASP B 618 3.62 22.91 -21.57
N TYR B 619 4.86 22.39 -21.69
CA TYR B 619 5.18 21.12 -21.05
C TYR B 619 5.08 21.22 -19.54
N LEU B 620 5.56 22.31 -18.96
CA LEU B 620 5.52 22.41 -17.51
C LEU B 620 4.07 22.40 -17.01
N SER B 621 3.18 23.11 -17.72
CA SER B 621 1.77 23.13 -17.30
C SER B 621 1.13 21.73 -17.41
N ARG B 622 1.59 20.90 -18.35
CA ARG B 622 1.10 19.53 -18.46
C ARG B 622 1.76 18.62 -17.42
N LEU B 623 3.09 18.73 -17.26
CA LEU B 623 3.78 18.03 -16.18
C LEU B 623 3.15 18.35 -14.82
N LYS B 624 2.86 19.63 -14.57
CA LYS B 624 2.26 20.03 -13.28
C LYS B 624 0.95 19.30 -13.04
N GLY B 625 0.11 19.21 -14.07
CA GLY B 625 -1.14 18.48 -13.95
C GLY B 625 -1.02 16.97 -13.95
N HIS B 626 0.15 16.44 -14.35
CA HIS B 626 0.35 15.00 -14.42
C HIS B 626 0.93 14.43 -13.15
N LEU B 627 1.55 15.27 -12.33
CA LEU B 627 2.19 14.78 -11.12
C LEU B 627 1.24 14.09 -10.15
N PRO B 628 -0.01 14.57 -9.92
CA PRO B 628 -0.87 13.83 -8.99
C PRO B 628 -1.03 12.39 -9.40
N LEU B 629 -0.91 12.09 -10.70
CA LEU B 629 -0.97 10.72 -11.18
C LEU B 629 0.20 9.91 -10.66
N LEU B 630 1.39 10.51 -10.65
CA LEU B 630 2.52 9.80 -10.08
C LEU B 630 2.46 9.76 -8.56
N ASP B 631 2.00 10.85 -7.91
CA ASP B 631 1.75 10.78 -6.48
C ASP B 631 0.81 9.60 -6.16
N LEU B 632 -0.27 9.45 -6.94
CA LEU B 632 -1.22 8.37 -6.70
C LEU B 632 -0.56 6.99 -6.74
N GLN B 633 0.40 6.82 -7.66
CA GLN B 633 1.14 5.56 -7.80
C GLN B 633 2.29 5.44 -6.80
N GLY B 634 2.54 6.48 -6.00
CA GLY B 634 3.67 6.41 -5.07
C GLY B 634 5.02 6.46 -5.77
N VAL B 635 5.13 7.20 -6.87
CA VAL B 635 6.39 7.34 -7.59
C VAL B 635 7.15 8.52 -7.00
N ASN B 636 8.35 8.27 -6.51
CA ASN B 636 9.07 9.30 -5.76
C ASN B 636 9.91 10.16 -6.71
N TYR B 637 9.22 10.89 -7.55
CA TYR B 637 9.88 11.80 -8.47
C TYR B 637 10.49 12.99 -7.74
N ARG B 638 11.51 13.60 -8.36
CA ARG B 638 12.00 14.87 -7.87
C ARG B 638 10.97 15.96 -8.17
N LYS B 639 10.62 16.75 -7.17
CA LYS B 639 9.51 17.69 -7.26
C LYS B 639 9.97 18.97 -7.91
N PRO B 640 9.45 19.33 -9.07
CA PRO B 640 9.97 20.51 -9.76
C PRO B 640 9.81 21.80 -8.98
N TRP B 641 8.81 21.89 -8.11
CA TRP B 641 8.37 23.15 -7.51
C TRP B 641 8.63 23.26 -6.01
N LYS B 642 9.30 22.29 -5.41
CA LYS B 642 9.83 22.44 -4.07
C LYS B 642 10.99 23.43 -4.08
C1 NGT C . -28.81 -6.00 20.11
C2 NGT C . -28.22 -7.50 20.62
C3 NGT C . -26.95 -7.94 19.98
C4 NGT C . -27.09 -7.97 18.43
C5 NGT C . -27.80 -6.52 17.82
C6 NGT C . -27.93 -6.49 16.35
C7 NGT C . -27.67 -5.66 22.07
C8 NGT C . -27.45 -4.99 23.41
N2 NGT C . -27.69 -7.21 21.90
S1 NGT C . -28.01 -4.90 20.82
O3 NGT C . -26.37 -9.26 20.40
O4 NGT C . -25.95 -8.13 17.82
O5 NGT C . -28.97 -6.35 18.54
O6 NGT C . -28.45 -5.22 16.03
HC1 NGT C . -29.71 -5.94 20.45
HC2 NGT C . -28.90 -8.19 20.65
HC3 NGT C . -26.28 -7.26 20.19
HC4 NGT C . -27.67 -8.72 18.20
HC5 NGT C . -27.22 -5.79 18.08
HC61 NGT C . -28.53 -7.18 16.05
HC62 NGT C . -27.05 -6.60 15.94
HC81 NGT C . -26.62 -5.33 23.81
HC82 NGT C . -28.19 -5.17 23.99
HC83 NGT C . -27.37 -4.03 23.27
HO3 NGT C . -25.64 -9.13 20.82
HO4 NGT C . -25.99 -8.81 17.32
HO6 NGT C . -28.18 -4.99 15.25
C1 NGT D . 29.16 5.21 -19.78
C2 NGT D . 29.79 3.75 -19.22
C3 NGT D . 28.97 3.10 -18.21
C4 NGT D . 28.72 4.02 -17.02
C5 NGT D . 28.15 5.58 -17.50
C6 NGT D . 28.03 6.47 -16.33
C7 NGT D . 28.59 3.64 -21.30
C8 NGT D . 28.03 2.89 -22.49
N2 NGT D . 29.64 2.97 -20.38
S1 NGT D . 28.02 4.94 -20.75
O3 NGT D . 29.68 1.98 -17.55
O4 NGT D . 27.83 3.50 -16.20
O5 NGT D . 28.99 6.07 -18.47
O6 NGT D . 27.14 7.47 -16.77
HC1 NGT D . 29.87 5.63 -20.30
HC2 NGT D . 30.73 3.82 -18.94
HC3 NGT D . 28.13 2.79 -18.60
HC4 NGT D . 29.55 4.14 -16.54
HC5 NGT D . 27.27 5.48 -17.89
HC61 NGT D . 28.90 6.86 -16.11
HC62 NGT D . 27.68 5.99 -15.57
HC81 NGT D . 28.70 2.82 -23.18
HC82 NGT D . 27.26 3.35 -22.83
HC83 NGT D . 27.76 1.99 -22.22
HO3 NGT D . 29.65 1.30 -18.04
HO4 NGT D . 28.22 3.26 -15.48
HO6 NGT D . 26.93 7.98 -16.12
#